data_5XNP
#
_entry.id   5XNP
#
_cell.length_a   249.384
_cell.length_b   249.384
_cell.length_c   249.384
_cell.angle_alpha   90.00
_cell.angle_beta   90.00
_cell.angle_gamma   90.00
#
_symmetry.space_group_name_H-M   'I 2 3'
#
loop_
_entity.id
_entity.type
_entity.pdbx_description
1 polymer 'Leucine-rich repeat and fibronectin type-III domain-containing protein 5'
2 polymer 'Receptor-type tyrosine-protein phosphatase delta'
3 non-polymer 2-acetamido-2-deoxy-beta-D-glucopyranose
4 non-polymer 'SODIUM ION'
5 non-polymer 'CALCIUM ION'
6 non-polymer 'CHLORIDE ION'
7 non-polymer 'SULFATE ION'
8 water water
#
loop_
_entity_poly.entity_id
_entity_poly.type
_entity_poly.pdbx_seq_one_letter_code
_entity_poly.pdbx_strand_id
1 'polypeptide(L)'
;PGDPQICPKRCVCQILSPNLATLCAKKGLLFVPPNIDRRTVELRLADNFVTNIKRKDFANMTSLVDLTLSRNTISFITPH
AFADLRNLRALHLNSNRLTKITNDMFSGLSNLHHLILNNNQLTLISSTAFDDVFALEELDLSYNNLETIPWDAVEKMVSL
HTLSLDHNMIDNIPKGTFSHLHKMTRLDVTSNKLQKLPPDPLFQRAQVLATSGIISPSTFALSFGGNPLHCNCELLWLRR
LSREDDLETCASPPLLTGRYFWSIPEEEFLCEPPLITRHTHEMRVLEGQRATLRCKARGDPEPAIHWISPEGKLISNATR
SLVYDNGTLDILITTVKDTGAFTCIASNPAGEATQIVDLHI
;
A,B
2 'polypeptide(L)'
;ETPPRFTRTPVDQTGVSGGVASFICQATGDPRPKIVWNKKGKKVSNQRFEVIEFDDGSGSVLRIQPLRTPRDEAIYECVA
SNNVGEISVSTRLTVLREDQIPRGFPTIDMGPQLKVVERTRTATMLCAASGNPDPEITWFKDFLPVDTSNNNGRIKQLRS
GALQIEQSEESDQGKYECVATNSAGTRYSAPANLYVRELREVRRVPPRFSIPPTNHEIMPGGSVNITCVAVGSPMPYVKW
MLGAEDLTPEDDMPIGRNVLELNDVRQSANYTCVAMSTLGVIEAIAQITVK
;
D,E
#
# COMPACT_ATOMS: atom_id res chain seq x y z
N PRO A 1 -32.81 30.58 8.11
CA PRO A 1 -31.53 30.67 7.42
C PRO A 1 -30.68 31.86 7.87
N GLY A 2 -31.33 33.01 8.09
CA GLY A 2 -30.63 34.18 8.58
C GLY A 2 -30.05 33.97 9.96
N ASP A 3 -28.75 34.14 10.11
CA ASP A 3 -28.03 33.86 11.35
C ASP A 3 -26.75 34.67 11.39
N PRO A 4 -25.98 34.63 12.48
CA PRO A 4 -24.66 35.27 12.47
C PRO A 4 -23.67 34.52 11.60
N GLN A 5 -22.45 35.03 11.50
CA GLN A 5 -21.38 34.41 10.72
C GLN A 5 -20.39 33.80 11.70
N ILE A 6 -20.34 32.46 11.73
CA ILE A 6 -19.49 31.75 12.67
C ILE A 6 -18.24 31.28 11.96
N CYS A 7 -17.13 31.28 12.69
CA CYS A 7 -15.84 30.91 12.15
C CYS A 7 -15.15 29.91 13.08
N PRO A 8 -14.44 28.93 12.54
CA PRO A 8 -13.65 28.04 13.40
C PRO A 8 -12.62 28.84 14.17
N LYS A 9 -12.33 28.38 15.39
CA LYS A 9 -11.47 29.14 16.28
C LYS A 9 -10.09 29.36 15.67
N ARG A 10 -9.56 28.34 14.98
CA ARG A 10 -8.20 28.37 14.47
C ARG A 10 -8.09 28.80 13.01
N CYS A 11 -9.23 29.05 12.34
CA CYS A 11 -9.23 29.40 10.93
C CYS A 11 -9.53 30.88 10.77
N VAL A 12 -9.57 31.33 9.51
CA VAL A 12 -9.87 32.71 9.17
C VAL A 12 -10.95 32.72 8.09
N CYS A 13 -12.11 33.31 8.39
CA CYS A 13 -13.23 33.30 7.46
C CYS A 13 -13.37 34.67 6.85
N GLN A 14 -13.58 34.72 5.54
CA GLN A 14 -13.63 35.96 4.78
C GLN A 14 -14.99 36.13 4.11
N ILE A 15 -15.59 37.28 4.32
CA ILE A 15 -16.86 37.64 3.70
C ILE A 15 -16.65 38.44 2.41
N LEU A 16 -15.40 38.54 1.95
CA LEU A 16 -15.02 39.55 0.98
C LEU A 16 -15.69 39.29 -0.38
N SER A 17 -15.69 38.02 -0.83
CA SER A 17 -16.49 37.60 -1.97
C SER A 17 -17.90 37.30 -1.49
N PRO A 18 -18.95 37.50 -2.33
CA PRO A 18 -20.32 37.17 -1.91
C PRO A 18 -20.45 35.72 -1.47
N ASN A 19 -19.46 34.92 -1.88
CA ASN A 19 -19.26 33.58 -1.38
C ASN A 19 -18.52 33.61 -0.05
N LEU A 20 -19.14 33.05 0.98
CA LEU A 20 -18.49 32.93 2.28
C LEU A 20 -17.28 32.03 2.20
N ALA A 21 -16.14 32.52 2.65
CA ALA A 21 -14.89 31.77 2.65
C ALA A 21 -14.55 31.35 4.07
N THR A 22 -14.09 30.10 4.22
CA THR A 22 -13.54 29.60 5.47
C THR A 22 -12.17 29.01 5.16
N LEU A 23 -11.12 29.65 5.64
CA LEU A 23 -9.76 29.26 5.30
C LEU A 23 -9.11 28.66 6.55
N CYS A 24 -9.01 27.33 6.56
CA CYS A 24 -8.32 26.57 7.59
C CYS A 24 -6.94 26.09 7.16
N ALA A 25 -6.49 26.47 5.96
CA ALA A 25 -5.28 25.88 5.40
C ALA A 25 -4.07 26.11 6.29
N LYS A 26 -3.27 25.05 6.48
CA LYS A 26 -2.00 25.11 7.21
C LYS A 26 -2.18 25.54 8.67
N LYS A 27 -3.28 25.13 9.30
CA LYS A 27 -3.53 25.42 10.69
C LYS A 27 -3.14 24.30 11.64
N GLY A 28 -2.59 23.20 11.12
CA GLY A 28 -2.17 22.11 11.97
C GLY A 28 -3.32 21.34 12.61
N LEU A 29 -4.46 21.27 11.92
CA LEU A 29 -5.62 20.57 12.46
C LEU A 29 -5.39 19.06 12.43
N LEU A 30 -5.72 18.38 13.53
CA LEU A 30 -5.73 16.93 13.54
C LEU A 30 -7.08 16.35 13.13
N PHE A 31 -8.11 17.18 13.03
CA PHE A 31 -9.45 16.74 12.69
C PHE A 31 -10.22 17.92 12.13
N VAL A 32 -11.32 17.62 11.46
CA VAL A 32 -12.15 18.70 10.89
C VAL A 32 -12.78 19.49 12.03
N PRO A 33 -12.61 20.81 12.06
CA PRO A 33 -13.14 21.61 13.18
C PRO A 33 -14.65 21.49 13.28
N PRO A 34 -15.19 21.41 14.50
CA PRO A 34 -16.64 21.19 14.65
C PRO A 34 -17.47 22.37 14.18
N ASN A 35 -17.01 23.60 14.40
CA ASN A 35 -17.81 24.79 14.11
C ASN A 35 -17.35 25.38 12.79
N ILE A 36 -18.15 25.21 11.74
CA ILE A 36 -17.96 25.85 10.45
C ILE A 36 -19.32 26.26 9.94
N ASP A 37 -19.47 27.52 9.53
CA ASP A 37 -20.76 27.99 9.06
C ASP A 37 -21.18 27.22 7.82
N ARG A 38 -22.37 26.62 7.88
CA ARG A 38 -22.86 25.76 6.81
C ARG A 38 -23.11 26.52 5.51
N ARG A 39 -23.04 27.85 5.54
CA ARG A 39 -23.19 28.69 4.36
C ARG A 39 -21.89 28.85 3.59
N THR A 40 -20.82 28.18 4.02
CA THR A 40 -19.51 28.37 3.40
C THR A 40 -19.52 27.87 1.96
N VAL A 41 -19.14 28.75 1.04
CA VAL A 41 -18.97 28.37 -0.36
C VAL A 41 -17.59 27.74 -0.58
N GLU A 42 -16.54 28.34 -0.01
CA GLU A 42 -15.16 27.91 -0.24
C GLU A 42 -14.56 27.50 1.09
N LEU A 43 -14.24 26.21 1.23
CA LEU A 43 -13.65 25.65 2.44
C LEU A 43 -12.30 25.06 2.09
N ARG A 44 -11.24 25.60 2.69
CA ARG A 44 -9.88 25.11 2.47
C ARG A 44 -9.37 24.48 3.75
N LEU A 45 -9.33 23.15 3.77
CA LEU A 45 -8.72 22.37 4.84
C LEU A 45 -7.32 21.86 4.47
N ALA A 46 -6.80 22.26 3.31
CA ALA A 46 -5.60 21.65 2.76
C ALA A 46 -4.39 21.89 3.67
N ASP A 47 -3.40 21.02 3.53
CA ASP A 47 -2.16 21.06 4.31
C ASP A 47 -2.42 20.97 5.80
N ASN A 48 -3.33 20.07 6.18
CA ASN A 48 -3.55 19.73 7.57
C ASN A 48 -3.30 18.23 7.77
N PHE A 49 -3.39 17.81 9.03
CA PHE A 49 -3.04 16.45 9.44
C PHE A 49 -4.25 15.54 9.64
N VAL A 50 -5.46 15.98 9.28
CA VAL A 50 -6.69 15.22 9.51
C VAL A 50 -6.58 13.81 8.93
N THR A 51 -6.78 12.80 9.77
CA THR A 51 -6.74 11.41 9.35
C THR A 51 -8.10 10.81 9.04
N ASN A 52 -9.20 11.46 9.42
CA ASN A 52 -10.52 10.87 9.31
C ASN A 52 -11.55 11.91 8.94
N ILE A 53 -12.45 11.55 8.03
CA ILE A 53 -13.60 12.40 7.68
C ILE A 53 -14.84 11.72 8.24
N LYS A 54 -15.38 12.29 9.32
CA LYS A 54 -16.64 11.86 9.88
C LYS A 54 -17.80 12.44 9.08
N ARG A 55 -18.96 11.79 9.18
CA ARG A 55 -20.13 12.31 8.49
C ARG A 55 -20.54 13.67 9.05
N LYS A 56 -20.40 13.86 10.36
CA LYS A 56 -20.79 15.12 10.99
C LYS A 56 -20.00 16.30 10.43
N ASP A 57 -18.78 16.06 9.95
CA ASP A 57 -17.87 17.15 9.61
C ASP A 57 -18.43 18.00 8.47
N PHE A 58 -18.69 17.38 7.32
CA PHE A 58 -19.17 18.08 6.15
C PHE A 58 -20.69 18.09 6.06
N ALA A 59 -21.38 17.65 7.11
CA ALA A 59 -22.83 17.50 7.06
C ALA A 59 -23.55 18.85 7.00
N ASN A 60 -24.67 18.84 6.28
CA ASN A 60 -25.60 19.97 6.07
C ASN A 60 -24.87 21.25 5.65
N MET A 61 -24.08 21.12 4.58
CA MET A 61 -23.49 22.24 3.87
C MET A 61 -24.11 22.29 2.48
N THR A 62 -24.98 23.29 2.27
CA THR A 62 -25.70 23.42 1.00
C THR A 62 -24.87 24.13 -0.06
N SER A 63 -24.21 25.22 0.31
CA SER A 63 -23.61 26.15 -0.63
C SER A 63 -22.15 25.86 -0.92
N LEU A 64 -21.60 24.77 -0.41
CA LEU A 64 -20.18 24.49 -0.62
C LEU A 64 -19.91 24.16 -2.08
N VAL A 65 -18.81 24.71 -2.60
CA VAL A 65 -18.44 24.64 -4.00
C VAL A 65 -17.05 24.06 -4.13
N ASP A 66 -16.06 24.71 -3.51
CA ASP A 66 -14.69 24.19 -3.44
C ASP A 66 -14.42 23.61 -2.06
N LEU A 67 -13.97 22.36 -2.03
CA LEU A 67 -13.53 21.70 -0.80
C LEU A 67 -12.19 21.04 -1.06
N THR A 68 -11.15 21.48 -0.35
CA THR A 68 -9.80 21.01 -0.58
C THR A 68 -9.29 20.32 0.70
N LEU A 69 -9.16 19.00 0.65
CA LEU A 69 -8.54 18.21 1.69
C LEU A 69 -7.08 17.88 1.40
N SER A 70 -6.52 18.47 0.34
CA SER A 70 -5.21 18.05 -0.18
C SER A 70 -4.14 18.10 0.89
N ARG A 71 -3.18 17.18 0.75
CA ARG A 71 -2.02 17.10 1.65
C ARG A 71 -2.45 16.89 3.10
N ASN A 72 -3.32 15.91 3.29
CA ASN A 72 -3.73 15.45 4.62
C ASN A 72 -3.36 13.99 4.78
N THR A 73 -3.61 13.46 5.98
CA THR A 73 -3.28 12.08 6.32
C THR A 73 -4.46 11.12 6.14
N ILE A 74 -5.57 11.59 5.56
CA ILE A 74 -6.84 10.85 5.61
C ILE A 74 -6.66 9.43 5.07
N SER A 75 -6.91 8.44 5.93
CA SER A 75 -6.98 7.05 5.51
C SER A 75 -8.40 6.51 5.40
N PHE A 76 -9.40 7.29 5.82
CA PHE A 76 -10.75 6.78 5.90
C PHE A 76 -11.75 7.92 5.72
N ILE A 77 -12.84 7.63 5.01
CA ILE A 77 -13.93 8.57 4.84
C ILE A 77 -15.23 7.82 5.09
N THR A 78 -16.00 8.28 6.08
CA THR A 78 -17.25 7.63 6.42
C THR A 78 -18.20 7.67 5.22
N PRO A 79 -18.89 6.58 4.92
CA PRO A 79 -19.87 6.59 3.82
C PRO A 79 -20.86 7.73 3.96
N HIS A 80 -21.22 8.33 2.82
CA HIS A 80 -22.14 9.46 2.73
C HIS A 80 -21.65 10.67 3.52
N ALA A 81 -20.35 10.77 3.76
CA ALA A 81 -19.82 11.99 4.37
C ALA A 81 -20.07 13.17 3.44
N PHE A 82 -20.00 12.94 2.13
CA PHE A 82 -20.24 13.96 1.13
C PHE A 82 -21.66 13.94 0.58
N ALA A 83 -22.55 13.11 1.14
CA ALA A 83 -23.92 13.07 0.66
C ALA A 83 -24.60 14.44 0.69
N ASP A 84 -24.12 15.33 1.56
CA ASP A 84 -24.88 16.54 1.86
C ASP A 84 -24.69 17.62 0.81
N LEU A 85 -23.55 17.62 0.10
CA LEU A 85 -23.21 18.76 -0.74
C LEU A 85 -23.74 18.51 -2.15
N ARG A 86 -24.84 19.17 -2.48
CA ARG A 86 -25.43 19.05 -3.81
C ARG A 86 -24.82 20.04 -4.78
N ASN A 87 -24.18 21.08 -4.27
CA ASN A 87 -23.56 22.12 -5.07
C ASN A 87 -22.05 22.01 -5.15
N LEU A 88 -21.47 20.93 -4.69
CA LEU A 88 -20.02 20.86 -4.74
C LEU A 88 -19.54 20.62 -6.17
N ARG A 89 -18.74 21.54 -6.71
CA ARG A 89 -18.19 21.38 -8.06
C ARG A 89 -16.76 20.84 -8.09
N ALA A 90 -16.04 20.86 -6.97
CA ALA A 90 -14.66 20.40 -6.95
C ALA A 90 -14.35 19.80 -5.59
N LEU A 91 -13.69 18.64 -5.58
CA LEU A 91 -13.27 17.99 -4.35
C LEU A 91 -11.82 17.55 -4.53
N HIS A 92 -10.93 18.12 -3.72
CA HIS A 92 -9.51 17.78 -3.78
C HIS A 92 -9.18 16.88 -2.59
N LEU A 93 -9.02 15.59 -2.86
CA LEU A 93 -8.56 14.61 -1.89
C LEU A 93 -7.09 14.27 -2.04
N ASN A 94 -6.39 14.95 -2.94
CA ASN A 94 -5.06 14.52 -3.38
C ASN A 94 -4.06 14.51 -2.24
N SER A 95 -3.00 13.72 -2.42
CA SER A 95 -1.90 13.59 -1.47
C SER A 95 -2.40 13.10 -0.11
N ASN A 96 -3.13 11.99 -0.14
CA ASN A 96 -3.66 11.37 1.07
C ASN A 96 -3.40 9.86 1.04
N ARG A 97 -3.79 9.20 2.11
CA ARG A 97 -3.48 7.79 2.35
C ARG A 97 -4.60 6.83 1.96
N LEU A 98 -5.67 7.31 1.33
CA LEU A 98 -6.80 6.46 1.00
C LEU A 98 -6.35 5.25 0.18
N THR A 99 -6.69 4.05 0.66
CA THR A 99 -6.40 2.81 -0.05
C THR A 99 -7.59 2.25 -0.82
N LYS A 100 -8.77 2.84 -0.69
CA LYS A 100 -9.97 2.29 -1.33
C LYS A 100 -10.95 3.42 -1.62
N ILE A 101 -11.75 3.23 -2.67
CA ILE A 101 -12.88 4.10 -2.98
C ILE A 101 -14.14 3.25 -2.80
N THR A 102 -14.90 3.52 -1.74
CA THR A 102 -16.11 2.78 -1.48
C THR A 102 -17.26 3.29 -2.34
N ASN A 103 -18.23 2.41 -2.56
CA ASN A 103 -19.36 2.78 -3.43
C ASN A 103 -20.22 3.87 -2.78
N ASP A 104 -20.29 3.92 -1.46
CA ASP A 104 -20.99 4.98 -0.78
C ASP A 104 -20.19 6.27 -0.71
N MET A 105 -18.88 6.20 -0.96
CA MET A 105 -18.08 7.40 -1.10
C MET A 105 -18.45 8.10 -2.40
N PHE A 106 -18.60 9.42 -2.33
CA PHE A 106 -19.10 10.25 -3.43
C PHE A 106 -20.51 9.84 -3.88
N SER A 107 -21.28 9.20 -3.02
CA SER A 107 -22.62 8.76 -3.38
C SER A 107 -23.67 9.85 -3.17
N GLY A 108 -23.27 11.03 -2.71
CA GLY A 108 -24.13 12.20 -2.74
C GLY A 108 -23.73 13.24 -3.78
N LEU A 109 -22.56 13.08 -4.38
CA LEU A 109 -22.06 14.08 -5.31
C LEU A 109 -22.78 14.00 -6.66
N SER A 110 -23.00 15.16 -7.27
CA SER A 110 -23.63 15.18 -8.59
C SER A 110 -22.89 16.12 -9.53
N ASN A 111 -22.92 17.41 -9.19
CA ASN A 111 -22.59 18.53 -10.07
C ASN A 111 -21.09 18.76 -10.08
N LEU A 112 -20.38 17.79 -9.52
CA LEU A 112 -18.94 17.81 -9.40
C LEU A 112 -18.28 17.87 -10.77
N HIS A 113 -17.49 18.92 -11.01
CA HIS A 113 -16.68 19.02 -12.23
C HIS A 113 -15.21 18.61 -12.04
N HIS A 114 -14.75 18.45 -10.82
CA HIS A 114 -13.38 18.00 -10.55
C HIS A 114 -13.38 17.03 -9.37
N LEU A 115 -12.87 15.82 -9.60
CA LEU A 115 -12.57 14.87 -8.53
C LEU A 115 -11.08 14.56 -8.62
N ILE A 116 -10.32 15.03 -7.64
CA ILE A 116 -8.86 14.90 -7.67
C ILE A 116 -8.47 13.91 -6.59
N LEU A 117 -8.14 12.69 -7.00
CA LEU A 117 -7.64 11.65 -6.12
C LEU A 117 -6.12 11.45 -6.18
N ASN A 118 -5.41 12.28 -6.96
CA ASN A 118 -4.03 11.97 -7.31
C ASN A 118 -3.14 11.85 -6.07
N ASN A 119 -2.09 11.03 -6.20
CA ASN A 119 -1.10 10.81 -5.15
C ASN A 119 -1.73 10.21 -3.90
N ASN A 120 -2.56 9.19 -4.10
CA ASN A 120 -3.08 8.36 -3.02
C ASN A 120 -2.59 6.93 -3.21
N GLN A 121 -2.92 6.08 -2.24
CA GLN A 121 -2.49 4.69 -2.23
C GLN A 121 -3.53 3.72 -2.77
N LEU A 122 -4.62 4.22 -3.37
CA LEU A 122 -5.76 3.38 -3.73
C LEU A 122 -5.35 2.18 -4.56
N THR A 123 -5.67 0.99 -4.07
CA THR A 123 -5.48 -0.24 -4.83
C THR A 123 -6.74 -0.70 -5.56
N LEU A 124 -7.91 -0.14 -5.24
CA LEU A 124 -9.17 -0.62 -5.78
C LEU A 124 -10.20 0.50 -5.78
N ILE A 125 -11.17 0.39 -6.69
CA ILE A 125 -12.31 1.29 -6.75
C ILE A 125 -13.56 0.44 -6.90
N SER A 126 -14.57 0.69 -6.07
CA SER A 126 -15.80 -0.08 -6.14
C SER A 126 -16.46 0.08 -7.50
N SER A 127 -17.18 -0.97 -7.92
CA SER A 127 -17.77 -0.98 -9.25
C SER A 127 -18.75 0.17 -9.44
N THR A 128 -19.57 0.43 -8.44
CA THR A 128 -20.57 1.49 -8.49
C THR A 128 -20.09 2.79 -7.88
N ALA A 129 -18.81 2.87 -7.47
CA ALA A 129 -18.32 4.03 -6.73
C ALA A 129 -18.49 5.32 -7.52
N PHE A 130 -18.30 5.26 -8.83
CA PHE A 130 -18.41 6.45 -9.67
C PHE A 130 -19.80 6.62 -10.29
N ASP A 131 -20.74 5.71 -10.00
CA ASP A 131 -22.06 5.77 -10.60
C ASP A 131 -22.81 7.04 -10.21
N ASP A 132 -22.54 7.57 -9.02
CA ASP A 132 -23.31 8.72 -8.55
C ASP A 132 -22.92 10.00 -9.26
N VAL A 133 -21.67 10.11 -9.72
CA VAL A 133 -21.19 11.30 -10.42
C VAL A 133 -20.88 10.92 -11.86
N PHE A 134 -21.75 11.29 -12.78
CA PHE A 134 -21.50 11.18 -14.21
C PHE A 134 -21.12 12.50 -14.86
N ALA A 135 -21.12 13.60 -14.11
CA ALA A 135 -20.96 14.93 -14.68
C ALA A 135 -19.52 15.43 -14.65
N LEU A 136 -18.57 14.59 -14.26
CA LEU A 136 -17.22 15.05 -13.99
C LEU A 136 -16.55 15.58 -15.26
N GLU A 137 -16.07 16.82 -15.20
CA GLU A 137 -15.26 17.35 -16.28
C GLU A 137 -13.84 16.75 -16.25
N GLU A 138 -13.33 16.49 -15.05
CA GLU A 138 -11.96 16.03 -14.87
C GLU A 138 -11.92 14.98 -13.77
N LEU A 139 -11.23 13.86 -14.04
CA LEU A 139 -11.02 12.80 -13.07
C LEU A 139 -9.53 12.50 -13.02
N ASP A 140 -8.89 12.80 -11.89
CA ASP A 140 -7.45 12.64 -11.75
C ASP A 140 -7.17 11.50 -10.77
N LEU A 141 -6.75 10.35 -11.31
CA LEU A 141 -6.37 9.18 -10.53
C LEU A 141 -4.85 9.04 -10.38
N SER A 142 -4.07 10.02 -10.82
CA SER A 142 -2.62 9.88 -10.96
C SER A 142 -1.97 9.40 -9.67
N TYR A 143 -0.89 8.63 -9.82
CA TYR A 143 -0.06 8.16 -8.72
C TYR A 143 -0.89 7.37 -7.71
N ASN A 144 -1.32 6.18 -8.16
CA ASN A 144 -2.03 5.22 -7.32
C ASN A 144 -1.61 3.82 -7.73
N ASN A 145 -2.16 2.83 -7.04
CA ASN A 145 -1.86 1.42 -7.27
C ASN A 145 -2.86 0.74 -8.19
N LEU A 146 -3.80 1.48 -8.79
CA LEU A 146 -4.93 0.89 -9.48
C LEU A 146 -4.50 -0.07 -10.59
N GLU A 147 -5.01 -1.29 -10.53
CA GLU A 147 -4.88 -2.23 -11.64
C GLU A 147 -5.91 -1.97 -12.72
N THR A 148 -7.13 -1.61 -12.31
CA THR A 148 -8.17 -1.22 -13.25
C THR A 148 -9.20 -0.38 -12.52
N ILE A 149 -10.03 0.32 -13.30
CA ILE A 149 -11.07 1.18 -12.76
C ILE A 149 -12.40 0.78 -13.39
N PRO A 150 -13.53 1.22 -12.81
CA PRO A 150 -14.83 0.87 -13.39
C PRO A 150 -15.10 1.61 -14.70
N TRP A 151 -14.57 1.03 -15.79
CA TRP A 151 -14.60 1.71 -17.09
C TRP A 151 -16.02 2.01 -17.54
N ASP A 152 -16.94 1.05 -17.37
CA ASP A 152 -18.31 1.26 -17.85
C ASP A 152 -18.95 2.48 -17.21
N ALA A 153 -18.52 2.84 -16.00
CA ALA A 153 -18.96 4.10 -15.41
C ALA A 153 -18.19 5.29 -15.96
N VAL A 154 -16.95 5.07 -16.42
CA VAL A 154 -16.16 6.16 -16.98
C VAL A 154 -16.75 6.61 -18.32
N GLU A 155 -17.10 5.65 -19.18
CA GLU A 155 -17.72 6.00 -20.45
C GLU A 155 -19.12 6.58 -20.28
N LYS A 156 -19.73 6.45 -19.10
CA LYS A 156 -21.01 7.06 -18.81
C LYS A 156 -20.90 8.53 -18.47
N MET A 157 -19.68 9.07 -18.39
CA MET A 157 -19.46 10.50 -18.23
C MET A 157 -19.12 11.05 -19.59
N VAL A 158 -20.07 11.79 -20.18
CA VAL A 158 -19.87 12.34 -21.53
C VAL A 158 -19.27 13.73 -21.49
N SER A 159 -19.18 14.35 -20.33
CA SER A 159 -18.59 15.67 -20.17
C SER A 159 -17.12 15.61 -19.82
N LEU A 160 -16.52 14.42 -19.79
CA LEU A 160 -15.16 14.26 -19.28
C LEU A 160 -14.17 14.91 -20.23
N HIS A 161 -13.38 15.86 -19.70
CA HIS A 161 -12.34 16.53 -20.46
C HIS A 161 -11.02 15.77 -20.38
N THR A 162 -10.46 15.66 -19.19
CA THR A 162 -9.17 15.02 -18.96
C THR A 162 -9.33 13.85 -18.01
N LEU A 163 -8.73 12.72 -18.35
CA LEU A 163 -8.65 11.56 -17.47
C LEU A 163 -7.17 11.25 -17.26
N SER A 164 -6.70 11.42 -16.02
CA SER A 164 -5.30 11.17 -15.70
C SER A 164 -5.20 9.86 -14.94
N LEU A 165 -4.74 8.82 -15.63
CA LEU A 165 -4.42 7.53 -15.02
C LEU A 165 -2.93 7.34 -14.78
N ASP A 166 -2.11 8.36 -15.06
CA ASP A 166 -0.67 8.18 -15.12
C ASP A 166 -0.11 7.70 -13.79
N HIS A 167 1.01 6.97 -13.88
CA HIS A 167 1.71 6.42 -12.71
C HIS A 167 0.81 5.49 -11.90
N ASN A 168 0.21 4.54 -12.60
CA ASN A 168 -0.59 3.48 -11.99
C ASN A 168 -0.17 2.14 -12.56
N MET A 169 -0.83 1.08 -12.11
CA MET A 169 -0.55 -0.29 -12.50
C MET A 169 -1.47 -0.80 -13.61
N ILE A 170 -2.26 0.07 -14.24
CA ILE A 170 -3.37 -0.35 -15.09
C ILE A 170 -2.93 -1.39 -16.11
N ASP A 171 -3.69 -2.49 -16.20
CA ASP A 171 -3.39 -3.57 -17.14
C ASP A 171 -3.70 -3.19 -18.57
N ASN A 172 -4.94 -2.77 -18.84
CA ASN A 172 -5.37 -2.50 -20.21
C ASN A 172 -6.58 -1.58 -20.18
N ILE A 173 -6.85 -0.99 -21.35
CA ILE A 173 -7.99 -0.10 -21.57
C ILE A 173 -8.99 -0.85 -22.45
N PRO A 174 -10.25 -0.98 -22.03
CA PRO A 174 -11.24 -1.64 -22.89
C PRO A 174 -11.42 -0.89 -24.20
N LYS A 175 -11.85 -1.62 -25.23
CA LYS A 175 -11.87 -1.08 -26.58
C LYS A 175 -12.96 -0.01 -26.74
N GLY A 176 -14.14 -0.25 -26.18
CA GLY A 176 -15.28 0.62 -26.42
C GLY A 176 -15.43 1.71 -25.38
N THR A 177 -14.35 2.03 -24.67
CA THR A 177 -14.43 3.00 -23.59
C THR A 177 -14.81 4.39 -24.11
N PHE A 178 -14.06 4.88 -25.09
CA PHE A 178 -14.22 6.25 -25.57
C PHE A 178 -15.11 6.36 -26.80
N SER A 179 -15.76 5.27 -27.21
CA SER A 179 -16.46 5.23 -28.50
C SER A 179 -17.47 6.36 -28.64
N HIS A 180 -18.46 6.41 -27.75
CA HIS A 180 -19.47 7.47 -27.81
C HIS A 180 -19.13 8.64 -26.90
N LEU A 181 -17.97 8.62 -26.25
CA LEU A 181 -17.53 9.74 -25.42
C LEU A 181 -16.86 10.80 -26.29
N HIS A 182 -17.21 12.06 -26.05
CA HIS A 182 -16.66 13.18 -26.82
C HIS A 182 -16.16 14.28 -25.90
N LYS A 183 -15.74 15.41 -26.50
CA LYS A 183 -15.28 16.58 -25.76
C LYS A 183 -14.10 16.27 -24.85
N MET A 184 -13.26 15.31 -25.23
CA MET A 184 -12.17 14.85 -24.39
C MET A 184 -10.86 15.40 -24.93
N THR A 185 -10.21 16.27 -24.15
CA THR A 185 -8.96 16.89 -24.58
C THR A 185 -7.75 16.00 -24.33
N ARG A 186 -7.66 15.36 -23.17
CA ARG A 186 -6.41 14.78 -22.71
C ARG A 186 -6.63 13.44 -22.03
N LEU A 187 -5.68 12.52 -22.27
CA LEU A 187 -5.62 11.24 -21.57
C LEU A 187 -4.15 10.93 -21.29
N ASP A 188 -3.84 10.64 -20.03
CA ASP A 188 -2.46 10.34 -19.62
C ASP A 188 -2.41 8.93 -19.06
N VAL A 189 -1.82 8.01 -19.83
CA VAL A 189 -1.60 6.63 -19.37
C VAL A 189 -0.17 6.38 -18.91
N THR A 190 0.68 7.40 -18.90
CA THR A 190 2.11 7.20 -18.70
C THR A 190 2.40 6.49 -17.38
N SER A 191 3.49 5.72 -17.39
CA SER A 191 3.97 4.97 -16.22
C SER A 191 2.93 3.97 -15.73
N ASN A 192 2.45 3.13 -16.66
CA ASN A 192 1.49 2.09 -16.36
C ASN A 192 1.95 0.76 -16.95
N LYS A 193 1.11 -0.26 -16.80
CA LYS A 193 1.42 -1.62 -17.20
C LYS A 193 0.86 -1.99 -18.57
N LEU A 194 0.27 -1.05 -19.30
CA LEU A 194 -0.40 -1.38 -20.56
C LEU A 194 0.54 -2.07 -21.53
N GLN A 195 0.11 -3.23 -22.05
CA GLN A 195 0.83 -3.86 -23.14
C GLN A 195 0.44 -3.26 -24.49
N LYS A 196 -0.85 -3.00 -24.70
CA LYS A 196 -1.37 -2.51 -25.98
C LYS A 196 -2.28 -1.31 -25.73
N LEU A 197 -2.80 -0.74 -26.81
CA LEU A 197 -3.79 0.32 -26.74
C LEU A 197 -4.88 0.05 -27.77
N PRO A 198 -6.14 0.28 -27.43
CA PRO A 198 -7.22 0.10 -28.40
C PRO A 198 -7.26 1.26 -29.38
N PRO A 199 -7.60 1.00 -30.65
CA PRO A 199 -7.83 2.10 -31.58
C PRO A 199 -9.07 2.89 -31.19
N ASP A 200 -9.13 4.11 -31.70
CA ASP A 200 -10.20 5.04 -31.36
C ASP A 200 -10.02 6.32 -32.16
N PRO A 201 -11.11 6.94 -32.62
CA PRO A 201 -10.96 8.20 -33.37
C PRO A 201 -10.20 9.27 -32.61
N LEU A 202 -10.41 9.38 -31.30
CA LEU A 202 -9.65 10.33 -30.49
C LEU A 202 -8.15 10.09 -30.65
N PHE A 203 -7.73 8.83 -30.57
CA PHE A 203 -6.32 8.51 -30.74
C PHE A 203 -5.86 8.78 -32.16
N GLN A 204 -6.78 8.74 -33.14
CA GLN A 204 -6.45 9.18 -34.48
C GLN A 204 -6.24 10.68 -34.54
N ARG A 205 -6.89 11.43 -33.63
CA ARG A 205 -6.71 12.87 -33.55
C ARG A 205 -5.62 13.27 -32.55
N ALA A 206 -4.95 12.29 -31.94
CA ALA A 206 -3.81 12.62 -31.08
C ALA A 206 -2.59 13.06 -31.88
N GLN A 207 -2.46 12.60 -33.12
CA GLN A 207 -1.31 12.88 -33.95
C GLN A 207 -1.37 14.27 -34.57
N VAL A 208 -0.20 14.80 -34.88
CA VAL A 208 -0.05 15.99 -35.71
C VAL A 208 0.66 15.57 -36.99
N LEU A 209 -0.06 15.62 -38.12
CA LEU A 209 0.50 15.25 -39.41
C LEU A 209 -0.09 16.18 -40.47
N ALA A 210 0.78 16.73 -41.31
CA ALA A 210 0.31 17.65 -42.35
C ALA A 210 1.32 17.67 -43.49
N THR A 211 0.82 18.05 -44.67
CA THR A 211 1.68 18.29 -45.80
C THR A 211 2.41 19.62 -45.64
N SER A 212 3.51 19.77 -46.38
CA SER A 212 4.29 21.00 -46.30
C SER A 212 3.44 22.20 -46.72
N GLY A 213 3.65 23.32 -46.04
CA GLY A 213 2.85 24.51 -46.26
C GLY A 213 1.48 24.48 -45.63
N ILE A 214 1.10 23.38 -44.99
CA ILE A 214 -0.17 23.26 -44.29
C ILE A 214 0.11 22.79 -42.87
N ILE A 215 -0.68 23.28 -41.92
CA ILE A 215 -0.49 22.97 -40.51
C ILE A 215 -1.73 22.27 -39.98
N SER A 216 -1.53 21.12 -39.33
CA SER A 216 -2.61 20.35 -38.72
C SER A 216 -2.47 20.37 -37.21
N PRO A 217 -3.47 20.83 -36.47
CA PRO A 217 -3.35 20.91 -35.02
C PRO A 217 -3.56 19.55 -34.36
N SER A 218 -3.42 19.53 -33.03
CA SER A 218 -3.67 18.35 -32.22
C SER A 218 -4.84 18.66 -31.29
N THR A 219 -5.98 18.02 -31.52
CA THR A 219 -7.15 18.20 -30.68
C THR A 219 -7.16 17.27 -29.48
N PHE A 220 -6.31 16.25 -29.46
CA PHE A 220 -6.26 15.28 -28.37
C PHE A 220 -4.82 15.08 -27.95
N ALA A 221 -4.56 15.13 -26.65
CA ALA A 221 -3.24 14.90 -26.10
C ALA A 221 -3.24 13.54 -25.40
N LEU A 222 -2.29 12.68 -25.79
CA LEU A 222 -2.22 11.32 -25.29
C LEU A 222 -0.77 10.95 -25.01
N SER A 223 -0.50 10.47 -23.80
CA SER A 223 0.83 9.99 -23.43
C SER A 223 0.72 8.59 -22.85
N PHE A 224 1.19 7.61 -23.61
CA PHE A 224 1.31 6.23 -23.15
C PHE A 224 2.75 5.84 -22.79
N GLY A 225 3.70 6.77 -22.85
CA GLY A 225 5.10 6.45 -22.94
C GLY A 225 5.65 5.58 -21.83
N GLY A 226 4.96 5.46 -20.71
CA GLY A 226 5.54 4.76 -19.58
C GLY A 226 5.20 3.29 -19.47
N ASN A 227 4.87 2.65 -20.59
CA ASN A 227 4.31 1.32 -20.43
C ASN A 227 5.21 0.26 -21.04
N PRO A 228 5.02 -1.11 -20.61
CA PRO A 228 5.77 -2.22 -21.22
C PRO A 228 5.07 -2.73 -22.49
N LEU A 229 5.17 -1.91 -23.54
CA LEU A 229 4.40 -2.16 -24.75
C LEU A 229 4.76 -3.50 -25.37
N HIS A 230 3.74 -4.29 -25.68
CA HIS A 230 3.89 -5.51 -26.47
C HIS A 230 3.65 -5.11 -27.93
N CYS A 231 4.71 -5.13 -28.72
CA CYS A 231 4.73 -4.47 -30.03
C CYS A 231 4.51 -5.49 -31.13
N ASN A 232 3.32 -5.46 -31.72
CA ASN A 232 2.92 -6.36 -32.78
C ASN A 232 1.95 -5.61 -33.68
N CYS A 233 1.27 -6.33 -34.58
CA CYS A 233 0.34 -5.69 -35.49
C CYS A 233 -0.75 -4.93 -34.75
N GLU A 234 -1.07 -5.35 -33.52
CA GLU A 234 -2.12 -4.69 -32.76
C GLU A 234 -1.78 -3.23 -32.46
N LEU A 235 -0.50 -2.90 -32.36
CA LEU A 235 -0.06 -1.54 -32.17
C LEU A 235 0.31 -0.85 -33.48
N LEU A 236 0.14 -1.54 -34.62
CA LEU A 236 0.54 -0.95 -35.90
C LEU A 236 -0.19 0.35 -36.17
N TRP A 237 -1.49 0.39 -35.90
CA TRP A 237 -2.26 1.63 -36.08
C TRP A 237 -1.63 2.77 -35.30
N LEU A 238 -1.07 2.49 -34.13
CA LEU A 238 -0.41 3.52 -33.34
C LEU A 238 0.94 3.90 -33.95
N ARG A 239 1.65 2.92 -34.50
CA ARG A 239 2.95 3.20 -35.11
C ARG A 239 2.80 4.03 -36.37
N ARG A 240 1.69 3.88 -37.08
CA ARG A 240 1.46 4.64 -38.31
C ARG A 240 1.15 6.10 -38.04
N LEU A 241 0.85 6.47 -36.80
CA LEU A 241 0.58 7.86 -36.48
C LEU A 241 1.86 8.69 -36.53
N SER A 242 1.69 9.98 -36.82
CA SER A 242 2.80 10.93 -36.82
C SER A 242 2.73 11.73 -35.52
N ARG A 243 3.65 11.43 -34.61
CA ARG A 243 3.62 12.02 -33.27
C ARG A 243 5.05 12.32 -32.82
N GLU A 244 5.15 13.07 -31.73
CA GLU A 244 6.44 13.25 -31.07
C GLU A 244 6.93 11.93 -30.51
N ASP A 245 8.23 11.85 -30.26
CA ASP A 245 8.84 10.66 -29.67
C ASP A 245 9.05 10.93 -28.18
N ASP A 246 8.24 10.27 -27.36
CA ASP A 246 8.31 10.37 -25.90
C ASP A 246 9.19 9.28 -25.29
N LEU A 247 9.89 8.51 -26.12
CA LEU A 247 10.80 7.45 -25.70
C LEU A 247 10.08 6.27 -25.07
N GLU A 248 8.91 5.93 -25.61
CA GLU A 248 8.27 4.67 -25.22
C GLU A 248 9.05 3.50 -25.82
N THR A 249 9.09 2.40 -25.08
CA THR A 249 9.95 1.28 -25.42
C THR A 249 9.15 -0.02 -25.44
N CYS A 250 9.49 -0.89 -26.39
CA CYS A 250 8.82 -2.18 -26.52
C CYS A 250 9.43 -3.17 -25.53
N ALA A 251 8.59 -3.75 -24.67
CA ALA A 251 9.05 -4.83 -23.81
C ALA A 251 9.05 -6.17 -24.55
N SER A 252 8.03 -6.43 -25.35
CA SER A 252 7.89 -7.70 -26.05
C SER A 252 7.38 -7.47 -27.47
N PRO A 253 7.59 -8.45 -28.38
CA PRO A 253 8.25 -9.76 -28.26
C PRO A 253 9.76 -9.64 -28.09
N PRO A 254 10.42 -10.72 -27.65
CA PRO A 254 11.86 -10.64 -27.36
C PRO A 254 12.70 -10.02 -28.47
N LEU A 255 12.29 -10.16 -29.73
CA LEU A 255 13.05 -9.56 -30.81
C LEU A 255 13.06 -8.04 -30.71
N LEU A 256 11.97 -7.44 -30.25
CA LEU A 256 11.84 -5.99 -30.16
C LEU A 256 12.16 -5.44 -28.79
N THR A 257 12.55 -6.28 -27.83
CA THR A 257 12.78 -5.82 -26.47
C THR A 257 13.91 -4.80 -26.43
N GLY A 258 13.64 -3.66 -25.78
CA GLY A 258 14.58 -2.58 -25.68
C GLY A 258 14.53 -1.57 -26.80
N ARG A 259 13.96 -1.95 -27.95
CA ARG A 259 13.86 -1.03 -29.07
C ARG A 259 12.84 0.06 -28.78
N TYR A 260 13.15 1.28 -29.19
CA TYR A 260 12.20 2.37 -29.06
C TYR A 260 11.03 2.13 -30.00
N PHE A 261 9.82 2.49 -29.53
CA PHE A 261 8.61 2.20 -30.29
C PHE A 261 8.63 2.89 -31.65
N TRP A 262 8.99 4.18 -31.67
CA TRP A 262 8.94 4.94 -32.91
C TRP A 262 10.14 4.70 -33.82
N SER A 263 11.19 4.03 -33.34
CA SER A 263 12.33 3.72 -34.19
C SER A 263 12.06 2.50 -35.07
N ILE A 264 11.22 1.58 -34.60
CA ILE A 264 10.97 0.33 -35.33
C ILE A 264 10.16 0.64 -36.58
N PRO A 265 10.54 0.13 -37.75
CA PRO A 265 9.71 0.34 -38.94
C PRO A 265 8.40 -0.43 -38.85
N GLU A 266 7.41 0.03 -39.62
CA GLU A 266 6.07 -0.54 -39.54
C GLU A 266 6.09 -2.03 -39.88
N GLU A 267 6.88 -2.41 -40.89
CA GLU A 267 6.92 -3.80 -41.33
C GLU A 267 7.42 -4.74 -40.23
N GLU A 268 8.20 -4.24 -39.27
CA GLU A 268 8.74 -5.09 -38.23
C GLU A 268 7.75 -5.36 -37.10
N PHE A 269 6.63 -4.66 -37.05
CA PHE A 269 5.60 -4.98 -36.08
C PHE A 269 4.84 -6.19 -36.59
N LEU A 270 4.91 -7.29 -35.85
CA LEU A 270 4.51 -8.58 -36.37
C LEU A 270 3.71 -9.35 -35.33
N CYS A 271 2.52 -9.79 -35.73
CA CYS A 271 1.73 -10.74 -34.97
C CYS A 271 1.63 -12.04 -35.74
N GLU A 272 1.50 -13.15 -35.03
CA GLU A 272 1.63 -14.43 -35.68
C GLU A 272 0.34 -15.25 -35.61
N PRO A 273 0.05 -16.02 -36.65
CA PRO A 273 -1.26 -16.71 -36.74
C PRO A 273 -1.38 -17.80 -35.68
N PRO A 274 -2.60 -18.26 -35.39
CA PRO A 274 -2.78 -19.29 -34.36
C PRO A 274 -2.25 -20.64 -34.82
N LEU A 275 -1.81 -21.43 -33.85
CA LEU A 275 -1.37 -22.79 -34.10
C LEU A 275 -1.91 -23.68 -32.99
N ILE A 276 -2.66 -24.72 -33.35
CA ILE A 276 -3.31 -25.56 -32.34
C ILE A 276 -2.27 -26.51 -31.75
N THR A 277 -2.00 -26.37 -30.46
CA THR A 277 -1.00 -27.19 -29.80
C THR A 277 -1.57 -28.53 -29.35
N ARG A 278 -2.75 -28.52 -28.73
CA ARG A 278 -3.27 -29.71 -28.06
C ARG A 278 -4.73 -29.94 -28.44
N HIS A 279 -5.14 -31.21 -28.39
CA HIS A 279 -6.48 -31.61 -28.77
C HIS A 279 -6.80 -32.94 -28.13
N THR A 280 -8.08 -33.27 -28.08
CA THR A 280 -8.57 -34.58 -27.70
C THR A 280 -9.17 -35.22 -28.94
N HIS A 281 -8.51 -36.27 -29.45
CA HIS A 281 -8.87 -36.80 -30.77
C HIS A 281 -10.28 -37.37 -30.77
N GLU A 282 -10.55 -38.31 -29.87
CA GLU A 282 -11.86 -38.95 -29.79
C GLU A 282 -12.22 -39.17 -28.32
N MET A 283 -13.53 -39.07 -28.03
CA MET A 283 -14.02 -39.14 -26.67
C MET A 283 -15.29 -39.97 -26.61
N ARG A 284 -15.40 -40.83 -25.60
CA ARG A 284 -16.59 -41.64 -25.38
C ARG A 284 -16.99 -41.55 -23.90
N VAL A 285 -18.16 -40.95 -23.65
CA VAL A 285 -18.81 -40.98 -22.34
C VAL A 285 -20.31 -40.98 -22.59
N LEU A 286 -21.06 -41.51 -21.63
CA LEU A 286 -22.49 -41.70 -21.82
C LEU A 286 -23.26 -40.42 -21.51
N GLU A 287 -24.58 -40.52 -21.49
CA GLU A 287 -25.46 -39.37 -21.41
C GLU A 287 -25.64 -38.90 -19.96
N GLY A 288 -25.73 -37.59 -19.79
CA GLY A 288 -25.96 -37.01 -18.47
C GLY A 288 -24.77 -37.08 -17.53
N GLN A 289 -23.57 -36.92 -18.06
CA GLN A 289 -22.34 -37.03 -17.27
C GLN A 289 -21.45 -35.83 -17.56
N ARG A 290 -20.45 -35.66 -16.71
CA ARG A 290 -19.50 -34.57 -16.88
C ARG A 290 -18.56 -34.87 -18.05
N ALA A 291 -18.49 -33.94 -19.01
CA ALA A 291 -17.66 -34.08 -20.19
C ALA A 291 -16.69 -32.90 -20.27
N THR A 292 -15.52 -33.17 -20.85
CA THR A 292 -14.48 -32.16 -20.98
C THR A 292 -13.81 -32.29 -22.34
N LEU A 293 -13.67 -31.17 -23.04
CA LEU A 293 -13.02 -31.13 -24.35
C LEU A 293 -11.89 -30.12 -24.31
N ARG A 294 -10.68 -30.57 -24.67
CA ARG A 294 -9.48 -29.74 -24.59
C ARG A 294 -9.12 -29.22 -25.98
N CYS A 295 -9.05 -27.90 -26.10
CA CYS A 295 -8.43 -27.27 -27.26
C CYS A 295 -7.60 -26.09 -26.77
N LYS A 296 -6.30 -26.09 -27.08
CA LYS A 296 -5.38 -25.05 -26.65
C LYS A 296 -4.51 -24.66 -27.83
N ALA A 297 -4.54 -23.38 -28.20
CA ALA A 297 -3.80 -22.88 -29.35
C ALA A 297 -2.92 -21.72 -28.95
N ARG A 298 -1.77 -21.62 -29.59
CA ARG A 298 -0.81 -20.58 -29.28
C ARG A 298 -0.58 -19.69 -30.46
N GLY A 299 0.01 -18.53 -30.20
CA GLY A 299 0.24 -17.52 -31.22
C GLY A 299 0.53 -16.19 -30.57
N ASP A 300 0.92 -15.23 -31.40
CA ASP A 300 1.09 -13.85 -30.96
C ASP A 300 0.16 -12.92 -31.73
N PRO A 301 -0.84 -12.34 -31.05
CA PRO A 301 -1.23 -12.55 -29.65
C PRO A 301 -1.88 -13.90 -29.43
N GLU A 302 -2.03 -14.30 -28.17
CA GLU A 302 -2.66 -15.58 -27.86
C GLU A 302 -4.06 -15.63 -28.48
N PRO A 303 -4.38 -16.65 -29.27
CA PRO A 303 -5.62 -16.63 -30.04
C PRO A 303 -6.85 -16.88 -29.16
N ALA A 304 -7.99 -16.46 -29.68
CA ALA A 304 -9.28 -16.68 -29.03
C ALA A 304 -9.83 -18.03 -29.45
N ILE A 305 -10.20 -18.85 -28.47
CA ILE A 305 -10.69 -20.20 -28.70
C ILE A 305 -12.21 -20.18 -28.69
N HIS A 306 -12.82 -20.66 -29.77
CA HIS A 306 -14.26 -20.83 -29.87
C HIS A 306 -14.58 -22.21 -30.40
N TRP A 307 -15.80 -22.67 -30.14
CA TRP A 307 -16.24 -24.01 -30.46
C TRP A 307 -17.41 -23.99 -31.43
N ILE A 308 -17.58 -25.10 -32.14
CA ILE A 308 -18.62 -25.25 -33.15
C ILE A 308 -19.26 -26.63 -32.94
N SER A 309 -20.55 -26.64 -32.64
CA SER A 309 -21.30 -27.88 -32.50
C SER A 309 -21.41 -28.58 -33.86
N PRO A 310 -21.68 -29.88 -33.87
CA PRO A 310 -21.77 -30.58 -35.15
C PRO A 310 -22.90 -30.02 -36.00
N GLU A 311 -22.56 -29.65 -37.24
CA GLU A 311 -23.50 -29.02 -38.17
C GLU A 311 -24.26 -27.89 -37.48
N GLY A 312 -23.50 -26.99 -36.84
CA GLY A 312 -24.07 -25.94 -36.03
C GLY A 312 -23.16 -24.73 -36.03
N LYS A 313 -23.54 -23.71 -35.26
CA LYS A 313 -22.88 -22.43 -35.34
C LYS A 313 -21.89 -22.20 -34.21
N LEU A 314 -22.37 -21.92 -32.99
CA LEU A 314 -21.47 -21.55 -31.92
C LEU A 314 -22.01 -22.00 -30.57
N ILE A 315 -21.11 -22.42 -29.69
CA ILE A 315 -21.44 -22.71 -28.30
C ILE A 315 -21.13 -21.45 -27.49
N SER A 316 -21.47 -21.46 -26.21
CA SER A 316 -21.24 -20.32 -25.33
C SER A 316 -21.55 -20.75 -23.90
N ASN A 317 -21.47 -19.81 -22.96
CA ASN A 317 -22.07 -20.03 -21.67
C ASN A 317 -23.58 -20.05 -21.85
N ALA A 318 -24.22 -21.14 -21.45
CA ALA A 318 -25.63 -21.34 -21.74
C ALA A 318 -26.19 -22.40 -20.79
N THR A 319 -27.42 -22.82 -21.04
CA THR A 319 -28.06 -23.81 -20.19
C THR A 319 -27.46 -25.19 -20.41
N ARG A 320 -27.17 -25.56 -21.66
CA ARG A 320 -26.70 -26.89 -21.99
C ARG A 320 -25.18 -26.99 -22.07
N SER A 321 -24.45 -25.90 -21.93
CA SER A 321 -23.01 -25.92 -22.15
C SER A 321 -22.36 -24.73 -21.45
N LEU A 322 -21.05 -24.84 -21.25
CA LEU A 322 -20.25 -23.80 -20.64
C LEU A 322 -18.87 -23.75 -21.31
N VAL A 323 -18.40 -22.53 -21.58
CA VAL A 323 -17.06 -22.32 -22.12
C VAL A 323 -16.23 -21.58 -21.09
N TYR A 324 -14.92 -21.78 -21.17
CA TYR A 324 -13.99 -21.23 -20.19
C TYR A 324 -12.97 -20.34 -20.88
N ASP A 325 -12.08 -19.76 -20.07
CA ASP A 325 -11.05 -18.86 -20.59
C ASP A 325 -9.89 -19.63 -21.21
N ASN A 326 -9.49 -20.74 -20.58
CA ASN A 326 -8.34 -21.50 -21.06
C ASN A 326 -8.68 -22.46 -22.20
N GLY A 327 -9.93 -22.48 -22.64
CA GLY A 327 -10.31 -23.21 -23.85
C GLY A 327 -11.07 -24.49 -23.60
N THR A 328 -11.08 -25.01 -22.37
CA THR A 328 -11.79 -26.25 -22.10
C THR A 328 -13.29 -26.07 -22.26
N LEU A 329 -13.95 -27.16 -22.66
CA LEU A 329 -15.39 -27.18 -22.89
C LEU A 329 -16.04 -28.16 -21.93
N ASP A 330 -17.04 -27.70 -21.19
CA ASP A 330 -17.80 -28.54 -20.27
C ASP A 330 -19.25 -28.57 -20.71
N ILE A 331 -19.70 -29.72 -21.17
CA ILE A 331 -21.13 -29.99 -21.35
C ILE A 331 -21.57 -30.72 -20.09
N LEU A 332 -22.35 -30.03 -19.26
CA LEU A 332 -22.70 -30.59 -17.96
C LEU A 332 -23.65 -31.77 -18.09
N ILE A 333 -24.67 -31.63 -18.92
CA ILE A 333 -25.56 -32.74 -19.27
C ILE A 333 -25.34 -33.04 -20.75
N THR A 334 -24.67 -34.16 -21.03
CA THR A 334 -24.48 -34.59 -22.40
C THR A 334 -25.73 -35.30 -22.90
N THR A 335 -25.98 -35.16 -24.20
CA THR A 335 -27.15 -35.77 -24.83
C THR A 335 -26.76 -36.33 -26.19
N VAL A 336 -27.57 -37.29 -26.67
CA VAL A 336 -27.37 -37.85 -28.00
C VAL A 336 -27.46 -36.76 -29.07
N LYS A 337 -28.19 -35.68 -28.78
CA LYS A 337 -28.21 -34.53 -29.69
C LYS A 337 -26.82 -33.93 -29.90
N ASP A 338 -25.90 -34.16 -28.96
CA ASP A 338 -24.55 -33.61 -29.02
C ASP A 338 -23.55 -34.56 -29.68
N THR A 339 -23.97 -35.76 -30.08
CA THR A 339 -23.05 -36.69 -30.72
C THR A 339 -22.74 -36.23 -32.14
N GLY A 340 -21.47 -36.20 -32.48
CA GLY A 340 -21.06 -35.77 -33.80
C GLY A 340 -19.64 -35.23 -33.79
N ALA A 341 -19.36 -34.38 -34.77
CA ALA A 341 -18.03 -33.82 -34.98
C ALA A 341 -18.03 -32.36 -34.56
N PHE A 342 -17.34 -32.07 -33.46
CA PHE A 342 -17.14 -30.70 -32.99
C PHE A 342 -15.92 -30.09 -33.66
N THR A 343 -16.00 -28.79 -33.94
CA THR A 343 -14.91 -28.06 -34.57
C THR A 343 -14.35 -27.03 -33.58
N CYS A 344 -13.04 -27.04 -33.39
CA CYS A 344 -12.36 -26.03 -32.59
C CYS A 344 -11.73 -24.99 -33.50
N ILE A 345 -12.02 -23.72 -33.24
CA ILE A 345 -11.50 -22.62 -34.06
C ILE A 345 -10.76 -21.64 -33.17
N ALA A 346 -9.60 -21.19 -33.64
CA ALA A 346 -8.75 -20.25 -32.92
C ALA A 346 -8.50 -19.04 -33.81
N SER A 347 -8.84 -17.86 -33.32
CA SER A 347 -8.79 -16.63 -34.11
C SER A 347 -7.70 -15.70 -33.60
N ASN A 348 -7.09 -14.98 -34.53
CA ASN A 348 -6.04 -14.01 -34.25
C ASN A 348 -6.21 -12.84 -35.22
N PRO A 349 -5.63 -11.69 -34.89
CA PRO A 349 -5.56 -10.62 -35.91
C PRO A 349 -4.82 -11.03 -37.16
N ALA A 350 -3.87 -11.97 -37.05
CA ALA A 350 -3.15 -12.44 -38.23
C ALA A 350 -4.00 -13.43 -39.03
N GLY A 351 -4.69 -14.33 -38.35
CA GLY A 351 -5.51 -15.31 -39.04
C GLY A 351 -6.24 -16.20 -38.06
N GLU A 352 -6.68 -17.34 -38.56
CA GLU A 352 -7.37 -18.33 -37.74
C GLU A 352 -6.99 -19.72 -38.21
N ALA A 353 -7.12 -20.68 -37.28
CA ALA A 353 -6.80 -22.07 -37.57
C ALA A 353 -7.76 -22.96 -36.80
N THR A 354 -8.17 -24.06 -37.42
CA THR A 354 -9.18 -24.95 -36.86
C THR A 354 -8.67 -26.39 -36.81
N GLN A 355 -9.17 -27.13 -35.83
CA GLN A 355 -9.03 -28.58 -35.79
C GLN A 355 -10.39 -29.19 -35.47
N ILE A 356 -10.44 -30.51 -35.42
CA ILE A 356 -11.71 -31.23 -35.24
C ILE A 356 -11.54 -32.25 -34.13
N VAL A 357 -12.58 -32.38 -33.31
CA VAL A 357 -12.68 -33.46 -32.32
C VAL A 357 -13.98 -34.20 -32.57
N ASP A 358 -14.00 -35.49 -32.24
CA ASP A 358 -15.15 -36.34 -32.47
C ASP A 358 -15.71 -36.82 -31.14
N LEU A 359 -17.04 -36.84 -31.03
CA LEU A 359 -17.73 -37.18 -29.79
C LEU A 359 -18.82 -38.20 -30.07
N HIS A 360 -18.72 -39.37 -29.42
CA HIS A 360 -19.76 -40.38 -29.42
C HIS A 360 -20.24 -40.58 -27.98
N ILE A 361 -21.55 -40.69 -27.81
CA ILE A 361 -22.14 -40.83 -26.48
C ILE A 361 -22.90 -42.13 -26.35
N PRO B 1 42.24 -6.25 -16.05
CA PRO B 1 41.44 -5.05 -15.78
C PRO B 1 41.45 -4.07 -16.95
N GLY B 2 42.60 -3.90 -17.60
CA GLY B 2 42.69 -3.03 -18.76
C GLY B 2 41.84 -3.54 -19.91
N ASP B 3 40.92 -2.70 -20.39
CA ASP B 3 39.97 -3.09 -21.41
C ASP B 3 39.47 -1.84 -22.13
N PRO B 4 38.62 -1.97 -23.17
CA PRO B 4 38.01 -0.77 -23.75
C PRO B 4 36.97 -0.16 -22.83
N GLN B 5 36.37 0.95 -23.26
CA GLN B 5 35.34 1.64 -22.50
C GLN B 5 33.99 1.37 -23.18
N ILE B 6 33.14 0.59 -22.52
CA ILE B 6 31.86 0.20 -23.09
C ILE B 6 30.77 1.06 -22.50
N CYS B 7 29.76 1.35 -23.32
CA CYS B 7 28.67 2.22 -22.95
C CYS B 7 27.34 1.57 -23.33
N PRO B 8 26.31 1.72 -22.51
CA PRO B 8 24.99 1.23 -22.91
C PRO B 8 24.54 1.93 -24.18
N LYS B 9 23.80 1.19 -25.01
CA LYS B 9 23.43 1.72 -26.32
C LYS B 9 22.62 3.01 -26.21
N ARG B 10 21.73 3.08 -25.23
CA ARG B 10 20.81 4.20 -25.12
C ARG B 10 21.28 5.29 -24.15
N CYS B 11 22.42 5.10 -23.49
CA CYS B 11 22.93 6.05 -22.51
C CYS B 11 24.11 6.84 -23.09
N VAL B 12 24.67 7.72 -22.25
CA VAL B 12 25.83 8.53 -22.62
C VAL B 12 26.87 8.40 -21.51
N CYS B 13 28.08 7.95 -21.86
CA CYS B 13 29.10 7.69 -20.86
C CYS B 13 30.20 8.72 -21.04
N GLN B 14 30.67 9.28 -19.92
CA GLN B 14 31.63 10.37 -19.92
C GLN B 14 32.87 9.99 -19.13
N ILE B 15 34.03 10.18 -19.76
CA ILE B 15 35.34 9.96 -19.17
C ILE B 15 35.94 11.25 -18.62
N LEU B 16 35.18 12.34 -18.63
CA LEU B 16 35.73 13.66 -18.34
C LEU B 16 36.34 13.73 -16.95
N SER B 17 35.59 13.28 -15.93
CA SER B 17 36.13 13.14 -14.59
C SER B 17 36.90 11.83 -14.53
N PRO B 18 38.00 11.74 -13.73
CA PRO B 18 38.75 10.48 -13.65
C PRO B 18 37.86 9.31 -13.25
N ASN B 19 36.70 9.67 -12.68
CA ASN B 19 35.61 8.74 -12.44
C ASN B 19 34.81 8.51 -13.71
N LEU B 20 34.70 7.25 -14.13
CA LEU B 20 33.89 6.92 -15.30
C LEU B 20 32.42 7.13 -14.99
N ALA B 21 31.76 7.95 -15.81
CA ALA B 21 30.34 8.24 -15.65
C ALA B 21 29.54 7.51 -16.72
N THR B 22 28.39 6.96 -16.32
CA THR B 22 27.42 6.37 -17.23
C THR B 22 26.08 7.02 -16.91
N LEU B 23 25.55 7.81 -17.83
CA LEU B 23 24.34 8.58 -17.58
C LEU B 23 23.22 7.99 -18.44
N CYS B 24 22.34 7.24 -17.80
CA CYS B 24 21.15 6.68 -18.41
C CYS B 24 19.89 7.44 -18.06
N ALA B 25 20.00 8.56 -17.35
CA ALA B 25 18.82 9.25 -16.83
C ALA B 25 17.89 9.68 -17.94
N LYS B 26 16.59 9.43 -17.73
CA LYS B 26 15.52 9.87 -18.65
C LYS B 26 15.66 9.25 -20.04
N LYS B 27 16.12 8.00 -20.10
CA LYS B 27 16.23 7.28 -21.37
C LYS B 27 15.05 6.37 -21.66
N GLY B 28 14.08 6.28 -20.76
CA GLY B 28 12.92 5.46 -21.01
C GLY B 28 13.15 3.97 -20.95
N LEU B 29 14.21 3.52 -20.28
CA LEU B 29 14.48 2.09 -20.15
C LEU B 29 13.41 1.43 -19.29
N LEU B 30 12.99 0.23 -19.71
CA LEU B 30 12.11 -0.58 -18.90
C LEU B 30 12.87 -1.52 -17.97
N PHE B 31 14.19 -1.60 -18.11
CA PHE B 31 15.01 -2.50 -17.33
C PHE B 31 16.43 -1.97 -17.33
N VAL B 32 17.23 -2.47 -16.39
CA VAL B 32 18.64 -2.07 -16.30
C VAL B 32 19.38 -2.59 -17.53
N PRO B 33 20.05 -1.74 -18.29
CA PRO B 33 20.71 -2.19 -19.53
C PRO B 33 21.77 -3.24 -19.24
N PRO B 34 21.88 -4.26 -20.09
CA PRO B 34 22.82 -5.35 -19.79
C PRO B 34 24.28 -4.94 -19.91
N ASN B 35 24.62 -3.99 -20.78
CA ASN B 35 26.01 -3.61 -21.01
C ASN B 35 26.27 -2.28 -20.31
N ILE B 36 27.00 -2.34 -19.19
CA ILE B 36 27.49 -1.16 -18.49
C ILE B 36 28.89 -1.49 -18.00
N ASP B 37 29.85 -0.61 -18.31
CA ASP B 37 31.23 -0.86 -17.90
C ASP B 37 31.32 -0.96 -16.38
N ARG B 38 31.86 -2.07 -15.90
CA ARG B 38 31.93 -2.34 -14.47
C ARG B 38 32.84 -1.39 -13.73
N ARG B 39 33.60 -0.56 -14.44
CA ARG B 39 34.46 0.46 -13.86
C ARG B 39 33.71 1.76 -13.58
N THR B 40 32.40 1.79 -13.83
CA THR B 40 31.64 3.03 -13.68
C THR B 40 31.62 3.48 -12.23
N VAL B 41 32.06 4.73 -12.00
CA VAL B 41 31.97 5.32 -10.67
C VAL B 41 30.59 5.91 -10.43
N GLU B 42 30.04 6.63 -11.42
CA GLU B 42 28.78 7.34 -11.27
C GLU B 42 27.78 6.81 -12.28
N LEU B 43 26.69 6.22 -11.78
CA LEU B 43 25.67 5.61 -12.62
C LEU B 43 24.32 6.24 -12.30
N ARG B 44 23.73 6.93 -13.28
CA ARG B 44 22.41 7.54 -13.12
C ARG B 44 21.40 6.79 -13.97
N LEU B 45 20.56 6.00 -13.32
CA LEU B 45 19.41 5.37 -13.94
C LEU B 45 18.11 6.13 -13.67
N ALA B 46 18.19 7.29 -13.03
CA ALA B 46 17.01 7.96 -12.50
C ALA B 46 16.04 8.37 -13.60
N ASP B 47 14.78 8.56 -13.21
CA ASP B 47 13.70 8.94 -14.12
C ASP B 47 13.52 7.92 -15.24
N ASN B 48 13.61 6.65 -14.88
CA ASN B 48 13.38 5.55 -15.81
C ASN B 48 12.34 4.61 -15.21
N PHE B 49 11.83 3.73 -16.04
CA PHE B 49 10.65 2.93 -15.74
C PHE B 49 10.96 1.53 -15.21
N VAL B 50 12.22 1.26 -14.84
CA VAL B 50 12.62 -0.07 -14.37
C VAL B 50 11.69 -0.56 -13.27
N THR B 51 11.12 -1.75 -13.47
CA THR B 51 10.28 -2.39 -12.46
C THR B 51 10.99 -3.47 -11.65
N ASN B 52 12.20 -3.85 -12.02
CA ASN B 52 12.88 -4.96 -11.37
C ASN B 52 14.38 -4.73 -11.33
N ILE B 53 14.99 -5.01 -10.19
CA ILE B 53 16.44 -5.01 -10.06
C ILE B 53 16.89 -6.46 -9.96
N LYS B 54 17.47 -6.97 -11.03
CA LYS B 54 18.02 -8.32 -11.06
C LYS B 54 19.42 -8.34 -10.45
N ARG B 55 19.82 -9.53 -9.99
CA ARG B 55 21.17 -9.68 -9.45
C ARG B 55 22.22 -9.36 -10.50
N LYS B 56 21.99 -9.77 -11.74
CA LYS B 56 22.98 -9.57 -12.79
C LYS B 56 23.22 -8.09 -13.08
N ASP B 57 22.23 -7.23 -12.83
CA ASP B 57 22.27 -5.85 -13.29
C ASP B 57 23.45 -5.09 -12.69
N PHE B 58 23.50 -5.03 -11.37
CA PHE B 58 24.53 -4.28 -10.67
C PHE B 58 25.73 -5.15 -10.29
N ALA B 59 25.80 -6.37 -10.78
CA ALA B 59 26.84 -7.31 -10.36
C ALA B 59 28.21 -6.93 -10.92
N ASN B 60 29.23 -7.26 -10.13
CA ASN B 60 30.67 -7.04 -10.38
C ASN B 60 30.98 -5.62 -10.85
N MET B 61 30.48 -4.66 -10.07
CA MET B 61 30.86 -3.25 -10.15
C MET B 61 31.66 -2.90 -8.90
N THR B 62 32.97 -2.74 -9.06
CA THR B 62 33.86 -2.45 -7.94
C THR B 62 33.83 -0.97 -7.56
N SER B 63 33.93 -0.11 -8.55
CA SER B 63 34.22 1.31 -8.35
C SER B 63 32.97 2.18 -8.24
N LEU B 64 31.78 1.58 -8.23
CA LEU B 64 30.57 2.39 -8.18
C LEU B 64 30.44 3.12 -6.84
N VAL B 65 30.03 4.43 -6.95
CA VAL B 65 30.01 5.35 -5.82
C VAL B 65 28.60 5.93 -5.70
N ASP B 66 28.12 6.59 -6.74
CA ASP B 66 26.75 7.08 -6.82
C ASP B 66 25.90 6.17 -7.70
N LEU B 67 24.79 5.69 -7.17
CA LEU B 67 23.80 4.92 -7.94
C LEU B 67 22.42 5.49 -7.64
N THR B 68 21.76 6.00 -8.67
CA THR B 68 20.47 6.66 -8.52
C THR B 68 19.42 5.91 -9.32
N LEU B 69 18.58 5.30 -8.56
CA LEU B 69 17.40 4.64 -9.11
C LEU B 69 16.14 5.49 -8.95
N SER B 70 16.29 6.75 -8.53
CA SER B 70 15.16 7.58 -8.15
C SER B 70 14.13 7.69 -9.28
N ARG B 71 12.87 7.82 -8.87
CA ARG B 71 11.75 8.02 -9.78
C ARG B 71 11.63 6.86 -10.78
N ASN B 72 11.67 5.64 -10.25
CA ASN B 72 11.44 4.44 -11.03
C ASN B 72 10.20 3.72 -10.51
N THR B 73 9.84 2.64 -11.19
CA THR B 73 8.68 1.83 -10.83
C THR B 73 9.03 0.62 -9.99
N ILE B 74 10.28 0.51 -9.52
CA ILE B 74 10.78 -0.73 -8.94
C ILE B 74 9.88 -1.18 -7.80
N SER B 75 9.29 -2.36 -7.94
CA SER B 75 8.57 -3.01 -6.85
C SER B 75 9.36 -4.14 -6.20
N PHE B 76 10.50 -4.51 -6.74
CA PHE B 76 11.22 -5.70 -6.26
C PHE B 76 12.71 -5.53 -6.50
N ILE B 77 13.50 -6.00 -5.54
CA ILE B 77 14.96 -6.02 -5.66
C ILE B 77 15.42 -7.41 -5.24
N THR B 78 16.09 -8.12 -6.15
CA THR B 78 16.58 -9.45 -5.84
C THR B 78 17.57 -9.39 -4.68
N PRO B 79 17.47 -10.30 -3.72
CA PRO B 79 18.44 -10.31 -2.61
C PRO B 79 19.88 -10.34 -3.12
N HIS B 80 20.74 -9.61 -2.42
CA HIS B 80 22.16 -9.48 -2.75
C HIS B 80 22.38 -8.89 -4.14
N ALA B 81 21.39 -8.17 -4.69
CA ALA B 81 21.64 -7.42 -5.91
C ALA B 81 22.72 -6.38 -5.70
N PHE B 82 22.77 -5.81 -4.50
CA PHE B 82 23.78 -4.85 -4.10
C PHE B 82 24.94 -5.46 -3.34
N ALA B 83 25.01 -6.79 -3.23
CA ALA B 83 26.14 -7.42 -2.55
C ALA B 83 27.48 -7.03 -3.15
N ASP B 84 27.49 -6.64 -4.43
CA ASP B 84 28.74 -6.53 -5.17
C ASP B 84 29.46 -5.22 -4.91
N LEU B 85 28.74 -4.14 -4.59
CA LEU B 85 29.37 -2.81 -4.57
C LEU B 85 29.83 -2.53 -3.15
N ARG B 86 31.12 -2.64 -2.92
CA ARG B 86 31.71 -2.37 -1.62
C ARG B 86 32.11 -0.91 -1.49
N ASN B 87 32.17 -0.20 -2.60
CA ASN B 87 32.50 1.22 -2.65
C ASN B 87 31.29 2.11 -2.84
N LEU B 88 30.10 1.58 -2.69
CA LEU B 88 28.94 2.46 -2.87
C LEU B 88 28.76 3.35 -1.64
N ARG B 89 28.89 4.67 -1.83
CA ARG B 89 28.65 5.64 -0.76
C ARG B 89 27.24 6.21 -0.74
N ALA B 90 26.49 6.09 -1.84
CA ALA B 90 25.15 6.67 -1.89
C ALA B 90 24.26 5.79 -2.77
N LEU B 91 23.05 5.53 -2.30
CA LEU B 91 22.06 4.76 -3.05
C LEU B 91 20.73 5.49 -2.98
N HIS B 92 20.23 5.93 -4.12
CA HIS B 92 18.95 6.63 -4.18
C HIS B 92 17.90 5.69 -4.77
N LEU B 93 17.05 5.16 -3.90
CA LEU B 93 15.89 4.36 -4.29
C LEU B 93 14.59 5.15 -4.27
N ASN B 94 14.65 6.45 -4.01
CA ASN B 94 13.47 7.24 -3.69
C ASN B 94 12.47 7.26 -4.85
N SER B 95 11.21 7.54 -4.49
CA SER B 95 10.11 7.63 -5.44
C SER B 95 9.93 6.32 -6.20
N ASN B 96 9.78 5.23 -5.44
CA ASN B 96 9.57 3.91 -6.01
C ASN B 96 8.44 3.20 -5.28
N ARG B 97 8.11 1.99 -5.76
CA ARG B 97 6.97 1.22 -5.30
C ARG B 97 7.31 0.16 -4.26
N LEU B 98 8.55 0.13 -3.76
CA LEU B 98 8.96 -0.89 -2.80
C LEU B 98 8.03 -0.92 -1.59
N THR B 99 7.46 -2.08 -1.30
CA THR B 99 6.63 -2.27 -0.12
C THR B 99 7.35 -2.94 1.05
N LYS B 100 8.59 -3.38 0.88
CA LYS B 100 9.30 -4.10 1.92
C LYS B 100 10.80 -3.89 1.78
N ILE B 101 11.49 -3.94 2.91
CA ILE B 101 12.95 -3.96 2.94
C ILE B 101 13.36 -5.32 3.50
N THR B 102 13.88 -6.19 2.63
CA THR B 102 14.29 -7.52 3.05
C THR B 102 15.64 -7.47 3.76
N ASN B 103 15.89 -8.49 4.58
CA ASN B 103 17.16 -8.56 5.31
C ASN B 103 18.34 -8.68 4.36
N ASP B 104 18.18 -9.45 3.28
CA ASP B 104 19.25 -9.58 2.30
C ASP B 104 19.39 -8.34 1.43
N MET B 105 18.39 -7.47 1.42
CA MET B 105 18.54 -6.18 0.75
C MET B 105 19.51 -5.31 1.54
N PHE B 106 20.44 -4.68 0.82
CA PHE B 106 21.54 -3.91 1.40
C PHE B 106 22.45 -4.77 2.27
N SER B 107 22.48 -6.09 2.05
CA SER B 107 23.33 -6.98 2.83
C SER B 107 24.75 -7.08 2.30
N GLY B 108 25.06 -6.37 1.21
CA GLY B 108 26.43 -6.18 0.78
C GLY B 108 27.01 -4.80 1.02
N LEU B 109 26.17 -3.85 1.41
CA LEU B 109 26.59 -2.47 1.56
C LEU B 109 27.35 -2.25 2.86
N SER B 110 28.36 -1.38 2.82
CA SER B 110 29.14 -1.09 4.01
C SER B 110 29.34 0.42 4.18
N ASN B 111 30.05 1.02 3.22
CA ASN B 111 30.68 2.33 3.31
C ASN B 111 29.68 3.42 2.97
N LEU B 112 28.42 3.02 2.97
CA LEU B 112 27.31 3.86 2.52
C LEU B 112 27.09 5.01 3.49
N HIS B 113 27.21 6.24 2.99
CA HIS B 113 26.89 7.44 3.76
C HIS B 113 25.47 7.97 3.51
N HIS B 114 24.80 7.50 2.48
CA HIS B 114 23.42 7.91 2.20
C HIS B 114 22.61 6.71 1.72
N LEU B 115 21.49 6.46 2.39
CA LEU B 115 20.47 5.53 1.92
C LEU B 115 19.17 6.30 1.84
N ILE B 116 18.69 6.55 0.63
CA ILE B 116 17.50 7.37 0.42
C ILE B 116 16.38 6.46 -0.03
N LEU B 117 15.45 6.16 0.86
CA LEU B 117 14.26 5.38 0.56
C LEU B 117 12.99 6.23 0.42
N ASN B 118 13.10 7.55 0.48
CA ASN B 118 11.93 8.40 0.67
C ASN B 118 10.92 8.23 -0.45
N ASN B 119 9.65 8.48 -0.12
CA ASN B 119 8.54 8.42 -1.08
C ASN B 119 8.39 7.02 -1.67
N ASN B 120 8.45 6.01 -0.81
CA ASN B 120 8.12 4.64 -1.18
C ASN B 120 6.90 4.18 -0.38
N GLN B 121 6.44 2.98 -0.68
CA GLN B 121 5.25 2.41 -0.07
C GLN B 121 5.56 1.46 1.10
N LEU B 122 6.81 1.40 1.54
CA LEU B 122 7.24 0.40 2.51
C LEU B 122 6.35 0.38 3.74
N THR B 123 5.76 -0.78 4.02
CA THR B 123 5.02 -0.99 5.27
C THR B 123 5.85 -1.67 6.35
N LEU B 124 7.02 -2.23 6.02
CA LEU B 124 7.79 -3.02 6.97
C LEU B 124 9.25 -3.00 6.59
N ILE B 125 10.11 -3.17 7.60
CA ILE B 125 11.55 -3.32 7.41
C ILE B 125 12.00 -4.51 8.23
N SER B 126 12.78 -5.41 7.61
CA SER B 126 13.25 -6.59 8.31
C SER B 126 14.13 -6.19 9.49
N SER B 127 14.12 -7.01 10.53
CA SER B 127 14.83 -6.68 11.77
C SER B 127 16.32 -6.53 11.52
N THR B 128 16.90 -7.41 10.71
CA THR B 128 18.32 -7.38 10.41
C THR B 128 18.64 -6.62 9.12
N ALA B 129 17.64 -5.99 8.50
CA ALA B 129 17.85 -5.37 7.20
C ALA B 129 18.94 -4.31 7.23
N PHE B 130 18.99 -3.52 8.31
CA PHE B 130 19.97 -2.45 8.44
C PHE B 130 21.26 -2.90 9.13
N ASP B 131 21.35 -4.17 9.54
CA ASP B 131 22.53 -4.62 10.26
C ASP B 131 23.79 -4.55 9.41
N ASP B 132 23.67 -4.57 8.09
CA ASP B 132 24.86 -4.60 7.24
C ASP B 132 25.50 -3.23 7.10
N VAL B 133 24.70 -2.16 7.12
CA VAL B 133 25.23 -0.80 7.05
C VAL B 133 25.03 -0.15 8.41
N PHE B 134 26.12 -0.03 9.16
CA PHE B 134 26.18 0.79 10.36
C PHE B 134 26.86 2.13 10.12
N ALA B 135 27.33 2.38 8.91
CA ALA B 135 28.12 3.57 8.60
C ALA B 135 27.28 4.72 8.05
N LEU B 136 25.96 4.57 8.02
CA LEU B 136 25.10 5.56 7.38
C LEU B 136 25.19 6.91 8.07
N GLU B 137 25.52 7.94 7.29
CA GLU B 137 25.41 9.31 7.78
C GLU B 137 23.97 9.82 7.70
N GLU B 138 23.26 9.46 6.64
CA GLU B 138 21.89 9.92 6.41
C GLU B 138 21.00 8.75 6.03
N LEU B 139 19.91 8.57 6.75
CA LEU B 139 18.88 7.58 6.45
C LEU B 139 17.56 8.31 6.28
N ASP B 140 17.03 8.32 5.05
CA ASP B 140 15.81 9.03 4.72
C ASP B 140 14.71 8.02 4.42
N LEU B 141 13.79 7.86 5.37
CA LEU B 141 12.62 7.00 5.24
C LEU B 141 11.35 7.75 4.90
N SER B 142 11.44 9.05 4.60
CA SER B 142 10.27 9.93 4.53
C SER B 142 9.22 9.40 3.55
N TYR B 143 7.96 9.68 3.88
CA TYR B 143 6.81 9.35 3.03
C TYR B 143 6.74 7.85 2.77
N ASN B 144 6.44 7.12 3.85
CA ASN B 144 6.23 5.68 3.78
C ASN B 144 5.14 5.30 4.78
N ASN B 145 4.83 4.00 4.83
CA ASN B 145 3.78 3.47 5.70
C ASN B 145 4.31 2.93 7.02
N LEU B 146 5.59 3.12 7.32
CA LEU B 146 6.23 2.42 8.43
C LEU B 146 5.54 2.71 9.76
N GLU B 147 5.16 1.63 10.46
CA GLU B 147 4.69 1.74 11.84
C GLU B 147 5.87 1.81 12.81
N THR B 148 6.94 1.07 12.52
CA THR B 148 8.16 1.14 13.31
C THR B 148 9.32 0.63 12.47
N ILE B 149 10.53 0.96 12.91
CA ILE B 149 11.75 0.55 12.23
C ILE B 149 12.64 -0.18 13.23
N PRO B 150 13.66 -0.92 12.74
CA PRO B 150 14.56 -1.63 13.66
C PRO B 150 15.47 -0.68 14.43
N TRP B 151 14.93 -0.12 15.52
CA TRP B 151 15.62 0.93 16.25
C TRP B 151 16.99 0.47 16.77
N ASP B 152 17.07 -0.76 17.28
CA ASP B 152 18.33 -1.23 17.85
C ASP B 152 19.46 -1.22 16.83
N ALA B 153 19.11 -1.38 15.55
CA ALA B 153 20.11 -1.21 14.49
C ALA B 153 20.36 0.27 14.19
N VAL B 154 19.36 1.12 14.41
CA VAL B 154 19.53 2.55 14.17
C VAL B 154 20.53 3.14 15.16
N GLU B 155 20.42 2.75 16.44
CA GLU B 155 21.36 3.24 17.43
C GLU B 155 22.75 2.66 17.28
N LYS B 156 22.91 1.62 16.46
CA LYS B 156 24.23 1.06 16.21
C LYS B 156 25.00 1.83 15.14
N MET B 157 24.36 2.76 14.44
CA MET B 157 25.07 3.64 13.52
C MET B 157 25.41 4.92 14.28
N VAL B 158 26.69 5.09 14.60
CA VAL B 158 27.11 6.23 15.42
C VAL B 158 27.48 7.44 14.58
N SER B 159 27.57 7.29 13.26
CA SER B 159 27.89 8.39 12.37
C SER B 159 26.64 9.07 11.81
N LEU B 160 25.46 8.69 12.27
CA LEU B 160 24.22 9.15 11.65
C LEU B 160 24.04 10.65 11.89
N HIS B 161 23.91 11.41 10.80
CA HIS B 161 23.69 12.85 10.86
C HIS B 161 22.20 13.17 10.92
N THR B 162 21.47 12.84 9.86
CA THR B 162 20.06 13.15 9.75
C THR B 162 19.26 11.87 9.58
N LEU B 163 18.22 11.71 10.39
CA LEU B 163 17.25 10.62 10.25
C LEU B 163 15.90 11.25 9.95
N SER B 164 15.38 11.01 8.75
CA SER B 164 14.11 11.57 8.34
C SER B 164 13.07 10.45 8.35
N LEU B 165 12.22 10.46 9.37
CA LEU B 165 11.06 9.57 9.46
C LEU B 165 9.76 10.24 9.07
N ASP B 166 9.80 11.50 8.63
CA ASP B 166 8.60 12.31 8.50
C ASP B 166 7.62 11.69 7.51
N HIS B 167 6.33 11.98 7.73
CA HIS B 167 5.24 11.49 6.90
C HIS B 167 5.19 9.96 6.89
N ASN B 168 5.21 9.37 8.09
CA ASN B 168 5.05 7.95 8.29
C ASN B 168 4.02 7.71 9.38
N MET B 169 3.78 6.44 9.68
CA MET B 169 2.79 6.02 10.66
C MET B 169 3.38 5.73 12.04
N ILE B 170 4.65 6.07 12.27
CA ILE B 170 5.42 5.57 13.40
C ILE B 170 4.65 5.74 14.71
N ASP B 171 4.60 4.66 15.50
CA ASP B 171 3.88 4.69 16.78
C ASP B 171 4.65 5.47 17.84
N ASN B 172 5.91 5.10 18.09
CA ASN B 172 6.68 5.70 19.16
C ASN B 172 8.17 5.51 18.90
N ILE B 173 8.97 6.30 19.60
CA ILE B 173 10.42 6.23 19.54
C ILE B 173 10.91 5.66 20.88
N PRO B 174 11.69 4.57 20.87
CA PRO B 174 12.21 4.02 22.13
C PRO B 174 13.06 5.04 22.87
N LYS B 175 13.10 4.89 24.20
CA LYS B 175 13.74 5.90 25.05
C LYS B 175 15.24 5.94 24.85
N GLY B 176 15.88 4.77 24.83
CA GLY B 176 17.33 4.71 24.81
C GLY B 176 17.90 4.67 23.41
N THR B 177 17.11 5.12 22.43
CA THR B 177 17.58 5.09 21.05
C THR B 177 18.80 5.97 20.86
N PHE B 178 18.68 7.25 21.19
CA PHE B 178 19.64 8.26 20.78
C PHE B 178 20.78 8.47 21.78
N SER B 179 20.86 7.66 22.84
CA SER B 179 21.96 7.83 23.79
C SER B 179 23.31 7.53 23.13
N HIS B 180 23.38 6.43 22.38
CA HIS B 180 24.62 6.10 21.67
C HIS B 180 24.84 6.99 20.46
N LEU B 181 23.78 7.58 19.92
CA LEU B 181 23.91 8.46 18.76
C LEU B 181 24.68 9.72 19.12
N HIS B 182 25.59 10.12 18.25
CA HIS B 182 26.30 11.37 18.37
C HIS B 182 26.53 11.95 16.98
N LYS B 183 26.89 13.24 16.94
CA LYS B 183 27.07 13.97 15.68
C LYS B 183 25.78 14.02 14.88
N MET B 184 24.63 14.04 15.56
CA MET B 184 23.33 13.98 14.90
C MET B 184 22.76 15.39 14.81
N THR B 185 22.64 15.90 13.58
CA THR B 185 22.15 17.26 13.38
C THR B 185 20.63 17.35 13.39
N ARG B 186 19.95 16.42 12.74
CA ARG B 186 18.54 16.62 12.39
C ARG B 186 17.73 15.33 12.58
N LEU B 187 16.52 15.49 13.11
CA LEU B 187 15.55 14.42 13.20
C LEU B 187 14.18 14.98 12.83
N ASP B 188 13.53 14.41 11.82
CA ASP B 188 12.22 14.87 11.37
C ASP B 188 11.20 13.77 11.62
N VAL B 189 10.35 13.97 12.63
CA VAL B 189 9.26 13.04 12.92
C VAL B 189 7.91 13.53 12.40
N THR B 190 7.88 14.65 11.69
CA THR B 190 6.63 15.32 11.35
C THR B 190 5.67 14.40 10.59
N SER B 191 4.38 14.62 10.80
CA SER B 191 3.32 13.89 10.11
C SER B 191 3.37 12.40 10.44
N ASN B 192 3.47 12.10 11.73
CA ASN B 192 3.50 10.73 12.22
C ASN B 192 2.44 10.56 13.31
N LYS B 193 2.38 9.35 13.87
CA LYS B 193 1.38 8.98 14.86
C LYS B 193 1.88 9.07 16.30
N LEU B 194 3.08 9.58 16.54
CA LEU B 194 3.65 9.60 17.88
C LEU B 194 2.71 10.29 18.87
N GLN B 195 2.43 9.60 19.98
CA GLN B 195 1.69 10.23 21.07
C GLN B 195 2.62 11.05 21.97
N LYS B 196 3.80 10.53 22.27
CA LYS B 196 4.75 11.17 23.19
C LYS B 196 6.13 11.19 22.55
N LEU B 197 7.09 11.78 23.28
CA LEU B 197 8.48 11.78 22.87
C LEU B 197 9.36 11.50 24.07
N PRO B 198 10.40 10.69 23.90
CA PRO B 198 11.32 10.41 25.01
C PRO B 198 12.26 11.58 25.23
N PRO B 199 12.62 11.88 26.48
CA PRO B 199 13.65 12.87 26.73
C PRO B 199 15.01 12.39 26.26
N ASP B 200 15.91 13.34 26.06
CA ASP B 200 17.24 13.07 25.52
C ASP B 200 18.04 14.36 25.47
N PRO B 201 19.36 14.29 25.71
CA PRO B 201 20.16 15.53 25.64
C PRO B 201 20.12 16.21 24.29
N LEU B 202 20.01 15.43 23.20
CA LEU B 202 19.84 16.04 21.88
C LEU B 202 18.60 16.91 21.84
N PHE B 203 17.48 16.38 22.35
CA PHE B 203 16.25 17.15 22.39
C PHE B 203 16.34 18.32 23.36
N GLN B 204 17.22 18.23 24.37
CA GLN B 204 17.49 19.38 25.21
C GLN B 204 18.27 20.45 24.45
N ARG B 205 19.06 20.03 23.46
CA ARG B 205 19.80 20.96 22.62
C ARG B 205 19.06 21.34 21.34
N ALA B 206 17.83 20.85 21.17
CA ALA B 206 16.99 21.29 20.05
C ALA B 206 16.41 22.68 20.26
N GLN B 207 16.29 23.13 21.51
CA GLN B 207 15.65 24.40 21.82
C GLN B 207 16.59 25.57 21.58
N VAL B 208 15.99 26.72 21.25
CA VAL B 208 16.69 27.99 21.19
C VAL B 208 16.12 28.85 22.31
N LEU B 209 16.92 29.07 23.36
CA LEU B 209 16.51 29.87 24.49
C LEU B 209 17.67 30.77 24.90
N ALA B 210 17.43 32.08 24.95
CA ALA B 210 18.47 33.03 25.27
C ALA B 210 17.85 34.29 25.81
N THR B 211 18.66 35.07 26.51
CA THR B 211 18.26 36.36 27.04
C THR B 211 18.23 37.40 25.91
N SER B 212 17.49 38.48 26.16
CA SER B 212 17.35 39.53 25.16
C SER B 212 18.72 40.10 24.78
N GLY B 213 18.94 40.25 23.48
CA GLY B 213 20.24 40.67 22.96
C GLY B 213 21.20 39.55 22.68
N ILE B 214 20.79 38.29 22.87
CA ILE B 214 21.64 37.13 22.64
C ILE B 214 20.91 36.19 21.69
N ILE B 215 21.61 35.72 20.67
CA ILE B 215 21.06 34.79 19.68
C ILE B 215 21.60 33.40 19.97
N SER B 216 20.72 32.40 19.94
CA SER B 216 21.09 31.02 20.23
C SER B 216 20.98 30.17 18.99
N PRO B 217 22.06 29.58 18.50
CA PRO B 217 21.93 28.57 17.44
C PRO B 217 21.39 27.27 17.99
N SER B 218 20.60 26.58 17.19
CA SER B 218 20.07 25.28 17.56
C SER B 218 21.00 24.21 16.97
N THR B 219 21.71 23.50 17.85
CA THR B 219 22.62 22.46 17.38
C THR B 219 21.86 21.29 16.77
N PHE B 220 20.66 21.03 17.26
CA PHE B 220 19.85 19.89 16.84
C PHE B 220 18.52 20.41 16.31
N ALA B 221 18.13 19.94 15.13
CA ALA B 221 16.86 20.32 14.52
C ALA B 221 15.87 19.18 14.66
N LEU B 222 14.69 19.47 15.20
CA LEU B 222 13.71 18.45 15.54
C LEU B 222 12.32 18.98 15.22
N SER B 223 11.58 18.23 14.41
CA SER B 223 10.23 18.60 14.03
C SER B 223 9.30 17.42 14.29
N PHE B 224 8.42 17.57 15.27
CA PHE B 224 7.41 16.58 15.61
C PHE B 224 6.00 17.05 15.31
N GLY B 225 5.85 18.22 14.68
CA GLY B 225 4.59 18.94 14.64
C GLY B 225 3.42 18.18 14.05
N GLY B 226 3.67 17.10 13.32
CA GLY B 226 2.56 16.45 12.64
C GLY B 226 1.89 15.33 13.41
N ASN B 227 2.05 15.33 14.73
CA ASN B 227 1.68 14.12 15.44
C ASN B 227 0.45 14.34 16.33
N PRO B 228 -0.31 13.20 16.72
CA PRO B 228 -1.44 13.30 17.65
C PRO B 228 -0.97 13.22 19.11
N LEU B 229 -0.34 14.30 19.55
CA LEU B 229 0.33 14.30 20.84
C LEU B 229 -0.65 14.04 21.97
N HIS B 230 -0.29 13.10 22.85
CA HIS B 230 -0.99 12.88 24.11
C HIS B 230 -0.28 13.73 25.15
N CYS B 231 -0.94 14.80 25.60
CA CYS B 231 -0.29 15.87 26.32
C CYS B 231 -0.52 15.71 27.81
N ASN B 232 0.54 15.34 28.52
CA ASN B 232 0.51 15.10 29.96
C ASN B 232 1.90 15.40 30.49
N CYS B 233 2.15 15.01 31.75
CA CYS B 233 3.45 15.29 32.35
C CYS B 233 4.59 14.68 31.55
N GLU B 234 4.32 13.60 30.80
CA GLU B 234 5.37 12.95 30.02
C GLU B 234 5.93 13.87 28.95
N LEU B 235 5.14 14.81 28.46
CA LEU B 235 5.59 15.83 27.51
C LEU B 235 5.99 17.13 28.19
N LEU B 236 5.93 17.21 29.52
CA LEU B 236 6.24 18.44 30.21
C LEU B 236 7.66 18.91 29.91
N TRP B 237 8.63 17.98 29.95
CA TRP B 237 10.00 18.33 29.61
C TRP B 237 10.09 19.00 28.24
N LEU B 238 9.24 18.57 27.31
CA LEU B 238 9.22 19.17 25.98
C LEU B 238 8.56 20.54 26.01
N ARG B 239 7.51 20.70 26.81
CA ARG B 239 6.83 21.99 26.90
C ARG B 239 7.72 23.04 27.56
N ARG B 240 8.61 22.63 28.46
CA ARG B 240 9.51 23.56 29.12
C ARG B 240 10.60 24.08 28.19
N LEU B 241 10.78 23.47 27.02
CA LEU B 241 11.75 23.96 26.06
C LEU B 241 11.25 25.26 25.42
N SER B 242 12.20 26.12 25.05
CA SER B 242 11.89 27.34 24.32
C SER B 242 12.22 27.10 22.85
N ARG B 243 11.19 26.98 22.02
CA ARG B 243 11.33 26.64 20.62
C ARG B 243 10.34 27.46 19.81
N GLU B 244 10.51 27.42 18.49
CA GLU B 244 9.51 27.98 17.59
C GLU B 244 8.21 27.19 17.71
N ASP B 245 7.11 27.83 17.28
CA ASP B 245 5.80 27.20 17.30
C ASP B 245 5.50 26.70 15.89
N ASP B 246 5.54 25.38 15.71
CA ASP B 246 5.26 24.74 14.43
C ASP B 246 3.79 24.32 14.32
N LEU B 247 2.96 24.73 15.26
CA LEU B 247 1.52 24.44 15.28
C LEU B 247 1.24 22.96 15.50
N GLU B 248 2.01 22.32 16.37
CA GLU B 248 1.64 20.99 16.83
C GLU B 248 0.45 21.09 17.78
N THR B 249 -0.37 20.03 17.78
CA THR B 249 -1.66 20.06 18.46
C THR B 249 -1.83 18.83 19.32
N CYS B 250 -2.44 19.01 20.50
CA CYS B 250 -2.71 17.91 21.41
C CYS B 250 -3.99 17.20 20.99
N ALA B 251 -3.87 15.90 20.71
CA ALA B 251 -5.07 15.09 20.46
C ALA B 251 -5.74 14.67 21.76
N SER B 252 -4.95 14.34 22.78
CA SER B 252 -5.47 13.84 24.05
C SER B 252 -4.66 14.42 25.20
N PRO B 253 -5.23 14.45 26.42
CA PRO B 253 -6.57 14.01 26.88
C PRO B 253 -7.69 14.91 26.34
N PRO B 254 -8.94 14.43 26.42
CA PRO B 254 -10.06 15.21 25.86
C PRO B 254 -10.10 16.66 26.29
N LEU B 255 -9.63 16.99 27.48
CA LEU B 255 -9.62 18.39 27.92
C LEU B 255 -8.71 19.24 27.04
N LEU B 256 -7.59 18.69 26.57
CA LEU B 256 -6.63 19.42 25.77
C LEU B 256 -6.82 19.21 24.26
N THR B 257 -7.84 18.47 23.85
CA THR B 257 -8.03 18.18 22.43
C THR B 257 -8.22 19.45 21.63
N GLY B 258 -7.43 19.59 20.56
CA GLY B 258 -7.49 20.75 19.70
C GLY B 258 -6.61 21.90 20.14
N ARG B 259 -6.20 21.93 21.41
CA ARG B 259 -5.35 23.00 21.90
C ARG B 259 -3.97 22.91 21.27
N TYR B 260 -3.39 24.06 20.94
CA TYR B 260 -2.00 24.07 20.47
C TYR B 260 -1.06 23.71 21.60
N PHE B 261 -0.03 22.93 21.26
CA PHE B 261 0.87 22.41 22.29
C PHE B 261 1.57 23.53 23.05
N TRP B 262 2.11 24.51 22.33
CA TRP B 262 2.87 25.57 22.98
C TRP B 262 2.00 26.63 23.63
N SER B 263 0.68 26.64 23.35
CA SER B 263 -0.20 27.60 24.00
C SER B 263 -0.58 27.15 25.41
N ILE B 264 -0.58 25.86 25.66
CA ILE B 264 -1.00 25.33 26.96
C ILE B 264 0.06 25.66 28.01
N PRO B 265 -0.31 26.21 29.16
CA PRO B 265 0.67 26.43 30.22
C PRO B 265 1.15 25.12 30.82
N GLU B 266 2.36 25.17 31.38
CA GLU B 266 3.00 23.96 31.89
C GLU B 266 2.14 23.28 32.95
N GLU B 267 1.52 24.06 33.84
CA GLU B 267 0.70 23.49 34.90
C GLU B 267 -0.47 22.68 34.38
N GLU B 268 -0.91 22.94 33.15
CA GLU B 268 -2.05 22.23 32.59
C GLU B 268 -1.67 20.90 31.97
N PHE B 269 -0.39 20.53 31.98
CA PHE B 269 0.03 19.23 31.47
C PHE B 269 -0.01 18.26 32.65
N LEU B 270 -0.96 17.34 32.61
CA LEU B 270 -1.37 16.58 33.79
C LEU B 270 -1.42 15.10 33.47
N CYS B 271 -0.67 14.31 34.24
CA CYS B 271 -0.81 12.87 34.24
C CYS B 271 -1.38 12.44 35.60
N GLU B 272 -2.12 11.35 35.60
CA GLU B 272 -2.89 11.02 36.79
C GLU B 272 -2.41 9.72 37.43
N PRO B 273 -2.47 9.62 38.75
CA PRO B 273 -1.90 8.45 39.44
C PRO B 273 -2.70 7.19 39.17
N PRO B 274 -2.13 6.02 39.43
CA PRO B 274 -2.84 4.77 39.14
C PRO B 274 -3.98 4.52 40.11
N LEU B 275 -4.99 3.80 39.64
CA LEU B 275 -6.11 3.37 40.47
C LEU B 275 -6.43 1.94 40.09
N ILE B 276 -6.43 1.05 41.08
CA ILE B 276 -6.65 -0.38 40.81
C ILE B 276 -8.13 -0.61 40.61
N THR B 277 -8.51 -1.03 39.40
CA THR B 277 -9.92 -1.24 39.08
C THR B 277 -10.42 -2.61 39.54
N ARG B 278 -9.65 -3.66 39.26
CA ARG B 278 -10.12 -5.03 39.44
C ARG B 278 -9.08 -5.86 40.18
N HIS B 279 -9.52 -6.89 40.86
CA HIS B 279 -8.66 -7.74 41.65
C HIS B 279 -9.36 -9.07 41.89
N THR B 280 -8.65 -10.07 42.29
CA THR B 280 -9.17 -11.36 42.75
C THR B 280 -8.85 -11.45 44.24
N HIS B 281 -9.90 -11.39 45.07
CA HIS B 281 -9.69 -11.24 46.51
C HIS B 281 -8.95 -12.44 47.09
N GLU B 282 -9.49 -13.64 46.90
CA GLU B 282 -8.89 -14.86 47.42
C GLU B 282 -9.05 -15.98 46.40
N MET B 283 -8.06 -16.87 46.36
CA MET B 283 -8.00 -17.93 45.37
C MET B 283 -7.54 -19.23 46.01
N ARG B 284 -8.19 -20.33 45.65
CA ARG B 284 -7.82 -21.67 46.12
C ARG B 284 -7.76 -22.62 44.94
N VAL B 285 -6.55 -23.12 44.65
CA VAL B 285 -6.34 -24.21 43.72
C VAL B 285 -5.15 -25.02 44.22
N LEU B 286 -5.10 -26.29 43.85
CA LEU B 286 -4.08 -27.19 44.40
C LEU B 286 -2.77 -27.04 43.62
N GLU B 287 -1.82 -27.94 43.90
CA GLU B 287 -0.46 -27.83 43.42
C GLU B 287 -0.31 -28.43 42.02
N GLY B 288 0.51 -27.78 41.20
CA GLY B 288 0.79 -28.27 39.87
C GLY B 288 -0.34 -28.06 38.88
N GLN B 289 -1.07 -26.96 39.00
CA GLN B 289 -2.23 -26.67 38.17
C GLN B 289 -2.12 -25.27 37.60
N ARG B 290 -2.93 -24.99 36.59
CA ARG B 290 -2.95 -23.67 35.97
C ARG B 290 -3.63 -22.67 36.90
N ALA B 291 -2.92 -21.58 37.21
CA ALA B 291 -3.43 -20.54 38.08
C ALA B 291 -3.42 -19.20 37.34
N THR B 292 -4.33 -18.32 37.75
CA THR B 292 -4.46 -17.00 37.12
C THR B 292 -4.77 -15.98 38.20
N LEU B 293 -4.09 -14.83 38.14
CA LEU B 293 -4.29 -13.74 39.09
C LEU B 293 -4.55 -12.47 38.30
N ARG B 294 -5.68 -11.82 38.57
CA ARG B 294 -6.10 -10.64 37.84
C ARG B 294 -5.79 -9.38 38.64
N CYS B 295 -5.01 -8.47 38.05
CA CYS B 295 -4.86 -7.12 38.59
C CYS B 295 -4.87 -6.15 37.42
N LYS B 296 -5.81 -5.21 37.43
CA LYS B 296 -5.97 -4.26 36.34
C LYS B 296 -6.16 -2.87 36.93
N ALA B 297 -5.29 -1.93 36.55
CA ALA B 297 -5.30 -0.58 37.08
C ALA B 297 -5.34 0.43 35.93
N ARG B 298 -6.07 1.52 36.14
CA ARG B 298 -6.20 2.57 35.15
C ARG B 298 -5.35 3.77 35.54
N GLY B 299 -5.33 4.76 34.66
CA GLY B 299 -4.67 6.03 34.95
C GLY B 299 -4.20 6.69 33.67
N ASP B 300 -3.74 7.92 33.81
CA ASP B 300 -3.09 8.63 32.72
C ASP B 300 -1.65 8.96 33.09
N PRO B 301 -0.67 8.34 32.40
CA PRO B 301 -0.87 7.30 31.39
C PRO B 301 -1.23 5.96 32.03
N GLU B 302 -1.47 4.94 31.21
CA GLU B 302 -1.87 3.64 31.76
C GLU B 302 -0.74 3.06 32.58
N PRO B 303 -0.99 2.66 33.82
CA PRO B 303 0.10 2.31 34.73
C PRO B 303 0.72 0.95 34.39
N ALA B 304 1.95 0.77 34.84
CA ALA B 304 2.69 -0.47 34.65
C ALA B 304 2.40 -1.41 35.82
N ILE B 305 1.90 -2.60 35.51
CA ILE B 305 1.52 -3.57 36.53
C ILE B 305 2.70 -4.49 36.81
N HIS B 306 3.06 -4.62 38.08
CA HIS B 306 4.07 -5.56 38.52
C HIS B 306 3.55 -6.32 39.73
N TRP B 307 4.19 -7.46 40.02
CA TRP B 307 3.74 -8.36 41.07
C TRP B 307 4.84 -8.54 42.11
N ILE B 308 4.42 -8.93 43.32
CA ILE B 308 5.32 -9.15 44.43
C ILE B 308 4.96 -10.49 45.09
N SER B 309 5.90 -11.42 45.09
CA SER B 309 5.71 -12.69 45.77
C SER B 309 5.63 -12.46 47.28
N PRO B 310 4.95 -13.36 47.99
CA PRO B 310 4.91 -13.23 49.45
C PRO B 310 6.34 -13.09 49.90
N GLU B 311 6.62 -12.02 50.63
CA GLU B 311 7.95 -11.81 51.21
C GLU B 311 9.03 -11.97 50.13
N GLY B 312 8.86 -11.28 49.01
CA GLY B 312 9.80 -11.39 47.91
C GLY B 312 9.90 -10.11 47.11
N LYS B 313 10.98 -9.99 46.35
CA LYS B 313 11.23 -8.72 45.69
C LYS B 313 10.36 -8.57 44.43
N LEU B 314 10.25 -9.61 43.61
CA LEU B 314 9.50 -9.45 42.36
C LEU B 314 9.48 -10.68 41.49
N ILE B 315 8.55 -10.71 40.54
CA ILE B 315 8.49 -11.87 39.66
C ILE B 315 8.96 -11.45 38.27
N SER B 316 9.01 -12.42 37.35
CA SER B 316 9.44 -12.19 35.98
C SER B 316 8.92 -13.35 35.14
N ASN B 317 8.96 -13.18 33.82
CA ASN B 317 8.86 -14.36 32.97
C ASN B 317 9.98 -15.30 33.38
N ALA B 318 9.64 -16.53 33.76
CA ALA B 318 10.62 -17.42 34.34
C ALA B 318 10.12 -18.85 34.22
N THR B 319 10.89 -19.78 34.77
CA THR B 319 10.51 -21.19 34.75
C THR B 319 9.28 -21.43 35.61
N ARG B 320 9.19 -20.76 36.77
CA ARG B 320 8.10 -20.98 37.70
C ARG B 320 6.91 -20.03 37.50
N SER B 321 7.05 -19.00 36.66
CA SER B 321 6.02 -17.98 36.57
C SER B 321 6.13 -17.25 35.24
N LEU B 322 5.04 -16.60 34.85
CA LEU B 322 4.96 -15.80 33.64
C LEU B 322 4.08 -14.58 33.88
N VAL B 323 4.52 -13.42 33.40
CA VAL B 323 3.74 -12.20 33.47
C VAL B 323 3.37 -11.78 32.06
N TYR B 324 2.26 -11.05 31.94
CA TYR B 324 1.72 -10.66 30.65
C TYR B 324 1.62 -9.14 30.56
N ASP B 325 1.13 -8.67 29.41
CA ASP B 325 0.99 -7.24 29.17
C ASP B 325 -0.24 -6.67 29.86
N ASN B 326 -1.37 -7.37 29.78
CA ASN B 326 -2.61 -6.87 30.37
C ASN B 326 -2.62 -7.00 31.89
N GLY B 327 -1.61 -7.63 32.49
CA GLY B 327 -1.47 -7.66 33.93
C GLY B 327 -1.77 -9.00 34.57
N THR B 328 -2.34 -9.95 33.83
CA THR B 328 -2.64 -11.26 34.40
C THR B 328 -1.36 -12.00 34.76
N LEU B 329 -1.44 -12.84 35.78
CA LEU B 329 -0.32 -13.62 36.27
C LEU B 329 -0.64 -15.10 36.10
N ASP B 330 0.28 -15.83 35.48
CA ASP B 330 0.14 -17.28 35.30
C ASP B 330 1.32 -17.97 35.97
N ILE B 331 1.04 -18.70 37.04
CA ILE B 331 1.98 -19.64 37.62
C ILE B 331 1.63 -21.00 37.03
N LEU B 332 2.48 -21.51 36.15
CA LEU B 332 2.15 -22.73 35.42
C LEU B 332 2.17 -23.94 36.34
N ILE B 333 3.19 -24.06 37.18
CA ILE B 333 3.25 -25.08 38.22
C ILE B 333 3.20 -24.35 39.56
N THR B 334 2.06 -24.46 40.24
CA THR B 334 1.92 -23.88 41.56
C THR B 334 2.53 -24.80 42.61
N THR B 335 3.07 -24.20 43.67
CA THR B 335 3.71 -24.95 44.74
C THR B 335 3.35 -24.32 46.07
N VAL B 336 3.48 -25.13 47.13
CA VAL B 336 3.23 -24.64 48.48
C VAL B 336 4.20 -23.50 48.82
N LYS B 337 5.36 -23.45 48.15
CA LYS B 337 6.27 -22.33 48.31
C LYS B 337 5.62 -21.01 47.90
N ASP B 338 4.62 -21.07 47.02
CA ASP B 338 3.93 -19.89 46.52
C ASP B 338 2.73 -19.50 47.37
N THR B 339 2.42 -20.25 48.42
CA THR B 339 1.29 -19.91 49.28
C THR B 339 1.64 -18.71 50.15
N GLY B 340 0.77 -17.70 50.14
CA GLY B 340 1.02 -16.51 50.93
C GLY B 340 0.20 -15.34 50.40
N ALA B 341 0.65 -14.14 50.73
CA ALA B 341 -0.02 -12.91 50.34
C ALA B 341 0.77 -12.25 49.20
N PHE B 342 0.14 -12.18 48.03
CA PHE B 342 0.74 -11.53 46.87
C PHE B 342 0.34 -10.06 46.83
N THR B 343 1.29 -9.21 46.44
CA THR B 343 1.06 -7.77 46.33
C THR B 343 1.13 -7.36 44.86
N CYS B 344 0.09 -6.69 44.40
CA CYS B 344 0.06 -6.11 43.06
C CYS B 344 0.37 -4.62 43.15
N ILE B 345 1.31 -4.15 42.34
CA ILE B 345 1.76 -2.77 42.35
C ILE B 345 1.60 -2.20 40.94
N ALA B 346 1.05 -0.99 40.86
CA ALA B 346 0.85 -0.28 39.60
C ALA B 346 1.55 1.06 39.68
N SER B 347 2.47 1.31 38.76
CA SER B 347 3.31 2.50 38.79
C SER B 347 2.97 3.44 37.64
N ASN B 348 3.09 4.74 37.92
CA ASN B 348 2.84 5.80 36.97
C ASN B 348 3.89 6.89 37.19
N PRO B 349 4.10 7.75 36.19
CA PRO B 349 4.93 8.94 36.45
C PRO B 349 4.41 9.82 37.57
N ALA B 350 3.09 9.82 37.80
CA ALA B 350 2.52 10.60 38.89
C ALA B 350 2.74 9.91 40.23
N GLY B 351 2.49 8.61 40.30
CA GLY B 351 2.65 7.89 41.55
C GLY B 351 2.44 6.41 41.35
N GLU B 352 2.19 5.72 42.46
CA GLU B 352 1.95 4.28 42.43
C GLU B 352 0.90 3.92 43.48
N ALA B 353 0.17 2.86 43.21
CA ALA B 353 -0.85 2.35 44.11
C ALA B 353 -0.83 0.83 44.11
N THR B 354 -1.07 0.23 45.27
CA THR B 354 -0.95 -1.21 45.43
C THR B 354 -2.21 -1.79 46.04
N GLN B 355 -2.46 -3.07 45.74
CA GLN B 355 -3.47 -3.86 46.42
C GLN B 355 -2.88 -5.23 46.72
N ILE B 356 -3.65 -6.09 47.39
CA ILE B 356 -3.16 -7.37 47.88
C ILE B 356 -4.14 -8.46 47.45
N VAL B 357 -3.60 -9.61 47.06
CA VAL B 357 -4.38 -10.82 46.82
C VAL B 357 -3.78 -11.95 47.64
N ASP B 358 -4.64 -12.85 48.11
CA ASP B 358 -4.23 -13.95 48.96
C ASP B 358 -4.40 -15.27 48.22
N LEU B 359 -3.42 -16.17 48.37
CA LEU B 359 -3.39 -17.43 47.66
C LEU B 359 -3.15 -18.57 48.64
N HIS B 360 -4.05 -19.54 48.64
CA HIS B 360 -3.89 -20.79 49.40
C HIS B 360 -3.91 -21.96 48.43
N ILE B 361 -2.99 -22.89 48.61
CA ILE B 361 -2.88 -24.03 47.70
C ILE B 361 -3.11 -25.35 48.44
N GLU C 1 -34.13 14.74 -69.82
CA GLU C 1 -34.10 13.69 -70.84
C GLU C 1 -34.95 12.50 -70.41
N THR C 2 -34.40 11.67 -69.52
CA THR C 2 -35.10 10.50 -69.02
C THR C 2 -35.43 10.70 -67.55
N PRO C 3 -36.71 10.67 -67.17
CA PRO C 3 -37.08 10.78 -65.74
C PRO C 3 -36.44 9.67 -64.94
N PRO C 4 -36.29 9.84 -63.62
CA PRO C 4 -35.51 8.88 -62.83
C PRO C 4 -36.26 7.57 -62.67
N ARG C 5 -35.56 6.62 -62.06
CA ARG C 5 -36.07 5.29 -61.79
C ARG C 5 -35.34 4.73 -60.58
N PHE C 6 -36.02 3.93 -59.78
CA PHE C 6 -35.43 3.38 -58.57
C PHE C 6 -34.75 2.06 -58.90
N THR C 7 -33.42 2.05 -58.81
CA THR C 7 -32.68 0.82 -59.01
C THR C 7 -32.68 -0.05 -57.75
N ARG C 8 -32.68 0.58 -56.58
CA ARG C 8 -32.76 -0.14 -55.31
C ARG C 8 -33.49 0.74 -54.31
N THR C 9 -34.32 0.11 -53.48
CA THR C 9 -35.14 0.81 -52.51
C THR C 9 -34.95 0.19 -51.13
N PRO C 10 -35.16 0.97 -50.06
CA PRO C 10 -34.97 0.43 -48.71
C PRO C 10 -36.07 -0.55 -48.31
N VAL C 11 -35.95 -1.10 -47.10
CA VAL C 11 -36.93 -2.04 -46.57
C VAL C 11 -37.20 -1.70 -45.12
N ASP C 12 -38.34 -2.17 -44.61
CA ASP C 12 -38.67 -1.95 -43.21
C ASP C 12 -37.65 -2.63 -42.32
N GLN C 13 -37.22 -1.92 -41.27
CA GLN C 13 -36.15 -2.40 -40.41
C GLN C 13 -36.56 -2.23 -38.95
N THR C 14 -35.99 -3.07 -38.10
CA THR C 14 -36.22 -3.01 -36.67
C THR C 14 -34.89 -3.23 -35.95
N GLY C 15 -34.64 -2.43 -34.92
CA GLY C 15 -33.35 -2.46 -34.24
C GLY C 15 -33.50 -2.15 -32.77
N VAL C 16 -32.38 -2.30 -32.05
CA VAL C 16 -32.36 -2.15 -30.61
C VAL C 16 -32.10 -0.70 -30.22
N SER C 17 -32.09 -0.41 -28.93
CA SER C 17 -31.72 0.91 -28.43
C SER C 17 -30.21 0.98 -28.30
N GLY C 18 -29.60 1.92 -29.03
CA GLY C 18 -28.16 2.02 -29.11
C GLY C 18 -27.55 1.37 -30.32
N GLY C 19 -28.32 0.58 -31.07
CA GLY C 19 -27.86 0.02 -32.32
C GLY C 19 -27.88 1.05 -33.43
N VAL C 20 -27.81 0.57 -34.66
CA VAL C 20 -27.86 1.42 -35.84
C VAL C 20 -28.84 0.82 -36.85
N ALA C 21 -29.04 1.55 -37.94
CA ALA C 21 -29.88 1.09 -39.04
C ALA C 21 -29.40 1.76 -40.33
N SER C 22 -29.60 1.07 -41.45
CA SER C 22 -29.17 1.57 -42.74
C SER C 22 -30.27 1.36 -43.77
N PHE C 23 -30.57 2.41 -44.54
CA PHE C 23 -31.52 2.35 -45.63
C PHE C 23 -30.80 2.70 -46.92
N ILE C 24 -30.77 1.77 -47.86
CA ILE C 24 -30.03 1.92 -49.12
C ILE C 24 -31.01 2.33 -50.22
N CYS C 25 -30.78 3.48 -50.83
CA CYS C 25 -31.61 3.98 -51.91
C CYS C 25 -30.71 4.52 -53.01
N GLN C 26 -30.79 3.93 -54.20
CA GLN C 26 -30.02 4.37 -55.35
C GLN C 26 -30.90 4.35 -56.58
N ALA C 27 -30.67 5.31 -57.48
CA ALA C 27 -31.54 5.54 -58.62
C ALA C 27 -30.70 5.80 -59.86
N THR C 28 -31.37 5.75 -61.02
CA THR C 28 -30.77 6.04 -62.30
C THR C 28 -31.55 7.14 -63.00
N GLY C 29 -30.89 7.87 -63.89
CA GLY C 29 -31.56 8.90 -64.64
C GLY C 29 -30.57 9.83 -65.31
N ASP C 30 -31.11 10.62 -66.23
CA ASP C 30 -30.35 11.61 -66.98
C ASP C 30 -31.11 12.93 -67.00
N PRO C 31 -30.80 13.86 -66.07
CA PRO C 31 -29.65 13.98 -65.17
C PRO C 31 -29.61 12.98 -64.00
N ARG C 32 -28.43 12.88 -63.39
CA ARG C 32 -28.26 12.04 -62.21
C ARG C 32 -29.29 12.42 -61.15
N PRO C 33 -30.03 11.46 -60.61
CA PRO C 33 -31.08 11.79 -59.64
C PRO C 33 -30.50 12.29 -58.33
N LYS C 34 -31.12 13.33 -57.78
CA LYS C 34 -30.76 13.86 -56.48
C LYS C 34 -31.51 13.07 -55.41
N ILE C 35 -30.77 12.40 -54.53
CA ILE C 35 -31.36 11.57 -53.49
C ILE C 35 -31.60 12.41 -52.25
N VAL C 36 -32.83 12.39 -51.75
CA VAL C 36 -33.21 13.11 -50.54
C VAL C 36 -33.77 12.12 -49.54
N TRP C 37 -33.48 12.33 -48.27
CA TRP C 37 -34.03 11.52 -47.18
C TRP C 37 -34.91 12.40 -46.31
N ASN C 38 -36.17 12.00 -46.12
CA ASN C 38 -37.15 12.80 -45.41
C ASN C 38 -37.68 12.05 -44.20
N LYS C 39 -37.82 12.76 -43.08
CA LYS C 39 -38.61 12.31 -41.95
C LYS C 39 -39.89 13.13 -41.95
N LYS C 40 -41.03 12.43 -42.09
CA LYS C 40 -42.32 13.06 -42.38
C LYS C 40 -42.17 13.81 -43.71
N GLY C 41 -42.45 15.11 -43.76
CA GLY C 41 -42.36 15.84 -45.01
C GLY C 41 -41.17 16.77 -45.11
N LYS C 42 -40.15 16.55 -44.30
CA LYS C 42 -38.98 17.42 -44.25
C LYS C 42 -37.71 16.60 -44.27
N LYS C 43 -36.65 17.17 -44.84
CA LYS C 43 -35.37 16.48 -44.92
C LYS C 43 -34.80 16.23 -43.53
N VAL C 44 -34.24 15.03 -43.35
CA VAL C 44 -33.77 14.62 -42.03
C VAL C 44 -32.57 15.45 -41.63
N SER C 45 -32.60 15.97 -40.40
CA SER C 45 -31.44 16.63 -39.82
C SER C 45 -31.38 16.31 -38.33
N ASN C 46 -30.21 15.86 -37.88
CA ASN C 46 -29.91 15.62 -36.46
C ASN C 46 -28.48 15.13 -36.39
N GLN C 47 -27.93 15.14 -35.18
CA GLN C 47 -26.55 14.72 -34.97
C GLN C 47 -26.35 13.24 -35.27
N ARG C 48 -27.38 12.43 -35.05
CA ARG C 48 -27.26 10.98 -35.21
C ARG C 48 -27.60 10.50 -36.61
N PHE C 49 -28.18 11.34 -37.46
CA PHE C 49 -28.52 10.95 -38.82
C PHE C 49 -27.39 11.34 -39.76
N GLU C 50 -26.84 10.36 -40.47
CA GLU C 50 -25.72 10.58 -41.37
C GLU C 50 -26.02 9.93 -42.72
N VAL C 51 -26.00 10.72 -43.77
CA VAL C 51 -26.22 10.25 -45.13
C VAL C 51 -24.87 10.01 -45.79
N ILE C 52 -24.71 8.88 -46.47
CA ILE C 52 -23.46 8.48 -47.09
C ILE C 52 -23.72 8.23 -48.56
N GLU C 53 -23.15 9.07 -49.43
CA GLU C 53 -23.32 8.89 -50.86
C GLU C 53 -22.54 7.68 -51.35
N PHE C 54 -23.02 7.08 -52.44
CA PHE C 54 -22.33 5.96 -53.05
C PHE C 54 -21.18 6.44 -53.93
N ASP C 55 -20.14 5.62 -54.02
CA ASP C 55 -19.03 5.92 -54.93
C ASP C 55 -19.50 5.97 -56.37
N ASP C 56 -20.58 5.26 -56.70
CA ASP C 56 -21.14 5.34 -58.04
C ASP C 56 -21.78 6.70 -58.30
N GLY C 57 -22.34 7.32 -57.27
CA GLY C 57 -23.20 8.47 -57.44
C GLY C 57 -24.64 8.14 -57.74
N SER C 58 -24.99 6.85 -57.81
CA SER C 58 -26.36 6.44 -58.09
C SER C 58 -27.29 6.82 -56.95
N GLY C 59 -26.80 6.81 -55.72
CA GLY C 59 -27.65 7.07 -54.58
C GLY C 59 -26.84 7.26 -53.33
N SER C 60 -27.52 7.17 -52.19
CA SER C 60 -26.88 7.36 -50.90
C SER C 60 -27.36 6.27 -49.94
N VAL C 61 -26.88 6.34 -48.70
CA VAL C 61 -27.27 5.42 -47.64
C VAL C 61 -27.54 6.25 -46.40
N LEU C 62 -28.74 6.10 -45.83
CA LEU C 62 -29.10 6.77 -44.60
C LEU C 62 -28.75 5.88 -43.42
N ARG C 63 -27.85 6.36 -42.55
CA ARG C 63 -27.39 5.61 -41.40
C ARG C 63 -27.71 6.38 -40.12
N ILE C 64 -28.37 5.73 -39.18
CA ILE C 64 -28.82 6.34 -37.94
C ILE C 64 -28.07 5.69 -36.80
N GLN C 65 -27.15 6.44 -36.18
CA GLN C 65 -26.46 5.93 -35.00
C GLN C 65 -26.27 7.00 -33.93
N PRO C 66 -26.51 6.63 -32.66
CA PRO C 66 -27.18 5.39 -32.28
C PRO C 66 -28.70 5.52 -32.40
N LEU C 67 -29.43 4.45 -32.09
CA LEU C 67 -30.89 4.44 -32.24
C LEU C 67 -31.54 4.90 -30.95
N ARG C 68 -32.38 5.93 -31.04
CA ARG C 68 -33.06 6.51 -29.89
C ARG C 68 -34.56 6.22 -30.00
N THR C 69 -35.07 5.41 -29.10
CA THR C 69 -36.49 5.06 -29.04
C THR C 69 -37.23 5.82 -27.92
N PRO C 70 -38.43 6.35 -28.24
CA PRO C 70 -39.02 6.45 -29.57
C PRO C 70 -38.85 7.80 -30.25
N ARG C 71 -37.62 8.30 -30.37
CA ARG C 71 -37.43 9.52 -31.15
C ARG C 71 -37.34 9.21 -32.63
N ASP C 72 -36.66 8.13 -32.99
CA ASP C 72 -36.44 7.77 -34.38
C ASP C 72 -37.57 6.94 -34.98
N GLU C 73 -38.50 6.44 -34.16
CA GLU C 73 -39.62 5.68 -34.71
C GLU C 73 -40.48 6.61 -35.54
N ALA C 74 -40.65 6.27 -36.81
CA ALA C 74 -41.34 7.10 -37.79
C ALA C 74 -41.24 6.42 -39.15
N ILE C 75 -41.92 7.01 -40.13
CA ILE C 75 -41.79 6.62 -41.52
C ILE C 75 -40.78 7.53 -42.19
N TYR C 76 -39.96 6.97 -43.08
CA TYR C 76 -38.92 7.73 -43.76
C TYR C 76 -39.09 7.58 -45.27
N GLU C 77 -38.58 8.57 -46.00
CA GLU C 77 -38.90 8.73 -47.41
C GLU C 77 -37.63 9.00 -48.20
N CYS C 78 -37.33 8.15 -49.18
CA CYS C 78 -36.30 8.43 -50.18
C CYS C 78 -36.94 9.12 -51.38
N VAL C 79 -36.29 10.17 -51.87
CA VAL C 79 -36.81 10.97 -52.97
C VAL C 79 -35.74 11.07 -54.04
N ALA C 80 -36.04 10.54 -55.23
CA ALA C 80 -35.17 10.65 -56.38
C ALA C 80 -35.76 11.69 -57.33
N SER C 81 -35.07 12.83 -57.45
CA SER C 81 -35.58 13.95 -58.22
C SER C 81 -34.52 14.41 -59.22
N ASN C 82 -34.98 14.88 -60.37
CA ASN C 82 -34.10 15.46 -61.38
C ASN C 82 -34.92 16.45 -62.19
N ASN C 83 -34.36 16.87 -63.34
CA ASN C 83 -35.00 17.87 -64.18
C ASN C 83 -36.44 17.48 -64.53
N VAL C 84 -36.62 16.30 -65.11
CA VAL C 84 -37.92 15.92 -65.69
C VAL C 84 -38.75 15.05 -64.78
N GLY C 85 -38.30 14.73 -63.57
CA GLY C 85 -39.09 13.85 -62.74
C GLY C 85 -38.75 13.91 -61.27
N GLU C 86 -39.72 13.51 -60.46
CA GLU C 86 -39.56 13.34 -59.01
C GLU C 86 -40.32 12.10 -58.59
N ILE C 87 -39.64 11.19 -57.90
CA ILE C 87 -40.22 9.92 -57.50
C ILE C 87 -39.82 9.62 -56.06
N SER C 88 -40.62 8.80 -55.39
CA SER C 88 -40.50 8.63 -53.94
C SER C 88 -40.67 7.17 -53.56
N VAL C 89 -40.11 6.83 -52.39
CA VAL C 89 -40.20 5.51 -51.78
C VAL C 89 -40.29 5.71 -50.26
N SER C 90 -41.05 4.85 -49.60
CA SER C 90 -41.26 4.92 -48.15
C SER C 90 -40.82 3.64 -47.47
N THR C 91 -40.31 3.77 -46.25
CA THR C 91 -39.95 2.62 -45.43
C THR C 91 -40.16 2.98 -43.96
N ARG C 92 -40.39 1.96 -43.15
CA ARG C 92 -40.79 2.14 -41.76
C ARG C 92 -39.69 1.64 -40.82
N LEU C 93 -39.33 2.48 -39.85
CA LEU C 93 -38.33 2.14 -38.85
C LEU C 93 -38.98 2.08 -37.47
N THR C 94 -38.89 0.91 -36.83
CA THR C 94 -39.33 0.72 -35.46
C THR C 94 -38.14 0.31 -34.62
N VAL C 95 -38.02 0.91 -33.43
CA VAL C 95 -36.89 0.67 -32.55
C VAL C 95 -37.42 0.30 -31.17
N LEU C 96 -37.07 -0.89 -30.70
CA LEU C 96 -37.47 -1.35 -29.38
C LEU C 96 -36.26 -1.38 -28.45
N ARG C 97 -36.51 -1.11 -27.16
CA ARG C 97 -35.43 -0.92 -26.22
C ARG C 97 -34.87 -2.27 -25.74
N GLU C 98 -33.91 -2.19 -24.81
CA GLU C 98 -33.11 -3.36 -24.47
C GLU C 98 -33.88 -4.39 -23.67
N ASP C 99 -34.89 -3.97 -22.90
CA ASP C 99 -35.72 -4.94 -22.19
C ASP C 99 -36.89 -5.43 -23.03
N GLN C 100 -37.17 -4.79 -24.17
CA GLN C 100 -38.22 -5.21 -25.07
C GLN C 100 -37.75 -6.25 -26.08
N ILE C 101 -36.48 -6.66 -26.02
CA ILE C 101 -35.92 -7.60 -26.99
C ILE C 101 -36.55 -8.96 -26.79
N PRO C 102 -37.24 -9.51 -27.79
CA PRO C 102 -37.76 -10.87 -27.67
C PRO C 102 -36.67 -11.90 -27.90
N ARG C 103 -36.89 -13.09 -27.33
CA ARG C 103 -35.98 -14.20 -27.58
C ARG C 103 -36.07 -14.62 -29.04
N GLY C 104 -34.92 -14.92 -29.64
CA GLY C 104 -34.83 -15.18 -31.06
C GLY C 104 -34.45 -13.99 -31.89
N PHE C 105 -34.45 -12.80 -31.31
CA PHE C 105 -33.93 -11.63 -32.00
C PHE C 105 -32.47 -11.87 -32.36
N PRO C 106 -32.00 -11.38 -33.51
CA PRO C 106 -30.62 -11.66 -33.92
C PRO C 106 -29.62 -11.20 -32.86
N THR C 107 -28.74 -12.11 -32.47
CA THR C 107 -27.67 -11.81 -31.54
C THR C 107 -26.35 -12.26 -32.17
N ILE C 108 -25.32 -11.45 -31.99
CA ILE C 108 -24.01 -11.75 -32.57
C ILE C 108 -23.23 -12.54 -31.54
N ASP C 109 -23.00 -13.82 -31.83
CA ASP C 109 -22.30 -14.69 -30.87
C ASP C 109 -20.81 -14.43 -30.89
N MET C 110 -20.22 -14.26 -32.08
CA MET C 110 -18.82 -13.88 -32.21
C MET C 110 -18.73 -12.78 -33.27
N GLY C 111 -18.25 -11.61 -32.87
CA GLY C 111 -18.12 -10.50 -33.77
C GLY C 111 -16.74 -10.42 -34.38
N PRO C 112 -16.57 -9.56 -35.38
CA PRO C 112 -15.26 -9.40 -36.01
C PRO C 112 -14.28 -8.71 -35.08
N GLN C 113 -13.00 -8.94 -35.32
CA GLN C 113 -11.92 -8.37 -34.52
C GLN C 113 -10.97 -7.59 -35.43
N LEU C 114 -9.93 -7.03 -34.81
CA LEU C 114 -8.85 -6.42 -35.59
C LEU C 114 -8.20 -7.48 -36.46
N LYS C 115 -7.95 -7.13 -37.72
CA LYS C 115 -7.29 -8.04 -38.64
C LYS C 115 -6.31 -7.24 -39.50
N VAL C 116 -5.08 -7.74 -39.58
CA VAL C 116 -4.01 -7.13 -40.36
C VAL C 116 -3.57 -8.15 -41.39
N VAL C 117 -3.66 -7.78 -42.68
CA VAL C 117 -3.35 -8.68 -43.79
C VAL C 117 -2.31 -8.02 -44.67
N GLU C 118 -1.40 -8.83 -45.20
CA GLU C 118 -0.47 -8.33 -46.21
C GLU C 118 -1.20 -8.15 -47.54
N ARG C 119 -0.70 -7.21 -48.34
CA ARG C 119 -1.33 -6.90 -49.61
C ARG C 119 -1.28 -8.11 -50.54
N THR C 120 -2.34 -8.26 -51.34
CA THR C 120 -2.50 -9.37 -52.28
C THR C 120 -2.51 -10.72 -51.57
N ARG C 121 -2.99 -10.76 -50.34
CA ARG C 121 -3.24 -12.00 -49.62
C ARG C 121 -4.71 -12.07 -49.22
N THR C 122 -5.08 -13.15 -48.55
CA THR C 122 -6.48 -13.42 -48.21
C THR C 122 -6.75 -12.96 -46.78
N ALA C 123 -7.71 -12.04 -46.62
CA ALA C 123 -8.18 -11.59 -45.32
C ALA C 123 -9.59 -12.10 -45.09
N THR C 124 -9.86 -12.59 -43.89
CA THR C 124 -11.15 -13.19 -43.55
C THR C 124 -11.68 -12.53 -42.28
N MET C 125 -12.79 -11.80 -42.41
CA MET C 125 -13.43 -11.11 -41.29
C MET C 125 -14.53 -12.02 -40.75
N LEU C 126 -14.35 -12.52 -39.53
CA LEU C 126 -15.25 -13.52 -38.97
C LEU C 126 -16.52 -12.88 -38.41
N CYS C 127 -17.62 -13.63 -38.49
CA CYS C 127 -18.84 -13.26 -37.80
C CYS C 127 -19.66 -14.50 -37.51
N ALA C 128 -20.38 -14.48 -36.40
CA ALA C 128 -21.29 -15.56 -36.02
C ALA C 128 -22.52 -14.96 -35.36
N ALA C 129 -23.70 -15.42 -35.78
CA ALA C 129 -24.96 -14.91 -35.24
C ALA C 129 -25.95 -16.06 -35.13
N SER C 130 -26.96 -15.85 -34.28
CA SER C 130 -28.02 -16.84 -34.09
C SER C 130 -29.34 -16.12 -33.85
N GLY C 131 -30.40 -16.90 -33.76
CA GLY C 131 -31.72 -16.37 -33.48
C GLY C 131 -32.77 -17.26 -34.09
N ASN C 132 -34.03 -16.90 -33.83
CA ASN C 132 -35.17 -17.59 -34.43
C ASN C 132 -36.00 -16.64 -35.29
N PRO C 133 -36.03 -16.89 -36.62
CA PRO C 133 -35.29 -17.95 -37.29
C PRO C 133 -33.81 -17.59 -37.47
N ASP C 134 -33.06 -18.48 -38.10
CA ASP C 134 -31.63 -18.23 -38.30
C ASP C 134 -31.44 -16.93 -39.09
N PRO C 135 -30.66 -15.98 -38.58
CA PRO C 135 -30.56 -14.68 -39.24
C PRO C 135 -29.67 -14.73 -40.48
N GLU C 136 -29.91 -13.77 -41.37
CA GLU C 136 -29.09 -13.62 -42.56
C GLU C 136 -28.01 -12.58 -42.29
N ILE C 137 -26.80 -12.88 -42.74
CA ILE C 137 -25.62 -12.06 -42.47
C ILE C 137 -25.33 -11.19 -43.69
N THR C 138 -25.27 -9.89 -43.49
CA THR C 138 -24.80 -8.95 -44.51
C THR C 138 -23.70 -8.09 -43.90
N TRP C 139 -22.89 -7.51 -44.77
CA TRP C 139 -21.69 -6.79 -44.35
C TRP C 139 -21.74 -5.32 -44.79
N PHE C 140 -21.11 -4.47 -44.00
CA PHE C 140 -21.02 -3.04 -44.27
C PHE C 140 -19.58 -2.60 -44.05
N LYS C 141 -18.98 -1.99 -45.08
CA LYS C 141 -17.64 -1.43 -44.99
C LYS C 141 -17.75 0.09 -45.12
N ASP C 142 -17.31 0.80 -44.09
CA ASP C 142 -17.31 2.27 -44.08
C ASP C 142 -18.71 2.81 -44.34
N PHE C 143 -19.67 2.29 -43.57
CA PHE C 143 -21.08 2.70 -43.64
C PHE C 143 -21.71 2.44 -45.00
N LEU C 144 -21.14 1.51 -45.77
CA LEU C 144 -21.68 1.19 -47.08
C LEU C 144 -21.84 -0.32 -47.21
N PRO C 145 -22.91 -0.78 -47.87
CA PRO C 145 -23.12 -2.22 -47.99
C PRO C 145 -22.03 -2.86 -48.86
N VAL C 146 -21.45 -3.93 -48.34
CA VAL C 146 -20.47 -4.69 -49.09
C VAL C 146 -21.20 -5.52 -50.15
N ASP C 147 -20.64 -5.57 -51.36
CA ASP C 147 -21.26 -6.33 -52.44
C ASP C 147 -20.66 -7.72 -52.41
N THR C 148 -21.46 -8.69 -51.97
CA THR C 148 -21.06 -10.09 -51.89
C THR C 148 -21.52 -10.90 -53.09
N SER C 149 -22.11 -10.25 -54.08
CA SER C 149 -22.74 -10.94 -55.21
C SER C 149 -21.79 -11.95 -55.84
N ASN C 150 -22.34 -13.12 -56.17
CA ASN C 150 -21.56 -14.20 -56.77
C ASN C 150 -21.04 -13.85 -58.17
N ASN C 151 -21.46 -12.72 -58.74
CA ASN C 151 -20.85 -12.22 -59.97
C ASN C 151 -19.34 -12.14 -59.77
N ASN C 152 -18.60 -12.52 -60.81
CA ASN C 152 -17.15 -12.72 -60.68
C ASN C 152 -16.49 -11.49 -60.10
N GLY C 153 -15.76 -11.68 -59.01
CA GLY C 153 -15.22 -10.55 -58.28
C GLY C 153 -14.42 -11.02 -57.09
N ARG C 154 -13.87 -10.04 -56.38
CA ARG C 154 -12.92 -10.30 -55.31
C ARG C 154 -13.60 -10.74 -54.02
N ILE C 155 -14.63 -10.01 -53.60
CA ILE C 155 -15.21 -10.15 -52.26
C ILE C 155 -16.26 -11.25 -52.27
N LYS C 156 -16.14 -12.19 -51.33
CA LYS C 156 -17.01 -13.35 -51.29
C LYS C 156 -17.35 -13.67 -49.84
N GLN C 157 -18.64 -13.89 -49.57
CA GLN C 157 -19.10 -14.25 -48.24
C GLN C 157 -19.22 -15.76 -48.13
N LEU C 158 -18.80 -16.29 -46.99
CA LEU C 158 -18.66 -17.72 -46.83
C LEU C 158 -19.95 -18.33 -46.29
N ARG C 159 -19.91 -19.66 -46.18
CA ARG C 159 -20.98 -20.41 -45.52
C ARG C 159 -21.18 -19.93 -44.10
N SER C 160 -20.09 -19.84 -43.34
CA SER C 160 -20.16 -19.10 -42.10
C SER C 160 -20.36 -17.63 -42.41
N GLY C 161 -20.80 -16.88 -41.40
CA GLY C 161 -21.00 -15.46 -41.59
C GLY C 161 -19.74 -14.69 -41.96
N ALA C 162 -18.58 -15.33 -41.91
CA ALA C 162 -17.33 -14.66 -42.19
C ALA C 162 -17.27 -14.15 -43.63
N LEU C 163 -16.71 -12.96 -43.80
CA LEU C 163 -16.45 -12.37 -45.10
C LEU C 163 -14.99 -12.59 -45.48
N GLN C 164 -14.74 -12.84 -46.76
CA GLN C 164 -13.41 -13.19 -47.25
C GLN C 164 -13.02 -12.26 -48.38
N ILE C 165 -11.85 -11.64 -48.27
CA ILE C 165 -11.30 -10.78 -49.31
C ILE C 165 -9.97 -11.38 -49.75
N GLU C 166 -9.95 -11.94 -50.96
CA GLU C 166 -8.71 -12.38 -51.58
C GLU C 166 -8.02 -11.21 -52.27
N GLN C 167 -6.70 -11.32 -52.42
CA GLN C 167 -5.89 -10.31 -53.10
C GLN C 167 -6.21 -8.91 -52.60
N SER C 168 -5.89 -8.70 -51.32
CA SER C 168 -6.33 -7.51 -50.61
C SER C 168 -5.68 -6.26 -51.20
N GLU C 169 -6.50 -5.28 -51.55
CA GLU C 169 -6.03 -3.98 -51.99
C GLU C 169 -5.81 -3.07 -50.79
N GLU C 170 -5.33 -1.85 -51.05
CA GLU C 170 -5.20 -0.88 -49.99
C GLU C 170 -6.54 -0.26 -49.64
N SER C 171 -7.41 -0.07 -50.64
CA SER C 171 -8.74 0.46 -50.40
C SER C 171 -9.64 -0.52 -49.65
N ASP C 172 -9.20 -1.78 -49.49
CA ASP C 172 -9.96 -2.73 -48.70
C ASP C 172 -9.97 -2.40 -47.21
N GLN C 173 -8.96 -1.68 -46.73
CA GLN C 173 -8.88 -1.39 -45.30
C GLN C 173 -9.93 -0.36 -44.90
N GLY C 174 -10.51 -0.56 -43.72
CA GLY C 174 -11.57 0.31 -43.26
C GLY C 174 -12.29 -0.31 -42.08
N LYS C 175 -13.49 0.20 -41.82
CA LYS C 175 -14.32 -0.28 -40.72
C LYS C 175 -15.38 -1.21 -41.27
N TYR C 176 -15.33 -2.48 -40.86
CA TYR C 176 -16.28 -3.50 -41.29
C TYR C 176 -17.27 -3.79 -40.17
N GLU C 177 -18.52 -4.04 -40.57
CA GLU C 177 -19.59 -4.32 -39.62
C GLU C 177 -20.42 -5.49 -40.11
N CYS C 178 -20.70 -6.43 -39.20
CA CYS C 178 -21.53 -7.59 -39.49
C CYS C 178 -22.97 -7.31 -39.07
N VAL C 179 -23.90 -7.68 -39.95
CA VAL C 179 -25.31 -7.32 -39.78
C VAL C 179 -26.14 -8.60 -39.86
N ALA C 180 -26.82 -8.92 -38.76
CA ALA C 180 -27.71 -10.07 -38.69
C ALA C 180 -29.16 -9.59 -38.80
N THR C 181 -29.93 -10.19 -39.70
CA THR C 181 -31.29 -9.76 -39.96
C THR C 181 -32.21 -10.97 -40.05
N ASN C 182 -33.40 -10.86 -39.47
CA ASN C 182 -34.42 -11.89 -39.55
C ASN C 182 -35.79 -11.22 -39.42
N SER C 183 -36.83 -12.03 -39.23
CA SER C 183 -38.18 -11.51 -39.05
C SER C 183 -38.31 -10.68 -37.79
N ALA C 184 -37.43 -10.87 -36.81
CA ALA C 184 -37.55 -10.20 -35.51
C ALA C 184 -36.84 -8.85 -35.46
N GLY C 185 -35.99 -8.53 -36.43
CA GLY C 185 -35.31 -7.25 -36.43
C GLY C 185 -33.96 -7.36 -37.10
N THR C 186 -33.10 -6.40 -36.78
CA THR C 186 -31.77 -6.29 -37.36
C THR C 186 -30.78 -5.91 -36.28
N ARG C 187 -29.66 -6.62 -36.22
CA ARG C 187 -28.63 -6.38 -35.20
C ARG C 187 -27.27 -6.23 -35.86
N TYR C 188 -26.53 -5.21 -35.43
CA TYR C 188 -25.18 -4.97 -35.92
C TYR C 188 -24.14 -5.44 -34.90
N SER C 189 -23.10 -6.08 -35.40
CA SER C 189 -21.97 -6.44 -34.56
C SER C 189 -21.13 -5.21 -34.26
N ALA C 190 -20.31 -5.31 -33.22
CA ALA C 190 -19.38 -4.24 -32.91
C ALA C 190 -18.43 -4.03 -34.09
N PRO C 191 -18.07 -2.78 -34.40
CA PRO C 191 -17.21 -2.53 -35.57
C PRO C 191 -15.81 -3.05 -35.35
N ALA C 192 -15.19 -3.49 -36.45
CA ALA C 192 -13.83 -4.00 -36.42
C ALA C 192 -13.04 -3.42 -37.58
N ASN C 193 -11.77 -3.15 -37.35
CA ASN C 193 -10.90 -2.54 -38.36
C ASN C 193 -10.08 -3.61 -39.07
N LEU C 194 -9.96 -3.47 -40.38
CA LEU C 194 -9.06 -4.27 -41.19
C LEU C 194 -7.92 -3.37 -41.63
N TYR C 195 -6.68 -3.75 -41.27
CA TYR C 195 -5.50 -2.99 -41.66
C TYR C 195 -4.77 -3.72 -42.78
N VAL C 196 -4.53 -3.01 -43.88
CA VAL C 196 -3.83 -3.54 -45.03
C VAL C 196 -2.41 -2.99 -45.02
N ARG C 197 -1.42 -3.88 -44.97
CA ARG C 197 -0.02 -3.49 -44.90
C ARG C 197 0.71 -4.03 -46.12
N GLU C 198 1.86 -3.42 -46.41
CA GLU C 198 2.64 -3.80 -47.57
C GLU C 198 3.13 -5.25 -47.44
N LEU C 199 3.28 -5.91 -48.59
CA LEU C 199 3.70 -7.30 -48.61
C LEU C 199 5.19 -7.40 -48.29
N ARG C 200 5.53 -8.21 -47.30
CA ARG C 200 6.92 -8.57 -47.00
C ARG C 200 7.04 -10.07 -47.15
N GLU C 201 7.83 -10.50 -48.13
CA GLU C 201 8.03 -11.92 -48.40
C GLU C 201 9.31 -12.40 -47.72
N VAL C 202 9.22 -13.55 -47.05
CA VAL C 202 10.35 -14.12 -46.31
C VAL C 202 10.34 -15.63 -46.54
N ARG C 203 11.54 -16.22 -46.60
CA ARG C 203 11.64 -17.66 -46.84
C ARG C 203 10.95 -18.43 -45.73
N ARG C 204 10.03 -19.30 -46.12
CA ARG C 204 9.24 -20.10 -45.19
C ARG C 204 9.68 -21.56 -45.34
N VAL C 205 10.27 -22.11 -44.30
CA VAL C 205 10.85 -23.44 -44.31
C VAL C 205 10.00 -24.33 -43.41
N PRO C 206 9.42 -25.41 -43.93
CA PRO C 206 8.65 -26.34 -43.09
C PRO C 206 9.53 -27.00 -42.05
N PRO C 207 8.94 -27.53 -40.98
CA PRO C 207 9.76 -28.14 -39.92
C PRO C 207 10.44 -29.41 -40.39
N ARG C 208 11.71 -29.54 -40.03
CA ARG C 208 12.46 -30.78 -40.18
C ARG C 208 13.24 -31.00 -38.88
N PHE C 209 13.47 -32.27 -38.57
CA PHE C 209 14.17 -32.60 -37.32
C PHE C 209 15.67 -32.37 -37.51
N SER C 210 16.23 -31.46 -36.73
CA SER C 210 17.68 -31.29 -36.72
C SER C 210 18.33 -32.44 -35.98
N ILE C 211 17.85 -32.73 -34.78
CA ILE C 211 18.20 -33.96 -34.07
C ILE C 211 16.92 -34.78 -33.91
N PRO C 212 16.76 -35.87 -34.66
CA PRO C 212 15.57 -36.71 -34.48
C PRO C 212 15.64 -37.46 -33.16
N PRO C 213 14.51 -37.88 -32.62
CA PRO C 213 14.53 -38.63 -31.36
C PRO C 213 15.31 -39.93 -31.52
N THR C 214 16.26 -40.14 -30.63
CA THR C 214 17.17 -41.29 -30.72
C THR C 214 16.57 -42.49 -29.99
N ASN C 215 16.50 -43.62 -30.69
CA ASN C 215 16.08 -44.85 -30.04
C ASN C 215 17.07 -45.21 -28.94
N HIS C 216 16.55 -45.40 -27.73
CA HIS C 216 17.36 -45.68 -26.56
C HIS C 216 16.90 -46.97 -25.91
N GLU C 217 17.86 -47.75 -25.41
CA GLU C 217 17.60 -48.99 -24.70
C GLU C 217 18.16 -48.86 -23.29
N ILE C 218 17.27 -48.81 -22.30
CA ILE C 218 17.65 -48.80 -20.90
C ILE C 218 16.82 -49.84 -20.17
N MET C 219 17.47 -50.66 -19.35
CA MET C 219 16.76 -51.66 -18.57
C MET C 219 15.85 -50.97 -17.57
N PRO C 220 14.79 -51.66 -17.11
CA PRO C 220 13.79 -51.03 -16.25
C PRO C 220 14.39 -50.40 -15.01
N GLY C 221 13.73 -49.35 -14.53
CA GLY C 221 14.14 -48.65 -13.33
C GLY C 221 15.05 -47.45 -13.55
N GLY C 222 15.61 -47.29 -14.75
CA GLY C 222 16.56 -46.24 -15.02
C GLY C 222 15.90 -44.97 -15.54
N SER C 223 16.75 -44.00 -15.89
CA SER C 223 16.31 -42.72 -16.41
C SER C 223 17.24 -42.32 -17.54
N VAL C 224 16.67 -41.91 -18.67
CA VAL C 224 17.44 -41.60 -19.87
C VAL C 224 17.04 -40.20 -20.37
N ASN C 225 17.91 -39.64 -21.20
CA ASN C 225 17.70 -38.32 -21.81
C ASN C 225 17.66 -38.49 -23.32
N ILE C 226 16.51 -38.23 -23.92
CA ILE C 226 16.32 -38.31 -25.36
C ILE C 226 16.34 -36.90 -25.92
N THR C 227 17.26 -36.64 -26.84
CA THR C 227 17.40 -35.31 -27.44
C THR C 227 16.57 -35.24 -28.72
N CYS C 228 15.59 -34.35 -28.74
CA CYS C 228 14.75 -34.11 -29.92
C CYS C 228 14.77 -32.62 -30.22
N VAL C 229 15.34 -32.26 -31.37
CA VAL C 229 15.46 -30.86 -31.79
C VAL C 229 14.85 -30.73 -33.17
N ALA C 230 14.22 -29.59 -33.44
CA ALA C 230 13.60 -29.32 -34.73
C ALA C 230 13.91 -27.89 -35.14
N VAL C 231 13.90 -27.65 -36.45
CA VAL C 231 14.25 -26.36 -37.03
C VAL C 231 13.25 -25.98 -38.11
N GLY C 232 13.20 -24.69 -38.42
CA GLY C 232 12.32 -24.21 -39.46
C GLY C 232 12.04 -22.73 -39.32
N SER C 233 11.32 -22.20 -40.30
CA SER C 233 10.90 -20.81 -40.32
C SER C 233 9.40 -20.72 -40.59
N PRO C 234 8.58 -20.62 -39.54
CA PRO C 234 8.94 -20.36 -38.13
C PRO C 234 9.52 -21.56 -37.40
N MET C 235 10.31 -21.28 -36.37
CA MET C 235 10.90 -22.35 -35.58
C MET C 235 9.78 -23.10 -34.85
N PRO C 236 9.63 -24.39 -35.06
CA PRO C 236 8.44 -25.10 -34.54
C PRO C 236 8.52 -25.35 -33.05
N TYR C 237 7.35 -25.30 -32.41
CA TYR C 237 7.24 -25.78 -31.04
C TYR C 237 7.54 -27.27 -31.00
N VAL C 238 8.24 -27.70 -29.94
CA VAL C 238 8.59 -29.10 -29.76
C VAL C 238 7.84 -29.64 -28.55
N LYS C 239 7.18 -30.78 -28.72
CA LYS C 239 6.35 -31.37 -27.68
C LYS C 239 6.49 -32.88 -27.70
N TRP C 240 6.50 -33.48 -26.52
CA TRP C 240 6.58 -34.93 -26.38
C TRP C 240 5.21 -35.50 -26.05
N MET C 241 4.92 -36.69 -26.58
CA MET C 241 3.66 -37.36 -26.33
C MET C 241 3.88 -38.86 -26.20
N LEU C 242 3.22 -39.47 -25.22
CA LEU C 242 3.09 -40.91 -25.12
C LEU C 242 1.69 -41.25 -25.61
N GLY C 243 1.60 -41.85 -26.79
CA GLY C 243 0.30 -42.06 -27.40
C GLY C 243 -0.37 -40.72 -27.67
N ALA C 244 -1.58 -40.54 -27.14
CA ALA C 244 -2.30 -39.29 -27.24
C ALA C 244 -2.09 -38.38 -26.03
N GLU C 245 -1.23 -38.77 -25.10
CA GLU C 245 -1.03 -38.04 -23.85
C GLU C 245 0.10 -37.03 -24.04
N ASP C 246 -0.25 -35.74 -23.99
CA ASP C 246 0.76 -34.70 -24.13
C ASP C 246 1.65 -34.67 -22.90
N LEU C 247 2.95 -34.79 -23.09
CA LEU C 247 3.90 -34.85 -22.00
C LEU C 247 4.44 -33.49 -21.60
N THR C 248 4.02 -32.42 -22.27
CA THR C 248 4.33 -31.06 -21.87
C THR C 248 3.06 -30.23 -22.00
N PRO C 249 2.78 -29.34 -21.04
CA PRO C 249 1.64 -28.44 -21.16
C PRO C 249 1.92 -27.30 -22.12
N GLU C 250 0.83 -26.71 -22.62
CA GLU C 250 0.95 -25.64 -23.60
C GLU C 250 1.62 -24.40 -23.02
N ASP C 251 1.64 -24.25 -21.69
CA ASP C 251 2.26 -23.08 -21.09
C ASP C 251 3.74 -23.00 -21.42
N ASP C 252 4.49 -24.06 -21.16
CA ASP C 252 5.90 -24.15 -21.52
C ASP C 252 6.03 -25.11 -22.69
N MET C 253 6.33 -24.58 -23.87
CA MET C 253 6.55 -25.37 -25.07
C MET C 253 7.86 -24.92 -25.69
N PRO C 254 8.96 -25.61 -25.38
CA PRO C 254 10.27 -25.17 -25.87
C PRO C 254 10.32 -25.12 -27.39
N ILE C 255 10.74 -23.98 -27.92
CA ILE C 255 10.78 -23.80 -29.37
C ILE C 255 11.97 -24.53 -29.97
N GLY C 256 13.17 -24.31 -29.41
CA GLY C 256 14.36 -24.94 -29.94
C GLY C 256 14.48 -26.43 -29.72
N ARG C 257 14.46 -26.85 -28.45
CA ARG C 257 14.86 -28.20 -28.08
C ARG C 257 14.00 -28.71 -26.93
N ASN C 258 13.56 -29.96 -27.04
CA ASN C 258 12.78 -30.61 -26.00
C ASN C 258 13.38 -31.99 -25.74
N VAL C 259 13.83 -32.22 -24.51
CA VAL C 259 14.40 -33.50 -24.11
C VAL C 259 13.42 -34.20 -23.18
N LEU C 260 13.26 -35.50 -23.37
CA LEU C 260 12.35 -36.32 -22.57
C LEU C 260 13.16 -37.12 -21.57
N GLU C 261 12.88 -36.91 -20.28
CA GLU C 261 13.56 -37.59 -19.20
C GLU C 261 12.56 -38.49 -18.49
N LEU C 262 12.70 -39.79 -18.65
CA LEU C 262 11.75 -40.78 -18.15
C LEU C 262 12.12 -41.20 -16.72
N ASN C 263 11.08 -41.46 -15.92
CA ASN C 263 11.25 -41.80 -14.51
C ASN C 263 10.81 -43.24 -14.27
N ASP C 264 11.79 -44.11 -14.00
CA ASP C 264 11.59 -45.45 -13.43
C ASP C 264 10.47 -46.23 -14.11
N VAL C 265 10.34 -46.08 -15.42
CA VAL C 265 9.32 -46.82 -16.15
C VAL C 265 9.85 -48.23 -16.41
N ARG C 266 9.17 -49.23 -15.85
CA ARG C 266 9.56 -50.63 -16.02
C ARG C 266 8.75 -51.37 -17.08
N GLN C 267 7.75 -50.71 -17.68
CA GLN C 267 7.02 -51.30 -18.79
C GLN C 267 7.48 -50.65 -20.10
N SER C 268 6.91 -51.13 -21.20
CA SER C 268 7.36 -50.73 -22.54
C SER C 268 6.28 -49.94 -23.25
N ALA C 269 6.69 -48.86 -23.91
CA ALA C 269 5.80 -48.05 -24.73
C ALA C 269 6.62 -47.30 -25.74
N ASN C 270 5.97 -46.85 -26.81
CA ASN C 270 6.62 -46.10 -27.87
C ASN C 270 6.30 -44.61 -27.71
N TYR C 271 7.34 -43.79 -27.65
CA TYR C 271 7.22 -42.35 -27.41
C TYR C 271 7.34 -41.59 -28.72
N THR C 272 6.59 -40.49 -28.81
CA THR C 272 6.54 -39.68 -30.03
C THR C 272 6.95 -38.26 -29.71
N CYS C 273 7.91 -37.74 -30.48
CA CYS C 273 8.31 -36.33 -30.41
C CYS C 273 7.65 -35.58 -31.56
N VAL C 274 7.04 -34.44 -31.26
CA VAL C 274 6.24 -33.68 -32.21
C VAL C 274 6.83 -32.29 -32.36
N ALA C 275 6.83 -31.78 -33.59
CA ALA C 275 7.26 -30.41 -33.90
C ALA C 275 6.15 -29.73 -34.68
N MET C 276 5.61 -28.65 -34.12
CA MET C 276 4.43 -27.99 -34.66
C MET C 276 4.76 -26.56 -35.07
N SER C 277 4.40 -26.20 -36.29
CA SER C 277 4.50 -24.83 -36.77
C SER C 277 3.33 -24.55 -37.70
N THR C 278 3.12 -23.27 -38.02
CA THR C 278 2.05 -22.90 -38.93
C THR C 278 2.22 -23.52 -40.31
N LEU C 279 3.41 -24.05 -40.62
CA LEU C 279 3.72 -24.67 -41.89
C LEU C 279 3.43 -26.16 -41.91
N GLY C 280 2.80 -26.69 -40.87
CA GLY C 280 2.46 -28.09 -40.77
C GLY C 280 3.26 -28.80 -39.70
N VAL C 281 2.79 -30.01 -39.38
CA VAL C 281 3.27 -30.77 -38.23
C VAL C 281 4.10 -31.95 -38.73
N ILE C 282 5.18 -32.24 -38.01
CA ILE C 282 5.99 -33.43 -38.23
C ILE C 282 6.15 -34.15 -36.90
N GLU C 283 6.17 -35.48 -36.94
CA GLU C 283 6.30 -36.29 -35.73
C GLU C 283 7.17 -37.49 -36.03
N ALA C 284 8.10 -37.78 -35.11
CA ALA C 284 9.00 -38.92 -35.22
C ALA C 284 8.88 -39.78 -33.97
N ILE C 285 9.36 -41.01 -34.09
CA ILE C 285 9.16 -42.04 -33.06
C ILE C 285 10.49 -42.33 -32.38
N ALA C 286 10.44 -42.48 -31.06
CA ALA C 286 11.58 -42.93 -30.25
C ALA C 286 11.14 -44.18 -29.50
N GLN C 287 11.87 -45.28 -29.70
CA GLN C 287 11.47 -46.58 -29.16
C GLN C 287 12.29 -46.91 -27.93
N ILE C 288 11.64 -46.93 -26.77
CA ILE C 288 12.23 -47.37 -25.51
C ILE C 288 11.69 -48.77 -25.22
N THR C 289 12.57 -49.75 -25.16
CA THR C 289 12.20 -51.14 -24.90
C THR C 289 12.86 -51.60 -23.61
N VAL C 290 12.06 -52.10 -22.69
CA VAL C 290 12.54 -52.58 -21.39
C VAL C 290 12.69 -54.09 -21.44
N LYS C 291 13.78 -54.59 -20.86
CA LYS C 291 14.02 -56.03 -20.80
C LYS C 291 13.84 -56.53 -19.37
N GLU D 1 49.17 24.01 57.17
CA GLU D 1 48.71 23.92 58.55
C GLU D 1 48.55 22.47 58.99
N THR D 2 47.43 21.86 58.59
CA THR D 2 47.15 20.47 58.93
C THR D 2 47.23 19.61 57.67
N PRO D 3 48.11 18.60 57.63
CA PRO D 3 48.17 17.70 56.47
C PRO D 3 46.84 17.01 56.25
N PRO D 4 46.57 16.52 55.04
CA PRO D 4 45.23 16.02 54.74
C PRO D 4 44.92 14.69 55.42
N ARG D 5 43.67 14.27 55.24
CA ARG D 5 43.19 13.02 55.82
C ARG D 5 42.05 12.52 54.96
N PHE D 6 41.91 11.19 54.85
CA PHE D 6 40.88 10.60 54.00
C PHE D 6 39.62 10.41 54.83
N THR D 7 38.58 11.19 54.53
CA THR D 7 37.30 11.02 55.19
C THR D 7 36.50 9.88 54.60
N ARG D 8 36.65 9.63 53.29
CA ARG D 8 36.02 8.50 52.65
C ARG D 8 36.91 8.05 51.50
N THR D 9 36.99 6.73 51.28
CA THR D 9 37.84 6.14 50.28
C THR D 9 37.04 5.17 49.42
N PRO D 10 37.47 4.96 48.17
CA PRO D 10 36.72 4.04 47.29
C PRO D 10 36.87 2.58 47.69
N VAL D 11 36.21 1.69 46.94
CA VAL D 11 36.26 0.26 47.18
C VAL D 11 36.39 -0.46 45.85
N ASP D 12 36.86 -1.71 45.91
CA ASP D 12 36.97 -2.52 44.71
C ASP D 12 35.58 -2.74 44.11
N GLN D 13 35.50 -2.63 42.79
CA GLN D 13 34.22 -2.71 42.10
C GLN D 13 34.34 -3.60 40.88
N THR D 14 33.21 -4.18 40.49
CA THR D 14 33.13 -5.03 39.31
C THR D 14 31.85 -4.72 38.56
N GLY D 15 31.96 -4.63 37.23
CA GLY D 15 30.83 -4.20 36.42
C GLY D 15 30.83 -4.86 35.07
N VAL D 16 29.75 -4.64 34.34
CA VAL D 16 29.53 -5.28 33.04
C VAL D 16 30.13 -4.45 31.92
N SER D 17 30.04 -4.94 30.69
CA SER D 17 30.48 -4.19 29.52
C SER D 17 29.33 -3.29 29.06
N GLY D 18 29.57 -1.98 29.09
CA GLY D 18 28.54 -1.01 28.80
C GLY D 18 27.92 -0.37 30.03
N GLY D 19 28.17 -0.92 31.22
CA GLY D 19 27.72 -0.32 32.46
C GLY D 19 28.61 0.84 32.85
N VAL D 20 28.50 1.24 34.11
CA VAL D 20 29.30 2.33 34.65
C VAL D 20 29.88 1.89 36.00
N ALA D 21 30.72 2.75 36.57
CA ALA D 21 31.30 2.53 37.88
C ALA D 21 31.62 3.88 38.51
N SER D 22 31.55 3.94 39.84
CA SER D 22 31.79 5.18 40.58
C SER D 22 32.73 4.91 41.74
N PHE D 23 33.74 5.77 41.89
CA PHE D 23 34.68 5.71 43.00
C PHE D 23 34.61 7.02 43.77
N ILE D 24 34.17 6.95 45.02
CA ILE D 24 33.95 8.14 45.84
C ILE D 24 35.17 8.35 46.73
N CYS D 25 35.81 9.51 46.60
CA CYS D 25 36.97 9.86 47.41
C CYS D 25 36.81 11.31 47.87
N GLN D 26 36.77 11.51 49.18
CA GLN D 26 36.69 12.86 49.75
C GLN D 26 37.60 12.94 50.96
N ALA D 27 38.18 14.12 51.16
CA ALA D 27 39.23 14.32 52.15
C ALA D 27 39.01 15.63 52.88
N THR D 28 39.73 15.79 53.99
CA THR D 28 39.71 17.02 54.77
C THR D 28 41.13 17.54 54.93
N GLY D 29 41.25 18.85 55.15
CA GLY D 29 42.56 19.44 55.35
C GLY D 29 42.51 20.95 55.24
N ASP D 30 43.59 21.56 55.70
CA ASP D 30 43.76 23.01 55.65
C ASP D 30 45.16 23.33 55.13
N PRO D 31 45.31 23.58 53.82
CA PRO D 31 44.32 23.89 52.78
C PRO D 31 43.45 22.74 52.33
N ARG D 32 42.35 23.08 51.64
CA ARG D 32 41.47 22.07 51.07
C ARG D 32 42.27 21.10 50.20
N PRO D 33 42.12 19.79 50.41
CA PRO D 33 42.94 18.83 49.65
C PRO D 33 42.55 18.79 48.18
N LYS D 34 43.56 18.78 47.33
CA LYS D 34 43.34 18.62 45.89
C LYS D 34 43.20 17.13 45.58
N ILE D 35 42.06 16.75 45.04
CA ILE D 35 41.79 15.35 44.72
C ILE D 35 42.24 15.07 43.30
N VAL D 36 43.04 14.02 43.13
CA VAL D 36 43.53 13.61 41.82
C VAL D 36 43.18 12.14 41.62
N TRP D 37 42.80 11.79 40.39
CA TRP D 37 42.52 10.40 40.03
C TRP D 37 43.56 9.93 39.01
N ASN D 38 44.23 8.82 39.33
CA ASN D 38 45.33 8.31 38.52
C ASN D 38 45.01 6.91 38.02
N LYS D 39 45.36 6.66 36.75
CA LYS D 39 45.45 5.31 36.21
C LYS D 39 46.93 5.01 36.04
N LYS D 40 47.40 3.96 36.74
CA LYS D 40 48.82 3.68 36.91
C LYS D 40 49.44 4.91 37.58
N GLY D 41 50.46 5.53 37.02
CA GLY D 41 51.10 6.67 37.65
C GLY D 41 50.78 8.01 37.02
N LYS D 42 49.70 8.08 36.25
CA LYS D 42 49.34 9.30 35.53
C LYS D 42 47.86 9.60 35.71
N LYS D 43 47.55 10.87 35.74
CA LYS D 43 46.17 11.30 35.91
C LYS D 43 45.30 10.77 34.77
N VAL D 44 44.10 10.32 35.11
CA VAL D 44 43.22 9.69 34.15
C VAL D 44 42.74 10.71 33.13
N SER D 45 42.80 10.34 31.85
CA SER D 45 42.20 11.14 30.79
C SER D 45 41.65 10.21 29.72
N ASN D 46 40.42 10.46 29.29
CA ASN D 46 39.76 9.77 28.19
C ASN D 46 38.36 10.34 28.08
N GLN D 47 37.69 10.02 26.96
CA GLN D 47 36.35 10.53 26.73
C GLN D 47 35.34 9.93 27.71
N ARG D 48 35.59 8.71 28.18
CA ARG D 48 34.65 8.02 29.06
C ARG D 48 34.90 8.26 30.53
N PHE D 49 36.02 8.86 30.91
CA PHE D 49 36.35 9.11 32.31
C PHE D 49 35.96 10.53 32.67
N GLU D 50 35.00 10.67 33.59
CA GLU D 50 34.47 11.97 33.97
C GLU D 50 34.54 12.10 35.49
N VAL D 51 35.25 13.12 35.95
CA VAL D 51 35.37 13.40 37.38
C VAL D 51 34.29 14.41 37.77
N ILE D 52 33.67 14.19 38.93
CA ILE D 52 32.59 15.03 39.42
C ILE D 52 32.95 15.49 40.82
N GLU D 53 33.18 16.79 40.99
CA GLU D 53 33.48 17.33 42.31
C GLU D 53 32.24 17.32 43.19
N PHE D 54 32.48 17.32 44.51
CA PHE D 54 31.40 17.39 45.48
C PHE D 54 31.02 18.82 45.77
N ASP D 55 29.72 19.04 46.01
CA ASP D 55 29.25 20.37 46.36
C ASP D 55 29.92 20.88 47.63
N ASP D 56 30.36 19.96 48.50
CA ASP D 56 31.10 20.38 49.69
C ASP D 56 32.47 20.93 49.34
N GLY D 57 33.07 20.44 48.26
CA GLY D 57 34.48 20.68 48.00
C GLY D 57 35.41 19.73 48.71
N SER D 58 34.88 18.78 49.48
CA SER D 58 35.72 17.83 50.19
C SER D 58 36.46 16.90 49.24
N GLY D 59 35.83 16.53 48.13
CA GLY D 59 36.42 15.57 47.23
C GLY D 59 35.66 15.51 45.93
N SER D 60 35.90 14.45 45.17
CA SER D 60 35.29 14.27 43.87
C SER D 60 34.77 12.85 43.73
N VAL D 61 34.24 12.54 42.54
CA VAL D 61 33.75 11.21 42.22
C VAL D 61 34.24 10.87 40.81
N LEU D 62 34.87 9.71 40.66
CA LEU D 62 35.32 9.24 39.36
C LEU D 62 34.25 8.32 38.78
N ARG D 63 33.70 8.72 37.63
CA ARG D 63 32.64 7.97 36.97
C ARG D 63 33.12 7.57 35.57
N ILE D 64 33.02 6.28 35.27
CA ILE D 64 33.50 5.72 34.02
C ILE D 64 32.30 5.20 33.25
N GLN D 65 31.93 5.88 32.17
CA GLN D 65 30.85 5.39 31.32
C GLN D 65 31.14 5.59 29.83
N PRO D 66 30.84 4.57 29.01
CA PRO D 66 30.52 3.21 29.48
C PRO D 66 31.78 2.43 29.81
N LEU D 67 31.63 1.17 30.26
CA LEU D 67 32.77 0.36 30.66
C LEU D 67 33.28 -0.45 29.48
N ARG D 68 34.58 -0.32 29.20
CA ARG D 68 35.23 -0.99 28.07
C ARG D 68 36.21 -2.03 28.62
N THR D 69 35.90 -3.30 28.39
CA THR D 69 36.76 -4.41 28.79
C THR D 69 37.55 -4.99 27.61
N PRO D 70 38.85 -5.26 27.83
CA PRO D 70 39.64 -4.88 29.01
C PRO D 70 40.47 -3.61 28.84
N ARG D 71 39.87 -2.49 28.44
CA ARG D 71 40.63 -1.25 28.41
C ARG D 71 40.68 -0.59 29.78
N ASP D 72 39.58 -0.64 30.51
CA ASP D 72 39.47 0.02 31.81
C ASP D 72 39.96 -0.84 32.96
N GLU D 73 40.20 -2.13 32.75
CA GLU D 73 40.71 -2.98 33.81
C GLU D 73 42.10 -2.52 34.20
N ALA D 74 42.27 -2.17 35.48
CA ALA D 74 43.51 -1.60 36.00
C ALA D 74 43.29 -1.24 37.46
N ILE D 75 44.36 -0.80 38.11
CA ILE D 75 44.31 -0.23 39.45
C ILE D 75 44.23 1.28 39.32
N TYR D 76 43.42 1.90 40.17
CA TYR D 76 43.23 3.35 40.14
C TYR D 76 43.56 3.95 41.50
N GLU D 77 43.94 5.22 41.49
CA GLU D 77 44.55 5.86 42.65
C GLU D 77 43.92 7.21 42.91
N CYS D 78 43.35 7.39 44.10
CA CYS D 78 42.95 8.71 44.58
C CYS D 78 44.10 9.34 45.36
N VAL D 79 44.36 10.61 45.10
CA VAL D 79 45.47 11.32 45.71
C VAL D 79 44.94 12.61 46.33
N ALA D 80 45.08 12.73 47.65
CA ALA D 80 44.72 13.95 48.37
C ALA D 80 46.01 14.69 48.72
N SER D 81 46.22 15.84 48.10
CA SER D 81 47.45 16.60 48.28
C SER D 81 47.12 18.05 48.62
N ASN D 82 47.98 18.63 49.45
CA ASN D 82 47.87 20.04 49.81
C ASN D 82 49.28 20.55 50.12
N ASN D 83 49.33 21.74 50.73
CA ASN D 83 50.61 22.38 51.04
C ASN D 83 51.55 21.44 51.80
N VAL D 84 51.09 20.92 52.95
CA VAL D 84 51.96 20.20 53.86
C VAL D 84 51.87 18.68 53.73
N GLY D 85 51.07 18.15 52.80
CA GLY D 85 50.93 16.71 52.74
C GLY D 85 50.42 16.20 51.41
N GLU D 86 50.75 14.93 51.14
CA GLU D 86 50.24 14.18 50.01
C GLU D 86 49.97 12.75 50.46
N ILE D 87 48.75 12.27 50.24
CA ILE D 87 48.34 10.94 50.69
C ILE D 87 47.55 10.27 49.58
N SER D 88 47.55 8.94 49.59
CA SER D 88 47.07 8.16 48.46
C SER D 88 46.21 7.00 48.92
N VAL D 89 45.34 6.54 48.01
CA VAL D 89 44.46 5.39 48.20
C VAL D 89 44.34 4.67 46.86
N SER D 90 44.22 3.35 46.90
CA SER D 90 44.13 2.53 45.69
C SER D 90 42.88 1.67 45.71
N THR D 91 42.36 1.38 44.52
CA THR D 91 41.24 0.46 44.34
C THR D 91 41.33 -0.19 42.97
N ARG D 92 40.84 -1.42 42.88
CA ARG D 92 40.92 -2.22 41.65
C ARG D 92 39.56 -2.28 40.97
N LEU D 93 39.55 -2.05 39.66
CA LEU D 93 38.34 -2.16 38.85
C LEU D 93 38.51 -3.30 37.86
N THR D 94 37.61 -4.28 37.94
CA THR D 94 37.56 -5.38 36.98
C THR D 94 36.23 -5.33 36.24
N VAL D 95 36.27 -5.50 34.93
CA VAL D 95 35.10 -5.39 34.08
C VAL D 95 34.99 -6.65 33.23
N LEU D 96 33.90 -7.39 33.38
CA LEU D 96 33.66 -8.59 32.61
C LEU D 96 32.53 -8.35 31.61
N ARG D 97 32.63 -9.00 30.45
CA ARG D 97 31.74 -8.73 29.34
C ARG D 97 30.39 -9.42 29.54
N GLU D 98 29.52 -9.28 28.53
CA GLU D 98 28.11 -9.66 28.69
C GLU D 98 27.92 -11.17 28.74
N ASP D 99 28.79 -11.95 28.09
CA ASP D 99 28.67 -13.40 28.18
C ASP D 99 29.42 -13.98 29.37
N GLN D 100 30.25 -13.18 30.04
CA GLN D 100 30.96 -13.62 31.23
C GLN D 100 30.17 -13.42 32.51
N ILE D 101 28.95 -12.91 32.42
CA ILE D 101 28.14 -12.62 33.60
C ILE D 101 27.73 -13.92 34.28
N PRO D 102 28.12 -14.14 35.53
CA PRO D 102 27.64 -15.32 36.26
C PRO D 102 26.22 -15.13 36.75
N ARG D 103 25.54 -16.27 36.95
CA ARG D 103 24.22 -16.24 37.55
C ARG D 103 24.32 -15.77 38.99
N GLY D 104 23.35 -14.94 39.41
CA GLY D 104 23.40 -14.31 40.71
C GLY D 104 24.01 -12.93 40.71
N PHE D 105 24.65 -12.53 39.62
CA PHE D 105 25.10 -11.16 39.47
C PHE D 105 23.92 -10.21 39.61
N PRO D 106 24.08 -9.04 40.24
CA PRO D 106 22.93 -8.16 40.47
C PRO D 106 22.23 -7.81 39.16
N THR D 107 20.93 -8.02 39.14
CA THR D 107 20.09 -7.67 38.00
C THR D 107 18.95 -6.79 38.48
N ILE D 108 18.64 -5.76 37.70
CA ILE D 108 17.57 -4.83 38.06
C ILE D 108 16.30 -5.35 37.43
N ASP D 109 15.37 -5.82 38.27
CA ASP D 109 14.13 -6.40 37.77
C ASP D 109 13.16 -5.30 37.33
N MET D 110 13.09 -4.22 38.14
CA MET D 110 12.28 -3.06 37.78
C MET D 110 13.10 -1.80 38.07
N GLY D 111 13.35 -1.05 37.03
CA GLY D 111 14.13 0.17 37.18
C GLY D 111 13.27 1.38 37.38
N PRO D 112 13.90 2.52 37.71
CA PRO D 112 13.14 3.76 37.88
C PRO D 112 12.61 4.29 36.56
N GLN D 113 11.56 5.07 36.65
CA GLN D 113 10.90 5.66 35.48
C GLN D 113 10.84 7.18 35.62
N LEU D 114 10.28 7.83 34.62
CA LEU D 114 9.99 9.25 34.71
C LEU D 114 9.01 9.50 35.85
N LYS D 115 9.30 10.49 36.68
CA LYS D 115 8.42 10.84 37.78
C LYS D 115 8.32 12.36 37.88
N VAL D 116 7.10 12.87 37.89
CA VAL D 116 6.83 14.29 38.01
C VAL D 116 6.06 14.51 39.31
N VAL D 117 6.62 15.33 40.19
CA VAL D 117 6.07 15.56 41.52
C VAL D 117 5.86 17.06 41.70
N GLU D 118 4.79 17.42 42.40
CA GLU D 118 4.58 18.81 42.79
C GLU D 118 5.50 19.17 43.94
N ARG D 119 5.87 20.44 44.01
CA ARG D 119 6.79 20.90 45.04
C ARG D 119 6.19 20.70 46.43
N THR D 120 7.07 20.38 47.39
CA THR D 120 6.68 20.11 48.78
C THR D 120 5.70 18.94 48.88
N ARG D 121 5.82 17.97 47.99
CA ARG D 121 5.10 16.71 48.08
C ARG D 121 6.11 15.57 48.06
N THR D 122 5.60 14.33 48.16
CA THR D 122 6.44 13.16 48.31
C THR D 122 6.62 12.48 46.95
N ALA D 123 7.87 12.38 46.51
CA ALA D 123 8.23 11.66 45.30
C ALA D 123 8.95 10.37 45.67
N THR D 124 8.61 9.29 44.98
CA THR D 124 9.16 7.96 45.28
C THR D 124 9.72 7.36 43.99
N MET D 125 11.05 7.21 43.94
CA MET D 125 11.72 6.63 42.77
C MET D 125 11.90 5.13 43.01
N LEU D 126 11.19 4.32 42.24
CA LEU D 126 11.14 2.89 42.46
C LEU D 126 12.38 2.18 41.93
N CYS D 127 12.77 1.10 42.62
CA CYS D 127 13.81 0.21 42.11
C CYS D 127 13.59 -1.18 42.68
N ALA D 128 13.97 -2.18 41.90
CA ALA D 128 13.94 -3.58 42.33
C ALA D 128 15.14 -4.29 41.75
N ALA D 129 15.78 -5.14 42.56
CA ALA D 129 16.96 -5.86 42.11
C ALA D 129 17.00 -7.23 42.78
N SER D 130 17.67 -8.16 42.13
CA SER D 130 17.81 -9.51 42.63
C SER D 130 19.19 -10.06 42.28
N GLY D 131 19.56 -11.15 42.95
CA GLY D 131 20.83 -11.79 42.74
C GLY D 131 21.22 -12.63 43.93
N ASN D 132 22.31 -13.36 43.76
CA ASN D 132 22.87 -14.18 44.83
C ASN D 132 24.26 -13.71 45.23
N PRO D 133 24.43 -13.18 46.45
CA PRO D 133 23.35 -12.98 47.43
C PRO D 133 22.48 -11.77 47.10
N ASP D 134 21.48 -11.51 47.93
CA ASP D 134 20.58 -10.38 47.68
C ASP D 134 21.38 -9.08 47.63
N PRO D 135 21.25 -8.30 46.57
CA PRO D 135 22.09 -7.12 46.40
C PRO D 135 21.65 -5.96 47.30
N GLU D 136 22.60 -5.08 47.57
CA GLU D 136 22.33 -3.86 48.32
C GLU D 136 22.09 -2.71 47.35
N ILE D 137 21.08 -1.90 47.64
CA ILE D 137 20.65 -0.83 46.75
C ILE D 137 21.21 0.49 47.24
N THR D 138 21.90 1.21 46.35
CA THR D 138 22.34 2.57 46.61
C THR D 138 21.89 3.44 45.43
N TRP D 139 21.79 4.74 45.69
CA TRP D 139 21.24 5.68 44.72
C TRP D 139 22.25 6.75 44.35
N PHE D 140 22.17 7.20 43.09
CA PHE D 140 23.03 8.24 42.57
C PHE D 140 22.17 9.27 41.86
N LYS D 141 22.29 10.54 42.27
CA LYS D 141 21.60 11.66 41.62
C LYS D 141 22.64 12.56 40.98
N ASP D 142 22.55 12.72 39.66
CA ASP D 142 23.46 13.59 38.90
C ASP D 142 24.92 13.18 39.13
N PHE D 143 25.18 11.89 38.96
CA PHE D 143 26.51 11.29 39.09
C PHE D 143 27.09 11.48 40.49
N LEU D 144 26.24 11.66 41.50
CA LEU D 144 26.71 11.85 42.86
C LEU D 144 25.94 10.91 43.78
N PRO D 145 26.60 10.35 44.80
CA PRO D 145 25.91 9.43 45.71
C PRO D 145 24.86 10.16 46.52
N VAL D 146 23.65 9.59 46.55
CA VAL D 146 22.58 10.13 47.37
C VAL D 146 22.83 9.74 48.81
N ASP D 147 22.62 10.69 49.73
CA ASP D 147 22.82 10.42 51.15
C ASP D 147 21.50 9.95 51.73
N THR D 148 21.42 8.66 52.04
CA THR D 148 20.25 8.03 52.61
C THR D 148 20.34 7.89 54.12
N SER D 149 21.40 8.43 54.74
CA SER D 149 21.67 8.21 56.15
C SER D 149 20.46 8.53 57.01
N ASN D 150 20.23 7.67 58.01
CA ASN D 150 19.10 7.81 58.92
C ASN D 150 19.20 9.05 59.79
N ASN D 151 20.33 9.76 59.77
CA ASN D 151 20.41 11.07 60.40
C ASN D 151 19.28 11.95 59.89
N ASN D 152 18.69 12.73 60.80
CA ASN D 152 17.45 13.44 60.50
C ASN D 152 17.60 14.27 59.23
N GLY D 153 16.72 14.04 58.27
CA GLY D 153 16.86 14.66 56.97
C GLY D 153 15.72 14.26 56.06
N ARG D 154 15.77 14.81 54.85
CA ARG D 154 14.67 14.71 53.91
C ARG D 154 14.65 13.35 53.20
N ILE D 155 15.80 12.92 52.68
CA ILE D 155 15.87 11.79 51.76
C ILE D 155 15.99 10.49 52.55
N LYS D 156 15.14 9.52 52.23
CA LYS D 156 15.07 8.28 52.97
C LYS D 156 14.85 7.12 52.01
N GLN D 157 15.61 6.04 52.19
CA GLN D 157 15.48 4.84 51.37
C GLN D 157 14.62 3.82 52.09
N LEU D 158 13.78 3.15 51.31
CA LEU D 158 12.74 2.31 51.86
C LEU D 158 13.23 0.87 51.97
N ARG D 159 12.36 0.04 52.56
CA ARG D 159 12.62 -1.39 52.63
C ARG D 159 12.78 -1.96 51.24
N SER D 160 11.85 -1.60 50.35
CA SER D 160 12.09 -1.83 48.94
C SER D 160 13.22 -0.93 48.49
N GLY D 161 13.80 -1.27 47.35
CA GLY D 161 14.88 -0.45 46.82
C GLY D 161 14.47 0.96 46.47
N ALA D 162 13.19 1.28 46.52
CA ALA D 162 12.71 2.60 46.14
C ALA D 162 13.26 3.68 47.06
N LEU D 163 13.62 4.81 46.47
CA LEU D 163 14.04 6.00 47.20
C LEU D 163 12.87 6.95 47.33
N GLN D 164 12.77 7.62 48.48
CA GLN D 164 11.64 8.48 48.79
C GLN D 164 12.13 9.86 49.18
N ILE D 165 11.60 10.89 48.54
CA ILE D 165 11.92 12.28 48.84
C ILE D 165 10.63 12.97 49.26
N GLU D 166 10.51 13.28 50.54
CA GLU D 166 9.42 14.11 51.04
C GLU D 166 9.77 15.59 50.86
N GLN D 167 8.74 16.42 50.77
CA GLN D 167 8.88 17.87 50.65
C GLN D 167 9.90 18.23 49.57
N SER D 168 9.50 17.92 48.33
CA SER D 168 10.43 17.97 47.20
C SER D 168 10.81 19.41 46.88
N GLU D 169 12.11 19.68 46.88
CA GLU D 169 12.62 20.98 46.46
C GLU D 169 12.77 21.02 44.94
N GLU D 170 13.18 22.17 44.43
CA GLU D 170 13.49 22.28 43.01
C GLU D 170 14.83 21.64 42.68
N SER D 171 15.80 21.73 43.61
CA SER D 171 17.09 21.10 43.42
C SER D 171 17.01 19.58 43.49
N ASP D 172 15.86 19.02 43.88
CA ASP D 172 15.72 17.56 43.91
C ASP D 172 15.66 16.98 42.51
N GLN D 173 15.21 17.76 41.53
CA GLN D 173 15.02 17.21 40.19
C GLN D 173 16.36 16.98 39.51
N GLY D 174 16.44 15.91 38.73
CA GLY D 174 17.67 15.55 38.06
C GLY D 174 17.58 14.12 37.54
N LYS D 175 18.75 13.54 37.32
CA LYS D 175 18.87 12.18 36.82
C LYS D 175 19.22 11.25 37.98
N TYR D 176 18.32 10.31 38.28
CA TYR D 176 18.51 9.37 39.36
C TYR D 176 18.90 8.00 38.81
N GLU D 177 19.78 7.31 39.53
CA GLU D 177 20.27 5.99 39.13
C GLU D 177 20.25 5.04 40.32
N CYS D 178 19.70 3.85 40.10
CA CYS D 178 19.67 2.80 41.11
C CYS D 178 20.84 1.86 40.91
N VAL D 179 21.50 1.50 42.01
CA VAL D 179 22.75 0.75 41.97
C VAL D 179 22.61 -0.46 42.87
N ALA D 180 22.70 -1.66 42.29
CA ALA D 180 22.67 -2.91 43.03
C ALA D 180 24.08 -3.48 43.12
N THR D 181 24.50 -3.83 44.33
CA THR D 181 25.86 -4.29 44.57
C THR D 181 25.85 -5.54 45.43
N ASN D 182 26.70 -6.50 45.09
CA ASN D 182 26.91 -7.68 45.91
C ASN D 182 28.30 -8.23 45.64
N SER D 183 28.60 -9.37 46.26
CA SER D 183 29.91 -10.01 46.09
C SER D 183 30.23 -10.29 44.63
N ALA D 184 29.22 -10.45 43.78
CA ALA D 184 29.46 -10.72 42.36
C ALA D 184 29.83 -9.47 41.57
N GLY D 185 29.45 -8.29 42.03
CA GLY D 185 29.78 -7.08 41.30
C GLY D 185 28.76 -5.99 41.56
N THR D 186 28.71 -5.06 40.61
CA THR D 186 27.87 -3.87 40.71
C THR D 186 27.17 -3.63 39.38
N ARG D 187 25.87 -3.32 39.45
CA ARG D 187 25.06 -3.09 38.26
C ARG D 187 24.21 -1.85 38.46
N TYR D 188 24.17 -0.99 37.44
CA TYR D 188 23.38 0.24 37.47
C TYR D 188 22.10 0.06 36.67
N SER D 189 21.00 0.57 37.22
CA SER D 189 19.74 0.61 36.49
C SER D 189 19.79 1.70 35.42
N ALA D 190 18.89 1.59 34.45
CA ALA D 190 18.75 2.63 33.46
C ALA D 190 18.39 3.95 34.12
N PRO D 191 18.99 5.06 33.70
CA PRO D 191 18.72 6.34 34.38
C PRO D 191 17.29 6.82 34.15
N ALA D 192 16.76 7.51 35.16
CA ALA D 192 15.42 8.04 35.10
C ALA D 192 15.42 9.48 35.60
N ASN D 193 14.52 10.28 35.06
CA ASN D 193 14.42 11.70 35.40
C ASN D 193 13.29 11.95 36.39
N LEU D 194 13.57 12.78 37.38
CA LEU D 194 12.55 13.31 38.29
C LEU D 194 12.33 14.77 37.92
N TYR D 195 11.08 15.12 37.61
CA TYR D 195 10.71 16.49 37.25
C TYR D 195 9.96 17.12 38.41
N VAL D 196 10.47 18.24 38.90
CA VAL D 196 9.84 18.98 40.00
C VAL D 196 9.11 20.17 39.40
N ARG D 197 7.80 20.23 39.63
CA ARG D 197 6.95 21.28 39.10
C ARG D 197 6.31 22.05 40.25
N GLU D 198 5.86 23.27 39.93
CA GLU D 198 5.26 24.12 40.94
C GLU D 198 3.98 23.50 41.48
N LEU D 199 3.68 23.78 42.75
CA LEU D 199 2.51 23.24 43.40
C LEU D 199 1.26 23.94 42.89
N ARG D 200 0.30 23.16 42.40
CA ARG D 200 -1.04 23.65 42.07
C ARG D 200 -2.03 22.93 42.97
N GLU D 201 -2.70 23.68 43.83
CA GLU D 201 -3.66 23.11 44.78
C GLU D 201 -5.07 23.23 44.21
N VAL D 202 -5.81 22.13 44.26
CA VAL D 202 -7.20 22.08 43.83
C VAL D 202 -8.00 21.39 44.92
N ARG D 203 -9.27 21.75 45.04
CA ARG D 203 -10.13 21.12 46.04
C ARG D 203 -10.41 19.67 45.64
N ARG D 204 -10.12 18.75 46.55
CA ARG D 204 -10.30 17.32 46.31
C ARG D 204 -11.57 16.84 47.03
N VAL D 205 -12.47 16.22 46.28
CA VAL D 205 -13.75 15.77 46.79
C VAL D 205 -13.80 14.25 46.69
N PRO D 206 -13.91 13.54 47.82
CA PRO D 206 -14.07 12.08 47.77
C PRO D 206 -15.39 11.71 47.11
N PRO D 207 -15.50 10.49 46.59
CA PRO D 207 -16.72 10.11 45.86
C PRO D 207 -17.93 10.04 46.79
N ARG D 208 -19.03 10.60 46.32
CA ARG D 208 -20.34 10.41 46.94
C ARG D 208 -21.33 10.06 45.83
N PHE D 209 -22.36 9.30 46.18
CA PHE D 209 -23.33 8.88 45.19
C PHE D 209 -24.28 10.03 44.89
N SER D 210 -24.29 10.49 43.65
CA SER D 210 -25.30 11.47 43.24
C SER D 210 -26.64 10.80 43.07
N ILE D 211 -26.68 9.69 42.33
CA ILE D 211 -27.84 8.81 42.31
C ILE D 211 -27.41 7.46 42.88
N PRO D 212 -27.83 7.11 44.09
CA PRO D 212 -27.49 5.79 44.63
C PRO D 212 -28.29 4.72 43.91
N PRO D 213 -27.80 3.48 43.89
CA PRO D 213 -28.54 2.40 43.23
C PRO D 213 -29.89 2.18 43.90
N THR D 214 -30.94 2.16 43.09
CA THR D 214 -32.30 2.06 43.60
C THR D 214 -32.70 0.60 43.75
N ASN D 215 -33.18 0.24 44.95
CA ASN D 215 -33.73 -1.09 45.16
C ASN D 215 -34.91 -1.30 44.25
N HIS D 216 -34.88 -2.38 43.47
CA HIS D 216 -35.90 -2.62 42.46
C HIS D 216 -36.51 -4.01 42.65
N GLU D 217 -37.82 -4.09 42.44
CA GLU D 217 -38.56 -5.34 42.53
C GLU D 217 -39.19 -5.62 41.17
N ILE D 218 -38.70 -6.66 40.50
CA ILE D 218 -39.27 -7.13 39.25
C ILE D 218 -39.42 -8.65 39.35
N MET D 219 -40.61 -9.14 38.98
CA MET D 219 -40.85 -10.58 38.98
C MET D 219 -39.93 -11.27 37.97
N PRO D 220 -39.65 -12.55 38.17
CA PRO D 220 -38.66 -13.23 37.31
C PRO D 220 -38.99 -13.14 35.84
N GLY D 221 -37.94 -13.18 35.01
CA GLY D 221 -38.08 -13.13 33.57
C GLY D 221 -37.97 -11.75 32.97
N GLY D 222 -38.11 -10.69 33.78
CA GLY D 222 -38.12 -9.34 33.26
C GLY D 222 -36.72 -8.76 33.13
N SER D 223 -36.69 -7.49 32.70
CA SER D 223 -35.45 -6.74 32.51
C SER D 223 -35.62 -5.36 33.09
N VAL D 224 -34.68 -4.94 33.95
CA VAL D 224 -34.76 -3.66 34.62
C VAL D 224 -33.47 -2.89 34.41
N ASN D 225 -33.58 -1.57 34.52
CA ASN D 225 -32.46 -0.64 34.45
C ASN D 225 -32.29 0.03 35.81
N ILE D 226 -31.11 -0.10 36.39
CA ILE D 226 -30.78 0.51 37.68
C ILE D 226 -29.82 1.65 37.40
N THR D 227 -30.17 2.86 37.84
CA THR D 227 -29.36 4.04 37.62
C THR D 227 -28.43 4.24 38.81
N CYS D 228 -27.11 4.19 38.56
CA CYS D 228 -26.11 4.44 39.59
C CYS D 228 -25.16 5.53 39.08
N VAL D 229 -25.19 6.69 39.73
CA VAL D 229 -24.38 7.83 39.35
C VAL D 229 -23.61 8.30 40.57
N ALA D 230 -22.32 8.61 40.38
CA ALA D 230 -21.46 9.11 41.44
C ALA D 230 -20.72 10.34 40.95
N VAL D 231 -20.28 11.17 41.91
CA VAL D 231 -19.63 12.44 41.62
C VAL D 231 -18.43 12.62 42.53
N GLY D 232 -17.50 13.47 42.11
CA GLY D 232 -16.33 13.76 42.90
C GLY D 232 -15.24 14.39 42.06
N SER D 233 -14.17 14.78 42.76
CA SER D 233 -12.99 15.37 42.13
C SER D 233 -11.73 14.64 42.61
N PRO D 234 -11.25 13.65 41.85
CA PRO D 234 -11.64 13.30 40.48
C PRO D 234 -12.97 12.56 40.38
N MET D 235 -13.60 12.63 39.22
CA MET D 235 -14.86 11.94 39.00
C MET D 235 -14.61 10.43 39.03
N PRO D 236 -15.26 9.69 39.91
CA PRO D 236 -14.91 8.28 40.09
C PRO D 236 -15.43 7.41 38.96
N TYR D 237 -14.66 6.37 38.65
CA TYR D 237 -15.14 5.30 37.79
C TYR D 237 -16.31 4.60 38.45
N VAL D 238 -17.30 4.21 37.65
CA VAL D 238 -18.47 3.49 38.15
C VAL D 238 -18.48 2.10 37.54
N LYS D 239 -18.64 1.09 38.40
CA LYS D 239 -18.55 -0.31 37.99
C LYS D 239 -19.57 -1.12 38.78
N TRP D 240 -20.23 -2.06 38.11
CA TRP D 240 -21.20 -2.94 38.75
C TRP D 240 -20.57 -4.28 39.06
N MET D 241 -20.98 -4.88 40.17
CA MET D 241 -20.49 -6.19 40.59
C MET D 241 -21.61 -7.00 41.22
N LEU D 242 -21.68 -8.27 40.86
CA LEU D 242 -22.50 -9.26 41.54
C LEU D 242 -21.54 -10.07 42.41
N GLY D 243 -21.61 -9.87 43.72
CA GLY D 243 -20.61 -10.48 44.60
C GLY D 243 -19.23 -9.95 44.25
N ALA D 244 -18.31 -10.87 43.97
CA ALA D 244 -16.96 -10.52 43.55
C ALA D 244 -16.80 -10.48 42.04
N GLU D 245 -17.89 -10.67 41.28
CA GLU D 245 -17.84 -10.75 39.83
C GLU D 245 -18.05 -9.37 39.23
N ASP D 246 -17.00 -8.84 38.60
CA ASP D 246 -17.09 -7.52 37.97
C ASP D 246 -18.00 -7.60 36.75
N LEU D 247 -19.03 -6.77 36.72
CA LEU D 247 -20.01 -6.78 35.63
C LEU D 247 -19.65 -5.85 34.49
N THR D 248 -18.53 -5.12 34.59
CA THR D 248 -18.03 -4.33 33.49
C THR D 248 -16.52 -4.54 33.40
N PRO D 249 -15.97 -4.66 32.20
CA PRO D 249 -14.51 -4.78 32.06
C PRO D 249 -13.82 -3.43 32.23
N GLU D 250 -12.54 -3.50 32.56
CA GLU D 250 -11.76 -2.28 32.78
C GLU D 250 -11.60 -1.44 31.51
N ASP D 251 -11.80 -2.04 30.34
CA ASP D 251 -11.66 -1.29 29.09
C ASP D 251 -12.66 -0.15 29.03
N ASP D 252 -13.94 -0.45 29.17
CA ASP D 252 -14.98 0.57 29.27
C ASP D 252 -15.44 0.66 30.72
N MET D 253 -15.02 1.72 31.39
CA MET D 253 -15.56 2.05 32.70
C MET D 253 -16.20 3.43 32.62
N PRO D 254 -17.53 3.54 32.68
CA PRO D 254 -18.15 4.87 32.57
C PRO D 254 -17.81 5.72 33.78
N ILE D 255 -17.34 6.94 33.51
CA ILE D 255 -16.96 7.84 34.59
C ILE D 255 -18.18 8.46 35.24
N GLY D 256 -19.08 9.03 34.44
CA GLY D 256 -20.25 9.69 34.98
C GLY D 256 -21.33 8.80 35.55
N ARG D 257 -21.82 7.86 34.74
CA ARG D 257 -23.05 7.14 35.05
C ARG D 257 -22.97 5.71 34.58
N ASN D 258 -23.42 4.79 35.43
CA ASN D 258 -23.49 3.37 35.09
C ASN D 258 -24.86 2.84 35.45
N VAL D 259 -25.53 2.21 34.49
CA VAL D 259 -26.84 1.62 34.68
C VAL D 259 -26.72 0.12 34.47
N LEU D 260 -27.39 -0.64 35.33
CA LEU D 260 -27.37 -2.10 35.28
C LEU D 260 -28.70 -2.59 34.69
N GLU D 261 -28.64 -3.17 33.49
CA GLU D 261 -29.80 -3.71 32.82
C GLU D 261 -29.74 -5.23 32.92
N LEU D 262 -30.68 -5.82 33.65
CA LEU D 262 -30.61 -7.24 33.98
C LEU D 262 -31.38 -8.08 32.96
N ASN D 263 -30.86 -9.27 32.67
CA ASN D 263 -31.41 -10.15 31.64
C ASN D 263 -32.00 -11.40 32.28
N ASP D 264 -33.33 -11.49 32.29
CA ASP D 264 -34.10 -12.71 32.52
C ASP D 264 -33.59 -13.52 33.72
N VAL D 265 -33.13 -12.83 34.76
CA VAL D 265 -32.67 -13.54 35.95
C VAL D 265 -33.89 -13.91 36.79
N ARG D 266 -34.11 -15.21 36.97
CA ARG D 266 -35.23 -15.70 37.76
C ARG D 266 -34.85 -16.10 39.17
N GLN D 267 -33.58 -16.03 39.54
CA GLN D 267 -33.16 -16.25 40.91
C GLN D 267 -32.87 -14.91 41.57
N SER D 268 -32.52 -14.95 42.86
CA SER D 268 -32.38 -13.75 43.66
C SER D 268 -30.91 -13.56 44.08
N ALA D 269 -30.45 -12.31 44.00
CA ALA D 269 -29.11 -11.95 44.43
C ALA D 269 -29.07 -10.47 44.76
N ASN D 270 -28.10 -10.08 45.56
CA ASN D 270 -27.88 -8.67 45.91
C ASN D 270 -26.79 -8.10 45.01
N TYR D 271 -27.08 -6.98 44.35
CA TYR D 271 -26.15 -6.36 43.43
C TYR D 271 -25.46 -5.18 44.09
N THR D 272 -24.21 -4.94 43.70
CA THR D 272 -23.39 -3.89 44.31
C THR D 272 -22.92 -2.92 43.23
N CYS D 273 -23.15 -1.63 43.46
CA CYS D 273 -22.60 -0.59 42.61
C CYS D 273 -21.40 0.04 43.32
N VAL D 274 -20.33 0.26 42.55
CA VAL D 274 -19.04 0.68 43.09
C VAL D 274 -18.58 1.93 42.35
N ALA D 275 -18.03 2.89 43.10
CA ALA D 275 -17.41 4.09 42.54
C ALA D 275 -16.02 4.19 43.12
N MET D 276 -15.01 4.26 42.25
CA MET D 276 -13.61 4.22 42.63
C MET D 276 -12.91 5.49 42.18
N SER D 277 -12.11 6.08 43.07
CA SER D 277 -11.27 7.21 42.73
C SER D 277 -9.98 7.11 43.53
N THR D 278 -8.99 7.93 43.13
CA THR D 278 -7.76 8.01 43.89
C THR D 278 -8.00 8.48 45.32
N LEU D 279 -9.17 9.06 45.59
CA LEU D 279 -9.59 9.50 46.91
C LEU D 279 -10.31 8.41 47.69
N GLY D 280 -10.28 7.19 47.19
CA GLY D 280 -10.91 6.05 47.84
C GLY D 280 -12.13 5.54 47.07
N VAL D 281 -12.75 4.53 47.67
CA VAL D 281 -13.80 3.75 47.03
C VAL D 281 -15.05 3.80 47.89
N ILE D 282 -16.21 3.89 47.24
CA ILE D 282 -17.49 3.81 47.92
C ILE D 282 -18.35 2.78 47.17
N GLU D 283 -19.12 2.00 47.92
CA GLU D 283 -19.96 0.98 47.31
C GLU D 283 -21.31 0.96 48.01
N ALA D 284 -22.38 0.91 47.20
CA ALA D 284 -23.74 0.86 47.71
C ALA D 284 -24.45 -0.37 47.15
N ILE D 285 -25.54 -0.76 47.81
CA ILE D 285 -26.22 -2.01 47.55
C ILE D 285 -27.56 -1.71 46.85
N ALA D 286 -27.79 -2.40 45.75
CA ALA D 286 -29.10 -2.44 45.09
C ALA D 286 -29.67 -3.84 45.25
N GLN D 287 -30.91 -3.91 45.73
CA GLN D 287 -31.56 -5.18 46.03
C GLN D 287 -32.59 -5.50 44.96
N ILE D 288 -32.47 -6.68 44.37
CA ILE D 288 -33.43 -7.23 43.42
C ILE D 288 -33.93 -8.54 44.01
N THR D 289 -35.22 -8.60 44.32
CA THR D 289 -35.83 -9.79 44.91
C THR D 289 -36.87 -10.33 43.94
N VAL D 290 -36.73 -11.60 43.56
CA VAL D 290 -37.65 -12.25 42.63
C VAL D 290 -38.69 -13.03 43.42
N LYS D 291 -39.93 -12.95 42.99
CA LYS D 291 -41.02 -13.69 43.63
C LYS D 291 -41.48 -14.84 42.74
#